data_1C66
# 
_entry.id   1C66 
# 
_audit_conform.dict_name       mmcif_pdbx.dic 
_audit_conform.dict_version    5.375 
_audit_conform.dict_location   http://mmcif.pdb.org/dictionaries/ascii/mmcif_pdbx.dic 
# 
loop_
_database_2.database_id 
_database_2.database_code 
_database_2.pdbx_database_accession 
_database_2.pdbx_DOI 
PDB   1C66         pdb_00001c66 10.2210/pdb1c66/pdb 
RCSB  RCSB001386   ?            ?                   
WWPDB D_1000001386 ?            ?                   
# 
_pdbx_database_status.status_code                     REL 
_pdbx_database_status.entry_id                        1C66 
_pdbx_database_status.recvd_initial_deposition_date   1999-12-21 
_pdbx_database_status.deposit_site                    BNL 
_pdbx_database_status.process_site                    RCSB 
_pdbx_database_status.status_code_sf                  REL 
_pdbx_database_status.SG_entry                        . 
_pdbx_database_status.pdb_format_compatible           Y 
_pdbx_database_status.status_code_mr                  ? 
_pdbx_database_status.status_code_cs                  ? 
_pdbx_database_status.status_code_nmr_data            ? 
_pdbx_database_status.methods_development_category    ? 
# 
loop_
_audit_author.name 
_audit_author.pdbx_ordinal 
'Quillin, M.L.'  1 
'Matthews, B.W.' 2 
# 
loop_
_citation.id 
_citation.title 
_citation.journal_abbrev 
_citation.journal_volume 
_citation.page_first 
_citation.page_last 
_citation.year 
_citation.journal_id_ASTM 
_citation.country 
_citation.journal_id_ISSN 
_citation.journal_id_CSD 
_citation.book_publisher 
_citation.pdbx_database_id_PubMed 
_citation.pdbx_database_id_DOI 
primary 
'Size versus polarizability in protein-ligand interactions: binding of noble gases within engineered cavities in phage T4 lysozyme.' 
J.Mol.Biol.    302 955 977 2000 JMOBAK UK 0022-2836 0070 ? 10993735 10.1006/jmbi.2000.4063 
1       'The Response of T4 Lysozyme to Large-to-Small Substitutions within the Core and its Relation to the Hydrophobic Effect' 
'Protein Sci.' 7   158 ?   1998 PRCIEI US 0961-8368 0795 ? ?        ?                      
2       'Structure of Bacteriophage T4 Lysozyme Refined at 1.7 A Resolution' J.Mol.Biol.    193 189 ?   1987 JMOBAK UK 0022-2836 
0070 ? ?        ?                      
# 
loop_
_citation_author.citation_id 
_citation_author.name 
_citation_author.ordinal 
_citation_author.identifier_ORCID 
primary 'Quillin, M.L.'  1  ? 
primary 'Breyer, W.A.'   2  ? 
primary 'Griswold, I.J.' 3  ? 
primary 'Matthews, B.W.' 4  ? 
1       'Xu, J.'         5  ? 
1       'Baase, W.A.'    6  ? 
1       'Baldwin, E.P.'  7  ? 
1       'Matthews, B.W.' 8  ? 
2       'Weaver, L.H.'   9  ? 
2       'Matthews, B.W.' 10 ? 
# 
_cell.entry_id           1C66 
_cell.length_a           61.069 
_cell.length_b           61.069 
_cell.length_c           96.327 
_cell.angle_alpha        90.00 
_cell.angle_beta         90.00 
_cell.angle_gamma        120.00 
_cell.Z_PDB              6 
_cell.pdbx_unique_axis   ? 
# 
_symmetry.entry_id                         1C66 
_symmetry.space_group_name_H-M             'P 32 2 1' 
_symmetry.pdbx_full_space_group_name_H-M   ? 
_symmetry.cell_setting                     ? 
_symmetry.Int_Tables_number                154 
# 
loop_
_entity.id 
_entity.type 
_entity.src_method 
_entity.pdbx_description 
_entity.formula_weight 
_entity.pdbx_number_of_molecules 
_entity.pdbx_ec 
_entity.pdbx_mutation 
_entity.pdbx_fragment 
_entity.details 
1 polymer     man 'PROTEIN (LYSOZYME)' 18544.203 1  3.2.1.17 YES ? ? 
2 non-polymer syn 'CHLORIDE ION'       35.453    2  ?        ?   ? ? 
3 non-polymer syn ARGON                39.948    2  ?        ?   ? ? 
4 non-polymer syn BETA-MERCAPTOETHANOL 78.133    2  ?        ?   ? ? 
5 water       nat water                18.015    74 ?        ?   ? ? 
# 
_entity_poly.entity_id                      1 
_entity_poly.type                           'polypeptide(L)' 
_entity_poly.nstd_linkage                   no 
_entity_poly.nstd_monomer                   no 
_entity_poly.pdbx_seq_one_letter_code       
;MNIFEMLRIDEGLRLKIYKDTEGYYTIGIGHLLTKSPSLNAAKSELDKAIGRNTNGVITKDEAEKLFNQDVDAAVRGILR
NAKLKPVYDSLDAVRRAALINMVFQMGETGVAGFTNSLRMAQQKRWDEAAVNAAKSRWYNQTPNRAKRVITTFRTGTWDA
YKNL
;
_entity_poly.pdbx_seq_one_letter_code_can   
;MNIFEMLRIDEGLRLKIYKDTEGYYTIGIGHLLTKSPSLNAAKSELDKAIGRNTNGVITKDEAEKLFNQDVDAAVRGILR
NAKLKPVYDSLDAVRRAALINMVFQMGETGVAGFTNSLRMAQQKRWDEAAVNAAKSRWYNQTPNRAKRVITTFRTGTWDA
YKNL
;
_entity_poly.pdbx_strand_id                 A 
_entity_poly.pdbx_target_identifier         ? 
# 
loop_
_entity_poly_seq.entity_id 
_entity_poly_seq.num 
_entity_poly_seq.mon_id 
_entity_poly_seq.hetero 
1 1   MET n 
1 2   ASN n 
1 3   ILE n 
1 4   PHE n 
1 5   GLU n 
1 6   MET n 
1 7   LEU n 
1 8   ARG n 
1 9   ILE n 
1 10  ASP n 
1 11  GLU n 
1 12  GLY n 
1 13  LEU n 
1 14  ARG n 
1 15  LEU n 
1 16  LYS n 
1 17  ILE n 
1 18  TYR n 
1 19  LYS n 
1 20  ASP n 
1 21  THR n 
1 22  GLU n 
1 23  GLY n 
1 24  TYR n 
1 25  TYR n 
1 26  THR n 
1 27  ILE n 
1 28  GLY n 
1 29  ILE n 
1 30  GLY n 
1 31  HIS n 
1 32  LEU n 
1 33  LEU n 
1 34  THR n 
1 35  LYS n 
1 36  SER n 
1 37  PRO n 
1 38  SER n 
1 39  LEU n 
1 40  ASN n 
1 41  ALA n 
1 42  ALA n 
1 43  LYS n 
1 44  SER n 
1 45  GLU n 
1 46  LEU n 
1 47  ASP n 
1 48  LYS n 
1 49  ALA n 
1 50  ILE n 
1 51  GLY n 
1 52  ARG n 
1 53  ASN n 
1 54  THR n 
1 55  ASN n 
1 56  GLY n 
1 57  VAL n 
1 58  ILE n 
1 59  THR n 
1 60  LYS n 
1 61  ASP n 
1 62  GLU n 
1 63  ALA n 
1 64  GLU n 
1 65  LYS n 
1 66  LEU n 
1 67  PHE n 
1 68  ASN n 
1 69  GLN n 
1 70  ASP n 
1 71  VAL n 
1 72  ASP n 
1 73  ALA n 
1 74  ALA n 
1 75  VAL n 
1 76  ARG n 
1 77  GLY n 
1 78  ILE n 
1 79  LEU n 
1 80  ARG n 
1 81  ASN n 
1 82  ALA n 
1 83  LYS n 
1 84  LEU n 
1 85  LYS n 
1 86  PRO n 
1 87  VAL n 
1 88  TYR n 
1 89  ASP n 
1 90  SER n 
1 91  LEU n 
1 92  ASP n 
1 93  ALA n 
1 94  VAL n 
1 95  ARG n 
1 96  ARG n 
1 97  ALA n 
1 98  ALA n 
1 99  LEU n 
1 100 ILE n 
1 101 ASN n 
1 102 MET n 
1 103 VAL n 
1 104 PHE n 
1 105 GLN n 
1 106 MET n 
1 107 GLY n 
1 108 GLU n 
1 109 THR n 
1 110 GLY n 
1 111 VAL n 
1 112 ALA n 
1 113 GLY n 
1 114 PHE n 
1 115 THR n 
1 116 ASN n 
1 117 SER n 
1 118 LEU n 
1 119 ARG n 
1 120 MET n 
1 121 ALA n 
1 122 GLN n 
1 123 GLN n 
1 124 LYS n 
1 125 ARG n 
1 126 TRP n 
1 127 ASP n 
1 128 GLU n 
1 129 ALA n 
1 130 ALA n 
1 131 VAL n 
1 132 ASN n 
1 133 ALA n 
1 134 ALA n 
1 135 LYS n 
1 136 SER n 
1 137 ARG n 
1 138 TRP n 
1 139 TYR n 
1 140 ASN n 
1 141 GLN n 
1 142 THR n 
1 143 PRO n 
1 144 ASN n 
1 145 ARG n 
1 146 ALA n 
1 147 LYS n 
1 148 ARG n 
1 149 VAL n 
1 150 ILE n 
1 151 THR n 
1 152 THR n 
1 153 PHE n 
1 154 ARG n 
1 155 THR n 
1 156 GLY n 
1 157 THR n 
1 158 TRP n 
1 159 ASP n 
1 160 ALA n 
1 161 TYR n 
1 162 LYS n 
1 163 ASN n 
1 164 LEU n 
# 
_entity_src_gen.entity_id                          1 
_entity_src_gen.pdbx_src_id                        1 
_entity_src_gen.pdbx_alt_source_flag               sample 
_entity_src_gen.pdbx_seq_type                      ? 
_entity_src_gen.pdbx_beg_seq_num                   ? 
_entity_src_gen.pdbx_end_seq_num                   ? 
_entity_src_gen.gene_src_common_name               ? 
_entity_src_gen.gene_src_genus                     'T4-like viruses' 
_entity_src_gen.pdbx_gene_src_gene                 'GENE E' 
_entity_src_gen.gene_src_species                   'Enterobacteria phage T4 sensu lato' 
_entity_src_gen.gene_src_strain                    ? 
_entity_src_gen.gene_src_tissue                    ? 
_entity_src_gen.gene_src_tissue_fraction           ? 
_entity_src_gen.gene_src_details                   ? 
_entity_src_gen.pdbx_gene_src_fragment             ? 
_entity_src_gen.pdbx_gene_src_scientific_name      'Enterobacteria phage T4' 
_entity_src_gen.pdbx_gene_src_ncbi_taxonomy_id     10665 
_entity_src_gen.pdbx_gene_src_variant              ? 
_entity_src_gen.pdbx_gene_src_cell_line            ? 
_entity_src_gen.pdbx_gene_src_atcc                 ? 
_entity_src_gen.pdbx_gene_src_organ                ? 
_entity_src_gen.pdbx_gene_src_organelle            ? 
_entity_src_gen.pdbx_gene_src_cell                 ? 
_entity_src_gen.pdbx_gene_src_cellular_location    ? 
_entity_src_gen.host_org_common_name               ? 
_entity_src_gen.pdbx_host_org_scientific_name      'Escherichia coli' 
_entity_src_gen.pdbx_host_org_ncbi_taxonomy_id     562 
_entity_src_gen.host_org_genus                     Escherichia 
_entity_src_gen.pdbx_host_org_gene                 ? 
_entity_src_gen.pdbx_host_org_organ                ? 
_entity_src_gen.host_org_species                   ? 
_entity_src_gen.pdbx_host_org_tissue               ? 
_entity_src_gen.pdbx_host_org_tissue_fraction      ? 
_entity_src_gen.pdbx_host_org_strain               ? 
_entity_src_gen.pdbx_host_org_variant              ? 
_entity_src_gen.pdbx_host_org_cell_line            ? 
_entity_src_gen.pdbx_host_org_atcc                 ? 
_entity_src_gen.pdbx_host_org_culture_collection   ? 
_entity_src_gen.pdbx_host_org_cell                 ? 
_entity_src_gen.pdbx_host_org_organelle            ? 
_entity_src_gen.pdbx_host_org_cellular_location    ? 
_entity_src_gen.pdbx_host_org_vector_type          ? 
_entity_src_gen.pdbx_host_org_vector               ? 
_entity_src_gen.host_org_details                   ? 
_entity_src_gen.expression_system_id               ? 
_entity_src_gen.plasmid_name                       PHS1403 
_entity_src_gen.plasmid_details                    ? 
_entity_src_gen.pdbx_description                   ? 
# 
_struct_ref.id                         1 
_struct_ref.db_name                    UNP 
_struct_ref.db_code                    LYCV_BPT4 
_struct_ref.entity_id                  1 
_struct_ref.pdbx_seq_one_letter_code   ? 
_struct_ref.pdbx_align_begin           ? 
_struct_ref.pdbx_db_accession          P00720 
_struct_ref.pdbx_db_isoform            ? 
# 
_struct_ref_seq.align_id                      1 
_struct_ref_seq.ref_id                        1 
_struct_ref_seq.pdbx_PDB_id_code              1C66 
_struct_ref_seq.pdbx_strand_id                A 
_struct_ref_seq.seq_align_beg                 1 
_struct_ref_seq.pdbx_seq_align_beg_ins_code   ? 
_struct_ref_seq.seq_align_end                 164 
_struct_ref_seq.pdbx_seq_align_end_ins_code   ? 
_struct_ref_seq.pdbx_db_accession             P00720 
_struct_ref_seq.db_align_beg                  1 
_struct_ref_seq.pdbx_db_align_beg_ins_code    ? 
_struct_ref_seq.db_align_end                  164 
_struct_ref_seq.pdbx_db_align_end_ins_code    ? 
_struct_ref_seq.pdbx_auth_seq_align_beg       1 
_struct_ref_seq.pdbx_auth_seq_align_end       164 
# 
loop_
_struct_ref_seq_dif.align_id 
_struct_ref_seq_dif.pdbx_pdb_id_code 
_struct_ref_seq_dif.mon_id 
_struct_ref_seq_dif.pdbx_pdb_strand_id 
_struct_ref_seq_dif.seq_num 
_struct_ref_seq_dif.pdbx_pdb_ins_code 
_struct_ref_seq_dif.pdbx_seq_db_name 
_struct_ref_seq_dif.pdbx_seq_db_accession_code 
_struct_ref_seq_dif.db_mon_id 
_struct_ref_seq_dif.pdbx_seq_db_seq_num 
_struct_ref_seq_dif.details 
_struct_ref_seq_dif.pdbx_auth_seq_num 
_struct_ref_seq_dif.pdbx_ordinal 
1 1C66 THR A 54  ? UNP P00720 CYS 54  'engineered mutation' 54  1 
1 1C66 ALA A 97  ? UNP P00720 CYS 97  'engineered mutation' 97  2 
1 1C66 ALA A 121 ? UNP P00720 LEU 121 'engineered mutation' 121 3 
1 1C66 ALA A 133 ? UNP P00720 LEU 133 'engineered mutation' 133 4 
# 
loop_
_chem_comp.id 
_chem_comp.type 
_chem_comp.mon_nstd_flag 
_chem_comp.name 
_chem_comp.pdbx_synonyms 
_chem_comp.formula 
_chem_comp.formula_weight 
ALA 'L-peptide linking' y ALANINE              ? 'C3 H7 N O2'     89.093  
AR  non-polymer         . ARGON                ? Ar               39.948  
ARG 'L-peptide linking' y ARGININE             ? 'C6 H15 N4 O2 1' 175.209 
ASN 'L-peptide linking' y ASPARAGINE           ? 'C4 H8 N2 O3'    132.118 
ASP 'L-peptide linking' y 'ASPARTIC ACID'      ? 'C4 H7 N O4'     133.103 
BME non-polymer         . BETA-MERCAPTOETHANOL ? 'C2 H6 O S'      78.133  
CL  non-polymer         . 'CHLORIDE ION'       ? 'Cl -1'          35.453  
CYS 'L-peptide linking' y CYSTEINE             ? 'C3 H7 N O2 S'   121.158 
GLN 'L-peptide linking' y GLUTAMINE            ? 'C5 H10 N2 O3'   146.144 
GLU 'L-peptide linking' y 'GLUTAMIC ACID'      ? 'C5 H9 N O4'     147.129 
GLY 'peptide linking'   y GLYCINE              ? 'C2 H5 N O2'     75.067  
HIS 'L-peptide linking' y HISTIDINE            ? 'C6 H10 N3 O2 1' 156.162 
HOH non-polymer         . WATER                ? 'H2 O'           18.015  
ILE 'L-peptide linking' y ISOLEUCINE           ? 'C6 H13 N O2'    131.173 
LEU 'L-peptide linking' y LEUCINE              ? 'C6 H13 N O2'    131.173 
LYS 'L-peptide linking' y LYSINE               ? 'C6 H15 N2 O2 1' 147.195 
MET 'L-peptide linking' y METHIONINE           ? 'C5 H11 N O2 S'  149.211 
PHE 'L-peptide linking' y PHENYLALANINE        ? 'C9 H11 N O2'    165.189 
PRO 'L-peptide linking' y PROLINE              ? 'C5 H9 N O2'     115.130 
SER 'L-peptide linking' y SERINE               ? 'C3 H7 N O3'     105.093 
THR 'L-peptide linking' y THREONINE            ? 'C4 H9 N O3'     119.119 
TRP 'L-peptide linking' y TRYPTOPHAN           ? 'C11 H12 N2 O2'  204.225 
TYR 'L-peptide linking' y TYROSINE             ? 'C9 H11 N O3'    181.189 
VAL 'L-peptide linking' y VALINE               ? 'C5 H11 N O2'    117.146 
# 
_exptl.entry_id          1C66 
_exptl.method            'X-RAY DIFFRACTION' 
_exptl.crystals_number   1 
# 
_exptl_crystal.id                    1 
_exptl_crystal.density_meas          ? 
_exptl_crystal.density_Matthews      2.80 
_exptl_crystal.density_percent_sol   56.0 
_exptl_crystal.description           ? 
# 
_exptl_crystal_grow.crystal_id      1 
_exptl_crystal_grow.method          ? 
_exptl_crystal_grow.temp            ? 
_exptl_crystal_grow.temp_details    ? 
_exptl_crystal_grow.pH              ? 
_exptl_crystal_grow.pdbx_details    
'1.8-2.2 M NAH2/K2HPO4, PH 6.9-7.1, 50 MM BETA-MERCAPTOETHANOL AND/OR 50 MM HYDROXYETHYL DISULFIDE' 
_exptl_crystal_grow.pdbx_pH_range   6.9-7 
# 
_diffrn.id                     1 
_diffrn.ambient_temp           273.0 
_diffrn.ambient_temp_details   ? 
_diffrn.crystal_id             1 
# 
_diffrn_detector.diffrn_id              1 
_diffrn_detector.detector               'IMAGE PLATE' 
_diffrn_detector.type                   'RIGAKU RAXIS IIC' 
_diffrn_detector.pdbx_collection_date   1999-03-10 
_diffrn_detector.details                ? 
# 
_diffrn_radiation.diffrn_id                        1 
_diffrn_radiation.wavelength_id                    1 
_diffrn_radiation.pdbx_monochromatic_or_laue_m_l   M 
_diffrn_radiation.monochromator                    GRAPHITE 
_diffrn_radiation.pdbx_diffrn_protocol             'SINGLE WAVELENGTH' 
_diffrn_radiation.pdbx_scattering_type             x-ray 
# 
_diffrn_radiation_wavelength.id           1 
_diffrn_radiation_wavelength.wavelength   1.5418 
_diffrn_radiation_wavelength.wt           1.0 
# 
_diffrn_source.diffrn_id                   1 
_diffrn_source.source                      'ROTATING ANODE' 
_diffrn_source.type                        'RIGAKU RU200' 
_diffrn_source.pdbx_synchrotron_site       ? 
_diffrn_source.pdbx_synchrotron_beamline   ? 
_diffrn_source.pdbx_wavelength             1.5418 
_diffrn_source.pdbx_wavelength_list        ? 
# 
_reflns.entry_id                     1C66 
_reflns.observed_criterion_sigma_I   0.000 
_reflns.observed_criterion_sigma_F   ? 
_reflns.d_resolution_low             60.0 
_reflns.d_resolution_high            2.10 
_reflns.number_obs                   12583 
_reflns.number_all                   ? 
_reflns.percent_possible_obs         99.4 
_reflns.pdbx_Rmerge_I_obs            0.0500000 
_reflns.pdbx_Rsym_value              ? 
_reflns.pdbx_netI_over_sigmaI        9.8 
_reflns.B_iso_Wilson_estimate        ? 
_reflns.pdbx_redundancy              3.42 
_reflns.R_free_details               ? 
_reflns.limit_h_max                  ? 
_reflns.limit_h_min                  ? 
_reflns.limit_k_max                  ? 
_reflns.limit_k_min                  ? 
_reflns.limit_l_max                  ? 
_reflns.limit_l_min                  ? 
_reflns.observed_criterion_F_max     ? 
_reflns.observed_criterion_F_min     ? 
_reflns.pdbx_diffrn_id               1 
_reflns.pdbx_ordinal                 1 
# 
_reflns_shell.d_res_high             2.10 
_reflns_shell.d_res_low              2.14 
_reflns_shell.percent_possible_all   99.8 
_reflns_shell.Rmerge_I_obs           0.2640000 
_reflns_shell.pdbx_Rsym_value        ? 
_reflns_shell.meanI_over_sigI_obs    ? 
_reflns_shell.pdbx_redundancy        ? 
_reflns_shell.percent_possible_obs   ? 
_reflns_shell.number_unique_all      ? 
_reflns_shell.pdbx_diffrn_id         ? 
_reflns_shell.pdbx_ordinal           1 
# 
_refine.entry_id                                 1C66 
_refine.ls_number_reflns_obs                     12554 
_refine.ls_number_reflns_all                     12554 
_refine.pdbx_ls_sigma_I                          ? 
_refine.pdbx_ls_sigma_F                          0.000 
_refine.pdbx_data_cutoff_high_absF               ? 
_refine.pdbx_data_cutoff_low_absF                ? 
_refine.pdbx_data_cutoff_high_rms_absF           ? 
_refine.ls_d_res_low                             60.0 
_refine.ls_d_res_high                            2.10 
_refine.ls_percent_reflns_obs                    99.4 
_refine.ls_R_factor_obs                          ? 
_refine.ls_R_factor_all                          0.1960000 
_refine.ls_R_factor_R_work                       ? 
_refine.ls_R_factor_R_free                       ? 
_refine.ls_R_factor_R_free_error                 ? 
_refine.ls_R_factor_R_free_error_details         ? 
_refine.ls_percent_reflns_R_free                 ? 
_refine.ls_number_reflns_R_free                  ? 
_refine.ls_number_parameters                     ? 
_refine.ls_number_restraints                     ? 
_refine.occupancy_min                            ? 
_refine.occupancy_max                            ? 
_refine.B_iso_mean                               ? 
_refine.aniso_B[1][1]                            ? 
_refine.aniso_B[2][2]                            ? 
_refine.aniso_B[3][3]                            ? 
_refine.aniso_B[1][2]                            ? 
_refine.aniso_B[1][3]                            ? 
_refine.aniso_B[2][3]                            ? 
_refine.solvent_model_details                    'MOEWS AND KRETSINGER' 
_refine.solvent_model_param_ksol                 1.023 
_refine.solvent_model_param_bsol                 368.9 
_refine.pdbx_ls_cross_valid_method               ? 
_refine.details                                  ? 
_refine.pdbx_starting_model                      251L 
_refine.pdbx_method_to_determine_struct          ? 
_refine.pdbx_isotropic_thermal_model             'TNT BCORREL' 
_refine.pdbx_stereochemistry_target_values       'TNT PROTGEO' 
_refine.pdbx_stereochem_target_val_spec_case     ? 
_refine.pdbx_R_Free_selection_details            ? 
_refine.pdbx_overall_ESU_R                       ? 
_refine.pdbx_overall_ESU_R_Free                  ? 
_refine.overall_SU_ML                            ? 
_refine.overall_SU_B                             ? 
_refine.ls_redundancy_reflns_obs                 ? 
_refine.B_iso_min                                ? 
_refine.B_iso_max                                ? 
_refine.pdbx_refine_id                           'X-RAY DIFFRACTION' 
_refine.pdbx_diffrn_id                           1 
_refine.pdbx_TLS_residual_ADP_flag               ? 
_refine.correlation_coeff_Fo_to_Fc               ? 
_refine.correlation_coeff_Fo_to_Fc_free          ? 
_refine.pdbx_solvent_vdw_probe_radii             ? 
_refine.pdbx_solvent_ion_probe_radii             ? 
_refine.pdbx_solvent_shrinkage_radii             ? 
_refine.pdbx_overall_phase_error                 ? 
_refine.overall_SU_R_Cruickshank_DPI             ? 
_refine.pdbx_overall_SU_R_free_Cruickshank_DPI   ? 
_refine.pdbx_overall_SU_R_Blow_DPI               ? 
_refine.pdbx_overall_SU_R_free_Blow_DPI          ? 
# 
_refine_hist.pdbx_refine_id                   'X-RAY DIFFRACTION' 
_refine_hist.cycle_id                         LAST 
_refine_hist.pdbx_number_atoms_protein        1286 
_refine_hist.pdbx_number_atoms_nucleic_acid   0 
_refine_hist.pdbx_number_atoms_ligand         12 
_refine_hist.number_atoms_solvent             74 
_refine_hist.number_atoms_total               1372 
_refine_hist.d_res_high                       2.10 
_refine_hist.d_res_low                        60.0 
# 
loop_
_refine_ls_restr.type 
_refine_ls_restr.dev_ideal 
_refine_ls_restr.dev_ideal_target 
_refine_ls_restr.weight 
_refine_ls_restr.number 
_refine_ls_restr.pdbx_refine_id 
_refine_ls_restr.pdbx_restraint_function 
t_bond_d           0.020 ? 0.800 1313 'X-RAY DIFFRACTION' ? 
t_angle_deg        3.032 ? 1.300 1762 'X-RAY DIFFRACTION' ? 
t_dihedral_angle_d 16.33 ? 0.000 800  'X-RAY DIFFRACTION' ? 
t_incorr_chiral_ct 0     ? ?     ?    'X-RAY DIFFRACTION' ? 
t_pseud_angle      ?     ? ?     ?    'X-RAY DIFFRACTION' ? 
t_trig_c_planes    0.013 ? 2.000 34   'X-RAY DIFFRACTION' ? 
t_gen_planes       0.015 ? 5.000 189  'X-RAY DIFFRACTION' ? 
t_it               4.045 ? 1.000 1313 'X-RAY DIFFRACTION' ? 
t_nbd              0.033 ? 10.00 19   'X-RAY DIFFRACTION' ? 
# 
_pdbx_refine.entry_id                                    1C66 
_pdbx_refine.R_factor_all_no_cutoff                      0.1960000 
_pdbx_refine.R_factor_obs_no_cutoff                      ? 
_pdbx_refine.free_R_factor_no_cutoff                     ? 
_pdbx_refine.free_R_val_test_set_size_perc_no_cutoff     ? 
_pdbx_refine.free_R_val_test_set_ct_no_cutoff            ? 
_pdbx_refine.R_factor_all_4sig_cutoff                    ? 
_pdbx_refine.R_factor_obs_4sig_cutoff                    ? 
_pdbx_refine.free_R_factor_4sig_cutoff                   ? 
_pdbx_refine.free_R_val_test_set_size_perc_4sig_cutoff   ? 
_pdbx_refine.free_R_val_test_set_ct_4sig_cutoff          ? 
_pdbx_refine.number_reflns_obs_4sig_cutoff               ? 
_pdbx_refine.number_reflns_obs_no_cutoff                 ? 
_pdbx_refine.pdbx_refine_id                              'X-RAY DIFFRACTION' 
_pdbx_refine.free_R_error_no_cutoff                      ? 
# 
_struct.entry_id                  1C66 
_struct.title                     'T4 LYSOZYME MUTANT C54T/C97A/L121A/L133A IN THE PRESENCE OF 8 ATM ARGON' 
_struct.pdbx_model_details        ? 
_struct.pdbx_CASP_flag            ? 
_struct.pdbx_model_type_details   ? 
# 
_struct_keywords.entry_id        1C66 
_struct_keywords.pdbx_keywords   HYDROLASE 
_struct_keywords.text            'HYDROLASE (O-GLYCOSYL), T4 LYSOZYME, NOBLE GAS BINDING, HYDROLASE' 
# 
loop_
_struct_asym.id 
_struct_asym.pdbx_blank_PDB_chainid_flag 
_struct_asym.pdbx_modified 
_struct_asym.entity_id 
_struct_asym.details 
A N N 1 ? 
B N N 2 ? 
C N N 2 ? 
D N N 3 ? 
E N N 3 ? 
F N N 4 ? 
G N N 4 ? 
H N N 5 ? 
# 
_struct_biol.id   1 
# 
loop_
_struct_conf.conf_type_id 
_struct_conf.id 
_struct_conf.pdbx_PDB_helix_id 
_struct_conf.beg_label_comp_id 
_struct_conf.beg_label_asym_id 
_struct_conf.beg_label_seq_id 
_struct_conf.pdbx_beg_PDB_ins_code 
_struct_conf.end_label_comp_id 
_struct_conf.end_label_asym_id 
_struct_conf.end_label_seq_id 
_struct_conf.pdbx_end_PDB_ins_code 
_struct_conf.beg_auth_comp_id 
_struct_conf.beg_auth_asym_id 
_struct_conf.beg_auth_seq_id 
_struct_conf.end_auth_comp_id 
_struct_conf.end_auth_asym_id 
_struct_conf.end_auth_seq_id 
_struct_conf.pdbx_PDB_helix_class 
_struct_conf.details 
_struct_conf.pdbx_PDB_helix_length 
HELX_P HELX_P1  1  ASN A 2   ? GLY A 12  ? ASN A 2   GLY A 12  1 ? 11 
HELX_P HELX_P2  2  SER A 38  ? GLY A 51  ? SER A 38  GLY A 51  1 ? 14 
HELX_P HELX_P3  3  THR A 59  ? ASN A 81  ? THR A 59  ASN A 81  1 ? 23 
HELX_P HELX_P4  4  LYS A 83  ? LEU A 91  ? LYS A 83  LEU A 91  1 ? 9  
HELX_P HELX_P5  5  ASP A 92  ? GLY A 107 ? ASP A 92  GLY A 107 1 ? 16 
HELX_P HELX_P6  6  MET A 106 ? GLY A 113 ? MET A 106 GLY A 113 1 ? 8  
HELX_P HELX_P7  7  PHE A 114 ? GLN A 123 ? PHE A 114 GLN A 123 1 ? 10 
HELX_P HELX_P8  8  ARG A 125 ? LYS A 135 ? ARG A 125 LYS A 135 1 ? 11 
HELX_P HELX_P9  9  SER A 136 ? THR A 142 ? SER A 136 THR A 142 1 ? 7  
HELX_P HELX_P10 10 THR A 142 ? GLY A 156 ? THR A 142 GLY A 156 1 ? 15 
HELX_P HELX_P11 11 TRP A 158 ? LYS A 162 ? TRP A 158 LYS A 162 5 ? 5  
# 
_struct_conf_type.id          HELX_P 
_struct_conf_type.criteria    ? 
_struct_conf_type.reference   ? 
# 
_struct_conn.id                            covale1 
_struct_conn.conn_type_id                  covale 
_struct_conn.pdbx_leaving_atom_flag        none 
_struct_conn.pdbx_PDB_id                   ? 
_struct_conn.ptnr1_label_asym_id           F 
_struct_conn.ptnr1_label_comp_id           BME 
_struct_conn.ptnr1_label_seq_id            . 
_struct_conn.ptnr1_label_atom_id           S2 
_struct_conn.pdbx_ptnr1_label_alt_id       ? 
_struct_conn.pdbx_ptnr1_PDB_ins_code       ? 
_struct_conn.pdbx_ptnr1_standard_comp_id   ? 
_struct_conn.ptnr1_symmetry                1_555 
_struct_conn.ptnr2_label_asym_id           G 
_struct_conn.ptnr2_label_comp_id           BME 
_struct_conn.ptnr2_label_seq_id            . 
_struct_conn.ptnr2_label_atom_id           S2 
_struct_conn.pdbx_ptnr2_label_alt_id       ? 
_struct_conn.pdbx_ptnr2_PDB_ins_code       ? 
_struct_conn.ptnr1_auth_asym_id            A 
_struct_conn.ptnr1_auth_comp_id            BME 
_struct_conn.ptnr1_auth_seq_id             901 
_struct_conn.ptnr2_auth_asym_id            A 
_struct_conn.ptnr2_auth_comp_id            BME 
_struct_conn.ptnr2_auth_seq_id             902 
_struct_conn.ptnr2_symmetry                1_555 
_struct_conn.pdbx_ptnr3_label_atom_id      ? 
_struct_conn.pdbx_ptnr3_label_seq_id       ? 
_struct_conn.pdbx_ptnr3_label_comp_id      ? 
_struct_conn.pdbx_ptnr3_label_asym_id      ? 
_struct_conn.pdbx_ptnr3_label_alt_id       ? 
_struct_conn.pdbx_ptnr3_PDB_ins_code       ? 
_struct_conn.details                       ? 
_struct_conn.pdbx_dist_value               2.019 
_struct_conn.pdbx_value_order              ? 
_struct_conn.pdbx_role                     ? 
# 
_struct_conn_type.id          covale 
_struct_conn_type.criteria    ? 
_struct_conn_type.reference   ? 
# 
_struct_sheet.id               A 
_struct_sheet.type             ? 
_struct_sheet.number_strands   3 
_struct_sheet.details          ? 
# 
loop_
_struct_sheet_order.sheet_id 
_struct_sheet_order.range_id_1 
_struct_sheet_order.range_id_2 
_struct_sheet_order.offset 
_struct_sheet_order.sense 
A 1 2 ? anti-parallel 
A 2 3 ? anti-parallel 
# 
loop_
_struct_sheet_range.sheet_id 
_struct_sheet_range.id 
_struct_sheet_range.beg_label_comp_id 
_struct_sheet_range.beg_label_asym_id 
_struct_sheet_range.beg_label_seq_id 
_struct_sheet_range.pdbx_beg_PDB_ins_code 
_struct_sheet_range.end_label_comp_id 
_struct_sheet_range.end_label_asym_id 
_struct_sheet_range.end_label_seq_id 
_struct_sheet_range.pdbx_end_PDB_ins_code 
_struct_sheet_range.beg_auth_comp_id 
_struct_sheet_range.beg_auth_asym_id 
_struct_sheet_range.beg_auth_seq_id 
_struct_sheet_range.end_auth_comp_id 
_struct_sheet_range.end_auth_asym_id 
_struct_sheet_range.end_auth_seq_id 
A 1 ARG A 14 ? LYS A 19 ? ARG A 14 LYS A 19 
A 2 TYR A 25 ? GLY A 28 ? TYR A 25 GLY A 28 
A 3 HIS A 31 ? THR A 34 ? HIS A 31 THR A 34 
# 
loop_
_pdbx_struct_sheet_hbond.sheet_id 
_pdbx_struct_sheet_hbond.range_id_1 
_pdbx_struct_sheet_hbond.range_id_2 
_pdbx_struct_sheet_hbond.range_1_label_atom_id 
_pdbx_struct_sheet_hbond.range_1_label_comp_id 
_pdbx_struct_sheet_hbond.range_1_label_asym_id 
_pdbx_struct_sheet_hbond.range_1_label_seq_id 
_pdbx_struct_sheet_hbond.range_1_PDB_ins_code 
_pdbx_struct_sheet_hbond.range_1_auth_atom_id 
_pdbx_struct_sheet_hbond.range_1_auth_comp_id 
_pdbx_struct_sheet_hbond.range_1_auth_asym_id 
_pdbx_struct_sheet_hbond.range_1_auth_seq_id 
_pdbx_struct_sheet_hbond.range_2_label_atom_id 
_pdbx_struct_sheet_hbond.range_2_label_comp_id 
_pdbx_struct_sheet_hbond.range_2_label_asym_id 
_pdbx_struct_sheet_hbond.range_2_label_seq_id 
_pdbx_struct_sheet_hbond.range_2_PDB_ins_code 
_pdbx_struct_sheet_hbond.range_2_auth_atom_id 
_pdbx_struct_sheet_hbond.range_2_auth_comp_id 
_pdbx_struct_sheet_hbond.range_2_auth_asym_id 
_pdbx_struct_sheet_hbond.range_2_auth_seq_id 
A 1 2 N TYR A 18 ? N TYR A 18 O THR A 26 ? O THR A 26 
A 2 3 O ILE A 27 ? O ILE A 27 N HIS A 31 ? N HIS A 31 
# 
loop_
_struct_site.id 
_struct_site.pdbx_evidence_code 
_struct_site.pdbx_auth_asym_id 
_struct_site.pdbx_auth_comp_id 
_struct_site.pdbx_auth_seq_id 
_struct_site.pdbx_auth_ins_code 
_struct_site.pdbx_num_residues 
_struct_site.details 
AC1 Software A CL  173 ? 2 'BINDING SITE FOR RESIDUE CL A 173'  
AC2 Software A CL  178 ? 3 'BINDING SITE FOR RESIDUE CL A 178'  
AC3 Software A AR  500 ? 2 'BINDING SITE FOR RESIDUE AR A 500'  
AC4 Software A AR  501 ? 3 'BINDING SITE FOR RESIDUE AR A 501'  
AC5 Software A BME 901 ? 3 'BINDING SITE FOR RESIDUE BME A 901' 
AC6 Software A BME 902 ? 3 'BINDING SITE FOR RESIDUE BME A 902' 
# 
loop_
_struct_site_gen.id 
_struct_site_gen.site_id 
_struct_site_gen.pdbx_num_res 
_struct_site_gen.label_comp_id 
_struct_site_gen.label_asym_id 
_struct_site_gen.label_seq_id 
_struct_site_gen.pdbx_auth_ins_code 
_struct_site_gen.auth_comp_id 
_struct_site_gen.auth_asym_id 
_struct_site_gen.auth_seq_id 
_struct_site_gen.label_atom_id 
_struct_site_gen.label_alt_id 
_struct_site_gen.symmetry 
_struct_site_gen.details 
1  AC1 2 ARG A 145 ? ARG A 145 . ? 1_555 ? 
2  AC1 2 HOH H .   ? HOH A 291 . ? 4_655 ? 
3  AC2 3 LYS A 135 ? LYS A 135 . ? 3_665 ? 
4  AC2 3 SER A 136 ? SER A 136 . ? 3_665 ? 
5  AC2 3 HOH H .   ? HOH A 215 . ? 1_555 ? 
6  AC3 2 PHE A 153 ? PHE A 153 . ? 1_555 ? 
7  AC3 2 AR  E .   ? AR  A 501 . ? 1_555 ? 
8  AC4 3 SER A 117 ? SER A 117 . ? 1_555 ? 
9  AC4 3 LEU A 118 ? LEU A 118 . ? 1_555 ? 
10 AC4 3 AR  D .   ? AR  A 500 . ? 1_555 ? 
11 AC5 3 ASP A 72  ? ASP A 72  . ? 5_555 ? 
12 AC5 3 BME G .   ? BME A 902 . ? 5_555 ? 
13 AC5 3 BME G .   ? BME A 902 . ? 1_555 ? 
14 AC6 3 ALA A 93  ? ALA A 93  . ? 1_555 ? 
15 AC6 3 BME F .   ? BME A 901 . ? 5_555 ? 
16 AC6 3 BME F .   ? BME A 901 . ? 1_555 ? 
# 
_atom_sites.entry_id                    1C66 
_atom_sites.fract_transf_matrix[1][1]   0.00607345 
_atom_sites.fract_transf_matrix[1][2]   -0.01788029 
_atom_sites.fract_transf_matrix[1][3]   0.00096290 
_atom_sites.fract_transf_matrix[2][1]   0.01498384 
_atom_sites.fract_transf_matrix[2][2]   -0.00545497 
_atom_sites.fract_transf_matrix[2][3]   -0.01016072 
_atom_sites.fract_transf_matrix[3][1]   0.00626743 
_atom_sites.fract_transf_matrix[3][2]   0.00255280 
_atom_sites.fract_transf_matrix[3][3]   0.00787195 
_atom_sites.fract_transf_vector[1]      0.677858 
_atom_sites.fract_transf_vector[2]      0.218933 
_atom_sites.fract_transf_vector[3]      0.100178 
# 
loop_
_atom_type.symbol 
AR 
C  
CL 
N  
O  
S  
# 
loop_
_atom_site.group_PDB 
_atom_site.id 
_atom_site.type_symbol 
_atom_site.label_atom_id 
_atom_site.label_alt_id 
_atom_site.label_comp_id 
_atom_site.label_asym_id 
_atom_site.label_entity_id 
_atom_site.label_seq_id 
_atom_site.pdbx_PDB_ins_code 
_atom_site.Cartn_x 
_atom_site.Cartn_y 
_atom_site.Cartn_z 
_atom_site.occupancy 
_atom_site.B_iso_or_equiv 
_atom_site.pdbx_formal_charge 
_atom_site.auth_seq_id 
_atom_site.auth_comp_id 
_atom_site.auth_asym_id 
_atom_site.auth_atom_id 
_atom_site.pdbx_PDB_model_num 
ATOM   1    N  N   . MET A 1 1   ? -12.935 -4.302  10.813  1.00 31.37  ? 1   MET A N   1 
ATOM   2    C  CA  . MET A 1 1   ? -11.844 -4.207  9.863   1.00 28.53  ? 1   MET A CA  1 
ATOM   3    C  C   . MET A 1 1   ? -11.408 -2.733  9.754   1.00 28.95  ? 1   MET A C   1 
ATOM   4    O  O   . MET A 1 1   ? -12.239 -1.860  9.916   1.00 25.58  ? 1   MET A O   1 
ATOM   5    C  CB  . MET A 1 1   ? -12.334 -4.940  8.563   1.00 33.43  ? 1   MET A CB  1 
ATOM   6    C  CG  . MET A 1 1   ? -11.465 -4.875  7.315   1.00 39.39  ? 1   MET A CG  1 
ATOM   7    S  SD  . MET A 1 1   ? -9.926  -5.811  7.444   1.00 42.02  ? 1   MET A SD  1 
ATOM   8    C  CE  . MET A 1 1   ? -10.688 -7.218  8.234   1.00 37.92  ? 1   MET A CE  1 
ATOM   9    N  N   . ASN A 1 2   ? -10.101 -2.474  9.562   1.00 19.55  ? 2   ASN A N   1 
ATOM   10   C  CA  . ASN A 1 2   ? -9.668  -1.138  9.407   1.00 17.19  ? 2   ASN A CA  1 
ATOM   11   C  C   . ASN A 1 2   ? -8.468  -1.218  8.540   1.00 19.67  ? 2   ASN A C   1 
ATOM   12   O  O   . ASN A 1 2   ? -8.021  -2.312  8.151   1.00 23.09  ? 2   ASN A O   1 
ATOM   13   C  CB  . ASN A 1 2   ? -9.361  -0.512  10.753  1.00 19.43  ? 2   ASN A CB  1 
ATOM   14   C  CG  . ASN A 1 2   ? -8.436  -1.367  11.536  1.00 27.25  ? 2   ASN A CG  1 
ATOM   15   O  OD1 . ASN A 1 2   ? -7.312  -1.542  11.115  1.00 23.85  ? 2   ASN A OD1 1 
ATOM   16   N  ND2 . ASN A 1 2   ? -8.880  -1.872  12.689  1.00 26.13  ? 2   ASN A ND2 1 
ATOM   17   N  N   . ILE A 1 3   ? -7.938  -0.070  8.222   1.00 19.67  ? 3   ILE A N   1 
ATOM   18   C  CA  . ILE A 1 3   ? -6.776  0.005   7.321   1.00 20.69  ? 3   ILE A CA  1 
ATOM   19   C  C   . ILE A 1 3   ? -5.582  -0.855  7.721   1.00 18.97  ? 3   ILE A C   1 
ATOM   20   O  O   . ILE A 1 3   ? -4.905  -1.491  6.911   1.00 18.89  ? 3   ILE A O   1 
ATOM   21   C  CB  . ILE A 1 3   ? -6.396  1.464   6.993   1.00 22.71  ? 3   ILE A CB  1 
ATOM   22   C  CG1 . ILE A 1 3   ? -5.243  1.541   5.969   1.00 18.33  ? 3   ILE A CG1 1 
ATOM   23   C  CG2 . ILE A 1 3   ? -6.028  2.164   8.327   1.00 23.85  ? 3   ILE A CG2 1 
ATOM   24   C  CD1 . ILE A 1 3   ? -5.507  0.967   4.531   1.00 18.13  ? 3   ILE A CD1 1 
ATOM   25   N  N   . PHE A 1 4   ? -5.300  -0.843  9.032   1.00 20.66  ? 4   PHE A N   1 
ATOM   26   C  CA  . PHE A 1 4   ? -4.212  -1.641  9.597   1.00 24.33  ? 4   PHE A CA  1 
ATOM   27   C  C   . PHE A 1 4   ? -4.427  -3.135  9.379   1.00 26.35  ? 4   PHE A C   1 
ATOM   28   O  O   . PHE A 1 4   ? -3.592  -3.837  8.873   1.00 18.77  ? 4   PHE A O   1 
ATOM   29   C  CB  . PHE A 1 4   ? -3.978  -1.368  11.095  1.00 22.18  ? 4   PHE A CB  1 
ATOM   30   C  CG  . PHE A 1 4   ? -3.344  0.004   11.295  1.00 21.24  ? 4   PHE A CG  1 
ATOM   31   C  CD1 . PHE A 1 4   ? -4.163  1.128   11.411  1.00 23.80  ? 4   PHE A CD1 1 
ATOM   32   C  CD2 . PHE A 1 4   ? -1.964  0.194   11.330  1.00 22.84  ? 4   PHE A CD2 1 
ATOM   33   C  CE1 . PHE A 1 4   ? -3.614  2.396   11.608  1.00 26.61  ? 4   PHE A CE1 1 
ATOM   34   C  CE2 . PHE A 1 4   ? -1.389  1.458   11.501  1.00 23.12  ? 4   PHE A CE2 1 
ATOM   35   C  CZ  . PHE A 1 4   ? -2.228  2.566   11.629  1.00 22.87  ? 4   PHE A CZ  1 
ATOM   36   N  N   . GLU A 1 5   ? -5.584  -3.640  9.769   1.00 25.08  ? 5   GLU A N   1 
ATOM   37   C  CA  . GLU A 1 5   ? -5.917  -5.039  9.532   1.00 25.57  ? 5   GLU A CA  1 
ATOM   38   C  C   . GLU A 1 5   ? -5.897  -5.424  8.053   1.00 26.18  ? 5   GLU A C   1 
ATOM   39   O  O   . GLU A 1 5   ? -5.461  -6.483  7.668   1.00 25.62  ? 5   GLU A O   1 
ATOM   40   C  CB  . GLU A 1 5   ? -7.333  -5.266  10.009  1.00 25.13  ? 5   GLU A CB  1 
ATOM   41   C  CG  . GLU A 1 5   ? -7.361  -5.240  11.551  1.00 30.34  ? 5   GLU A CG  1 
ATOM   42   C  CD  . GLU A 1 5   ? -8.751  -5.150  12.127  1.00 44.67  ? 5   GLU A CD  1 
ATOM   43   O  OE1 . GLU A 1 5   ? -9.652  -4.522  11.606  1.00 100.00 ? 5   GLU A OE1 1 
ATOM   44   O  OE2 . GLU A 1 5   ? -8.854  -5.741  13.276  1.00 62.32  ? 5   GLU A OE2 1 
ATOM   45   N  N   . MET A 1 6   ? -6.435  -4.563  7.236   1.00 22.86  ? 6   MET A N   1 
ATOM   46   C  CA  . MET A 1 6   ? -6.492  -4.814  5.838   1.00 22.44  ? 6   MET A CA  1 
ATOM   47   C  C   . MET A 1 6   ? -5.136  -4.898  5.232   1.00 27.06  ? 6   MET A C   1 
ATOM   48   O  O   . MET A 1 6   ? -4.832  -5.793  4.441   1.00 23.11  ? 6   MET A O   1 
ATOM   49   C  CB  . MET A 1 6   ? -7.203  -3.624  5.228   1.00 21.70  ? 6   MET A CB  1 
ATOM   50   C  CG  . MET A 1 6   ? -7.311  -3.680  3.713   1.00 22.86  ? 6   MET A CG  1 
ATOM   51   S  SD  . MET A 1 6   ? -7.713  -2.033  2.982   1.00 24.25  ? 6   MET A SD  1 
ATOM   52   C  CE  . MET A 1 6   ? -8.702  -2.443  1.459   1.00 24.83  ? 6   MET A CE  1 
ATOM   53   N  N   . LEU A 1 7   ? -4.282  -3.939  5.551   1.00 24.69  ? 7   LEU A N   1 
ATOM   54   C  CA  . LEU A 1 7   ? -2.930  -4.032  4.951   1.00 23.54  ? 7   LEU A CA  1 
ATOM   55   C  C   . LEU A 1 7   ? -2.043  -5.179  5.561   1.00 30.65  ? 7   LEU A C   1 
ATOM   56   O  O   . LEU A 1 7   ? -1.067  -5.721  4.982   1.00 22.51  ? 7   LEU A O   1 
ATOM   57   C  CB  . LEU A 1 7   ? -2.196  -2.673  5.104   1.00 24.04  ? 7   LEU A CB  1 
ATOM   58   C  CG  . LEU A 1 7   ? -2.498  -1.645  4.044   1.00 27.00  ? 7   LEU A CG  1 
ATOM   59   C  CD1 . LEU A 1 7   ? -2.024  -0.307  4.600   1.00 16.08  ? 7   LEU A CD1 1 
ATOM   60   C  CD2 . LEU A 1 7   ? -1.655  -2.002  2.824   1.00 20.03  ? 7   LEU A CD2 1 
ATOM   61   N  N   . ARG A 1 8   ? -2.359  -5.529  6.811   1.00 22.30  ? 8   ARG A N   1 
ATOM   62   C  CA  . ARG A 1 8   ? -1.599  -6.530  7.478   1.00 16.04  ? 8   ARG A CA  1 
ATOM   63   C  C   . ARG A 1 8   ? -1.957  -7.802  6.765   1.00 27.69  ? 8   ARG A C   1 
ATOM   64   O  O   . ARG A 1 8   ? -1.149  -8.696  6.593   1.00 32.61  ? 8   ARG A O   1 
ATOM   65   C  CB  . ARG A 1 8   ? -2.046  -6.519  8.923   1.00 31.54  ? 8   ARG A CB  1 
ATOM   66   C  CG  . ARG A 1 8   ? -1.562  -7.735  9.640   1.00 33.73  ? 8   ARG A CG  1 
ATOM   67   C  CD  . ARG A 1 8   ? -0.122  -7.981  9.301   1.00 53.15  ? 8   ARG A CD  1 
ATOM   68   N  NE  . ARG A 1 8   ? 0.404   -8.658  10.422  1.00 51.62  ? 8   ARG A NE  1 
ATOM   69   C  CZ  . ARG A 1 8   ? 0.533   -9.943  10.392  1.00 79.03  ? 8   ARG A CZ  1 
ATOM   70   N  NH1 . ARG A 1 8   ? 0.206   -10.655 9.289   1.00 35.30  ? 8   ARG A NH1 1 
ATOM   71   N  NH2 . ARG A 1 8   ? 1.024   -10.508 11.498  1.00 100.00 ? 8   ARG A NH2 1 
ATOM   72   N  N   . ILE A 1 9   ? -3.175  -7.870  6.288   1.00 23.30  ? 9   ILE A N   1 
ATOM   73   C  CA  . ILE A 1 9   ? -3.582  -9.029  5.521   1.00 19.27  ? 9   ILE A CA  1 
ATOM   74   C  C   . ILE A 1 9   ? -2.944  -9.013  4.138   1.00 25.06  ? 9   ILE A C   1 
ATOM   75   O  O   . ILE A 1 9   ? -2.428  -10.019 3.665   1.00 28.14  ? 9   ILE A O   1 
ATOM   76   C  CB  . ILE A 1 9   ? -5.112  -9.114  5.350   1.00 31.98  ? 9   ILE A CB  1 
ATOM   77   C  CG1 . ILE A 1 9   ? -5.752  -9.560  6.669   1.00 28.93  ? 9   ILE A CG1 1 
ATOM   78   C  CG2 . ILE A 1 9   ? -5.489  -10.061 4.146   1.00 28.38  ? 9   ILE A CG2 1 
ATOM   79   C  CD1 . ILE A 1 9   ? -7.235  -9.245  6.687   1.00 29.00  ? 9   ILE A CD1 1 
ATOM   80   N  N   . ASP A 1 10  ? -2.981  -7.889  3.423   1.00 18.46  ? 10  ASP A N   1 
ATOM   81   C  CA  . ASP A 1 10  ? -2.378  -7.871  2.113   1.00 18.29  ? 10  ASP A CA  1 
ATOM   82   C  C   . ASP A 1 10  ? -0.828  -7.992  2.076   1.00 33.46  ? 10  ASP A C   1 
ATOM   83   O  O   . ASP A 1 10  ? -0.274  -8.458  1.079   1.00 33.91  ? 10  ASP A O   1 
ATOM   84   C  CB  . ASP A 1 10  ? -2.777  -6.572  1.326   1.00 19.53  ? 10  ASP A CB  1 
ATOM   85   C  CG  . ASP A 1 10  ? -4.212  -6.613  0.958   1.00 29.11  ? 10  ASP A CG  1 
ATOM   86   O  OD1 . ASP A 1 10  ? -4.758  -7.678  0.818   1.00 24.55  ? 10  ASP A OD1 1 
ATOM   87   O  OD2 . ASP A 1 10  ? -4.840  -5.472  0.971   1.00 27.05  ? 10  ASP A OD2 1 
ATOM   88   N  N   . GLU A 1 11  ? -0.098  -7.509  3.094   1.00 24.45  ? 11  GLU A N   1 
ATOM   89   C  CA  . GLU A 1 11  ? 1.362   -7.474  3.040   1.00 23.53  ? 11  GLU A CA  1 
ATOM   90   C  C   . GLU A 1 11  ? 2.029   -8.578  3.827   1.00 35.35  ? 11  GLU A C   1 
ATOM   91   O  O   . GLU A 1 11  ? 3.176   -8.913  3.587   1.00 35.48  ? 11  GLU A O   1 
ATOM   92   C  CB  . GLU A 1 11  ? 1.862   -6.147  3.647   1.00 24.48  ? 11  GLU A CB  1 
ATOM   93   C  CG  . GLU A 1 11  ? 1.319   -4.977  2.829   1.00 24.64  ? 11  GLU A CG  1 
ATOM   94   C  CD  . GLU A 1 11  ? 1.880   -4.818  1.421   1.00 29.76  ? 11  GLU A CD  1 
ATOM   95   O  OE1 . GLU A 1 11  ? 2.835   -5.663  1.139   1.00 30.81  ? 11  GLU A OE1 1 
ATOM   96   O  OE2 . GLU A 1 11  ? 1.487   -3.974  0.617   1.00 31.98  ? 11  GLU A OE2 1 
ATOM   97   N  N   . GLY A 1 12  ? 1.336   -9.128  4.813   1.00 29.86  ? 12  GLY A N   1 
ATOM   98   C  CA  . GLY A 1 12  ? 1.950   -10.130 5.644   1.00 21.41  ? 12  GLY A CA  1 
ATOM   99   C  C   . GLY A 1 12  ? 2.893   -9.481  6.653   1.00 34.81  ? 12  GLY A C   1 
ATOM   100  O  O   . GLY A 1 12  ? 2.918   -8.263  6.851   1.00 28.70  ? 12  GLY A O   1 
ATOM   101  N  N   . LEU A 1 13  ? 3.653   -10.337 7.328   1.00 36.32  ? 13  LEU A N   1 
ATOM   102  C  CA  . LEU A 1 13  ? 4.610   -9.923  8.306   1.00 36.08  ? 13  LEU A CA  1 
ATOM   103  C  C   . LEU A 1 13  ? 5.819   -10.843 8.407   1.00 39.70  ? 13  LEU A C   1 
ATOM   104  O  O   . LEU A 1 13  ? 5.696   -11.963 8.850   1.00 36.77  ? 13  LEU A O   1 
ATOM   105  C  CB  . LEU A 1 13  ? 3.949   -9.759  9.648   1.00 35.77  ? 13  LEU A CB  1 
ATOM   106  C  CG  . LEU A 1 13  ? 4.976   -9.955  10.746  1.00 40.99  ? 13  LEU A CG  1 
ATOM   107  C  CD1 . LEU A 1 13  ? 5.797   -8.680  10.856  1.00 29.51  ? 13  LEU A CD1 1 
ATOM   108  C  CD2 . LEU A 1 13  ? 4.224   -10.238 12.042  1.00 40.54  ? 13  LEU A CD2 1 
ATOM   109  N  N   . ARG A 1 14  ? 6.983   -10.339 7.982   1.00 35.64  ? 14  ARG A N   1 
ATOM   110  C  CA  . ARG A 1 14  ? 8.268   -11.050 8.003   1.00 35.04  ? 14  ARG A CA  1 
ATOM   111  C  C   . ARG A 1 14  ? 9.299   -10.302 8.815   1.00 38.97  ? 14  ARG A C   1 
ATOM   112  O  O   . ARG A 1 14  ? 9.492   -9.091  8.619   1.00 31.91  ? 14  ARG A O   1 
ATOM   113  C  CB  . ARG A 1 14  ? 8.843   -11.156 6.610   1.00 32.35  ? 14  ARG A CB  1 
ATOM   114  C  CG  . ARG A 1 14  ? 7.718   -11.459 5.663   1.00 41.38  ? 14  ARG A CG  1 
ATOM   115  C  CD  . ARG A 1 14  ? 7.948   -12.812 5.061   1.00 29.47  ? 14  ARG A CD  1 
ATOM   116  N  NE  . ARG A 1 14  ? 9.146   -13.466 5.579   1.00 100.00 ? 14  ARG A NE  1 
ATOM   117  C  CZ  . ARG A 1 14  ? 9.924   -14.206 4.790   1.00 100.00 ? 14  ARG A CZ  1 
ATOM   118  N  NH1 . ARG A 1 14  ? 9.629   -14.360 3.455   1.00 65.58  ? 14  ARG A NH1 1 
ATOM   119  N  NH2 . ARG A 1 14  ? 11.001  -14.777 5.365   1.00 100.00 ? 14  ARG A NH2 1 
ATOM   120  N  N   . LEU A 1 15  ? 9.970   -11.035 9.713   1.00 35.56  ? 15  LEU A N   1 
ATOM   121  C  CA  . LEU A 1 15  ? 10.955  -10.441 10.591  1.00 33.76  ? 15  LEU A CA  1 
ATOM   122  C  C   . LEU A 1 15  ? 12.375  -10.356 10.136  1.00 31.14  ? 15  LEU A C   1 
ATOM   123  O  O   . LEU A 1 15  ? 13.197  -9.814  10.868  1.00 39.94  ? 15  LEU A O   1 
ATOM   124  C  CB  . LEU A 1 15  ? 10.893  -11.095 11.945  1.00 30.62  ? 15  LEU A CB  1 
ATOM   125  C  CG  . LEU A 1 15  ? 9.515   -10.891 12.500  1.00 34.87  ? 15  LEU A CG  1 
ATOM   126  C  CD1 . LEU A 1 15  ? 9.662   -11.279 13.950  1.00 39.02  ? 15  LEU A CD1 1 
ATOM   127  C  CD2 . LEU A 1 15  ? 9.119   -9.407  12.433  1.00 31.04  ? 15  LEU A CD2 1 
ATOM   128  N  N   . LYS A 1 16  ? 12.578  -10.916 8.951   1.00 32.52  ? 16  LYS A N   1 
ATOM   129  C  CA  . LYS A 1 16  ? 13.824  -11.015 8.194   1.00 32.66  ? 16  LYS A CA  1 
ATOM   130  C  C   . LYS A 1 16  ? 13.750  -10.414 6.783   1.00 42.03  ? 16  LYS A C   1 
ATOM   131  O  O   . LYS A 1 16  ? 12.743  -10.513 6.011   1.00 43.08  ? 16  LYS A O   1 
ATOM   132  C  CB  . LYS A 1 16  ? 14.441  -12.456 8.171   1.00 40.40  ? 16  LYS A CB  1 
ATOM   133  C  CG  . LYS A 1 16  ? 15.956  -12.332 8.059   1.00 99.57  ? 16  LYS A CG  1 
ATOM   134  C  CD  . LYS A 1 16  ? 16.628  -13.519 7.382   1.00 100.00 ? 16  LYS A CD  1 
ATOM   135  C  CE  . LYS A 1 16  ? 17.455  -13.174 6.133   1.00 100.00 ? 16  LYS A CE  1 
ATOM   136  N  NZ  . LYS A 1 16  ? 17.586  -14.327 5.200   1.00 100.00 ? 16  LYS A NZ  1 
ATOM   137  N  N   . ILE A 1 17  ? 14.861  -9.766  6.434   1.00 35.49  ? 17  ILE A N   1 
ATOM   138  C  CA  . ILE A 1 17  ? 14.869  -9.174  5.137   1.00 35.80  ? 17  ILE A CA  1 
ATOM   139  C  C   . ILE A 1 17  ? 14.475  -10.166 4.084   1.00 37.17  ? 17  ILE A C   1 
ATOM   140  O  O   . ILE A 1 17  ? 15.066  -11.246 3.970   1.00 35.15  ? 17  ILE A O   1 
ATOM   141  C  CB  . ILE A 1 17  ? 16.214  -8.576  4.773   1.00 41.79  ? 17  ILE A CB  1 
ATOM   142  C  CG1 . ILE A 1 17  ? 16.630  -7.516  5.795   1.00 43.97  ? 17  ILE A CG1 1 
ATOM   143  C  CG2 . ILE A 1 17  ? 16.272  -8.013  3.328   1.00 35.70  ? 17  ILE A CG2 1 
ATOM   144  C  CD1 . ILE A 1 17  ? 17.910  -6.870  5.240   1.00 30.54  ? 17  ILE A CD1 1 
ATOM   145  N  N   . TYR A 1 18  ? 13.531  -9.762  3.277   1.00 32.44  ? 18  TYR A N   1 
ATOM   146  C  CA  . TYR A 1 18  ? 13.148  -10.646 2.190   1.00 33.31  ? 18  TYR A CA  1 
ATOM   147  C  C   . TYR A 1 18  ? 12.999  -9.853  0.879   1.00 41.72  ? 18  TYR A C   1 
ATOM   148  O  O   . TYR A 1 18  ? 13.069  -8.593  0.853   1.00 46.81  ? 18  TYR A O   1 
ATOM   149  C  CB  . TYR A 1 18  ? 11.849  -11.417 2.552   1.00 34.99  ? 18  TYR A CB  1 
ATOM   150  C  CG  . TYR A 1 18  ? 10.588  -10.529 2.687   1.00 38.30  ? 18  TYR A CG  1 
ATOM   151  C  CD1 . TYR A 1 18  ? 10.279  -9.906  3.901   1.00 42.18  ? 18  TYR A CD1 1 
ATOM   152  C  CD2 . TYR A 1 18  ? 9.698   -10.323 1.622   1.00 32.04  ? 18  TYR A CD2 1 
ATOM   153  C  CE1 . TYR A 1 18  ? 9.130   -9.111  4.001   1.00 45.86  ? 18  TYR A CE1 1 
ATOM   154  C  CE2 . TYR A 1 18  ? 8.573   -9.492  1.696   1.00 20.80  ? 18  TYR A CE2 1 
ATOM   155  C  CZ  . TYR A 1 18  ? 8.273   -8.889  2.916   1.00 40.00  ? 18  TYR A CZ  1 
ATOM   156  O  OH  . TYR A 1 18  ? 7.102   -8.141  3.072   1.00 48.61  ? 18  TYR A OH  1 
ATOM   157  N  N   . LYS A 1 19  ? 12.790  -10.585 -0.236  1.00 42.09  ? 19  LYS A N   1 
ATOM   158  C  CA  . LYS A 1 19  ? 12.548  -9.936  -1.540  1.00 40.50  ? 19  LYS A CA  1 
ATOM   159  C  C   . LYS A 1 19  ? 11.061  -9.900  -1.805  1.00 55.94  ? 19  LYS A C   1 
ATOM   160  O  O   . LYS A 1 19  ? 10.290  -10.827 -1.523  1.00 66.28  ? 19  LYS A O   1 
ATOM   161  C  CB  . LYS A 1 19  ? 13.238  -10.488 -2.771  1.00 32.43  ? 19  LYS A CB  1 
ATOM   162  C  CG  . LYS A 1 19  ? 14.690  -10.068 -2.909  1.00 43.88  ? 19  LYS A CG  1 
ATOM   163  C  CD  . LYS A 1 19  ? 15.539  -10.970 -3.794  1.00 38.84  ? 19  LYS A CD  1 
ATOM   164  C  CE  . LYS A 1 19  ? 16.720  -10.261 -4.467  1.00 100.00 ? 19  LYS A CE  1 
ATOM   165  N  NZ  . LYS A 1 19  ? 16.664  -10.289 -5.942  1.00 100.00 ? 19  LYS A NZ  1 
ATOM   166  N  N   . ASP A 1 20  ? 10.617  -8.822  -2.360  1.00 55.16  ? 20  ASP A N   1 
ATOM   167  C  CA  . ASP A 1 20  ? 9.219   -8.770  -2.656  1.00 45.28  ? 20  ASP A CA  1 
ATOM   168  C  C   . ASP A 1 20  ? 8.920   -9.470  -4.015  1.00 57.61  ? 20  ASP A C   1 
ATOM   169  O  O   . ASP A 1 20  ? 9.835   -10.106 -4.603  1.00 56.35  ? 20  ASP A O   1 
ATOM   170  C  CB  . ASP A 1 20  ? 8.754   -7.330  -2.414  1.00 46.95  ? 20  ASP A CB  1 
ATOM   171  C  CG  . ASP A 1 20  ? 9.091   -6.337  -3.505  1.00 50.23  ? 20  ASP A CG  1 
ATOM   172  O  OD1 . ASP A 1 20  ? 10.015  -6.758  -4.324  1.00 58.79  ? 20  ASP A OD1 1 
ATOM   173  O  OD2 . ASP A 1 20  ? 8.530   -5.256  -3.616  1.00 70.28  ? 20  ASP A OD2 1 
ATOM   174  N  N   . THR A 1 21  ? 7.661   -9.406  -4.538  1.00 61.24  ? 21  THR A N   1 
ATOM   175  C  CA  . THR A 1 21  ? 7.331   -10.084 -5.818  1.00 55.57  ? 21  THR A CA  1 
ATOM   176  C  C   . THR A 1 21  ? 8.127   -9.504  -6.965  1.00 65.69  ? 21  THR A C   1 
ATOM   177  O  O   . THR A 1 21  ? 8.289   -10.101 -8.045  1.00 77.38  ? 21  THR A O   1 
ATOM   178  C  CB  . THR A 1 21  ? 5.843   -10.021 -6.153  1.00 71.91  ? 21  THR A CB  1 
ATOM   179  O  OG1 . THR A 1 21  ? 5.703   -10.016 -7.574  1.00 78.85  ? 21  THR A OG1 1 
ATOM   180  C  CG2 . THR A 1 21  ? 5.235   -8.764  -5.474  1.00 60.23  ? 21  THR A CG2 1 
ATOM   181  N  N   . GLU A 1 22  ? 8.633   -8.295  -6.684  1.00 63.41  ? 22  GLU A N   1 
ATOM   182  C  CA  . GLU A 1 22  ? 9.464   -7.538  -7.619  1.00 52.37  ? 22  GLU A CA  1 
ATOM   183  C  C   . GLU A 1 22  ? 10.915  -7.811  -7.474  1.00 38.53  ? 22  GLU A C   1 
ATOM   184  O  O   . GLU A 1 22  ? 11.600  -7.393  -8.352  1.00 39.99  ? 22  GLU A O   1 
ATOM   185  C  CB  . GLU A 1 22  ? 9.304   -6.032  -7.554  1.00 47.16  ? 22  GLU A CB  1 
ATOM   186  C  CG  . GLU A 1 22  ? 7.866   -5.617  -7.861  1.00 56.06  ? 22  GLU A CG  1 
ATOM   187  C  CD  . GLU A 1 22  ? 7.448   -5.884  -9.276  1.00 71.79  ? 22  GLU A CD  1 
ATOM   188  O  OE1 . GLU A 1 22  ? 7.939   -6.746  -9.992  1.00 100.00 ? 22  GLU A OE1 1 
ATOM   189  O  OE2 . GLU A 1 22  ? 6.479   -5.084  -9.636  1.00 100.00 ? 22  GLU A OE2 1 
ATOM   190  N  N   . GLY A 1 23  ? 11.328  -8.451  -6.361  1.00 37.04  ? 23  GLY A N   1 
ATOM   191  C  CA  . GLY A 1 23  ? 12.703  -8.786  -6.067  1.00 37.24  ? 23  GLY A CA  1 
ATOM   192  C  C   . GLY A 1 23  ? 13.421  -7.678  -5.306  1.00 41.84  ? 23  GLY A C   1 
ATOM   193  O  O   . GLY A 1 23  ? 14.619  -7.555  -5.345  1.00 43.67  ? 23  GLY A O   1 
ATOM   194  N  N   . TYR A 1 24  ? 12.674  -6.874  -4.593  1.00 39.75  ? 24  TYR A N   1 
ATOM   195  C  CA  . TYR A 1 24  ? 13.250  -5.811  -3.832  1.00 37.05  ? 24  TYR A CA  1 
ATOM   196  C  C   . TYR A 1 24  ? 13.283  -6.099  -2.388  1.00 39.03  ? 24  TYR A C   1 
ATOM   197  O  O   . TYR A 1 24  ? 12.350  -6.653  -1.820  1.00 36.82  ? 24  TYR A O   1 
ATOM   198  C  CB  . TYR A 1 24  ? 12.350  -4.638  -3.956  1.00 39.26  ? 24  TYR A CB  1 
ATOM   199  C  CG  . TYR A 1 24  ? 12.403  -4.078  -5.349  1.00 45.81  ? 24  TYR A CG  1 
ATOM   200  C  CD1 . TYR A 1 24  ? 13.512  -4.197  -6.187  1.00 46.29  ? 24  TYR A CD1 1 
ATOM   201  C  CD2 . TYR A 1 24  ? 11.303  -3.371  -5.822  1.00 49.50  ? 24  TYR A CD2 1 
ATOM   202  C  CE1 . TYR A 1 24  ? 13.482  -3.602  -7.451  1.00 51.94  ? 24  TYR A CE1 1 
ATOM   203  C  CE2 . TYR A 1 24  ? 11.265  -2.797  -7.092  1.00 56.30  ? 24  TYR A CE2 1 
ATOM   204  C  CZ  . TYR A 1 24  ? 12.372  -2.897  -7.931  1.00 70.02  ? 24  TYR A CZ  1 
ATOM   205  O  OH  . TYR A 1 24  ? 12.328  -2.290  -9.200  1.00 68.25  ? 24  TYR A OH  1 
ATOM   206  N  N   . TYR A 1 25  ? 14.355  -5.652  -1.801  1.00 31.02  ? 25  TYR A N   1 
ATOM   207  C  CA  . TYR A 1 25  ? 14.558  -5.860  -0.399  1.00 33.82  ? 25  TYR A CA  1 
ATOM   208  C  C   . TYR A 1 25  ? 13.536  -5.170  0.448   1.00 29.64  ? 25  TYR A C   1 
ATOM   209  O  O   . TYR A 1 25  ? 13.312  -3.962  0.338   1.00 27.21  ? 25  TYR A O   1 
ATOM   210  C  CB  . TYR A 1 25  ? 15.938  -5.356  -0.087  1.00 43.65  ? 25  TYR A CB  1 
ATOM   211  C  CG  . TYR A 1 25  ? 16.920  -6.356  -0.558  1.00 40.01  ? 25  TYR A CG  1 
ATOM   212  C  CD1 . TYR A 1 25  ? 16.868  -7.654  -0.059  1.00 38.98  ? 25  TYR A CD1 1 
ATOM   213  C  CD2 . TYR A 1 25  ? 17.848  -6.012  -1.542  1.00 44.15  ? 25  TYR A CD2 1 
ATOM   214  C  CE1 . TYR A 1 25  ? 17.825  -8.587  -0.450  1.00 49.83  ? 25  TYR A CE1 1 
ATOM   215  C  CE2 . TYR A 1 25  ? 18.797  -6.946  -1.955  1.00 47.52  ? 25  TYR A CE2 1 
ATOM   216  C  CZ  . TYR A 1 25  ? 18.785  -8.227  -1.400  1.00 64.07  ? 25  TYR A CZ  1 
ATOM   217  O  OH  . TYR A 1 25  ? 19.724  -9.129  -1.810  1.00 55.90  ? 25  TYR A OH  1 
ATOM   218  N  N   . THR A 1 26  ? 12.958  -5.985  1.299   1.00 24.44  ? 26  THR A N   1 
ATOM   219  C  CA  . THR A 1 26  ? 11.857  -5.558  2.127   1.00 30.24  ? 26  THR A CA  1 
ATOM   220  C  C   . THR A 1 26  ? 11.912  -6.237  3.463   1.00 30.79  ? 26  THR A C   1 
ATOM   221  O  O   . THR A 1 26  ? 12.528  -7.295  3.658   1.00 27.03  ? 26  THR A O   1 
ATOM   222  C  CB  . THR A 1 26  ? 10.513  -6.076  1.432   1.00 40.52  ? 26  THR A CB  1 
ATOM   223  O  OG1 . THR A 1 26  ? 10.449  -5.838  0.066   1.00 34.94  ? 26  THR A OG1 1 
ATOM   224  C  CG2 . THR A 1 26  ? 9.166   -5.637  2.008   1.00 18.05  ? 26  THR A CG2 1 
ATOM   225  N  N   . ILE A 1 27  ? 11.182  -5.636  4.391   1.00 28.33  ? 27  ILE A N   1 
ATOM   226  C  CA  . ILE A 1 27  ? 11.067  -6.205  5.712   1.00 27.39  ? 27  ILE A CA  1 
ATOM   227  C  C   . ILE A 1 27  ? 9.703   -5.853  6.323   1.00 24.93  ? 27  ILE A C   1 
ATOM   228  O  O   . ILE A 1 27  ? 9.030   -5.017  5.803   1.00 27.27  ? 27  ILE A O   1 
ATOM   229  C  CB  . ILE A 1 27  ? 12.188  -5.719  6.625   1.00 34.21  ? 27  ILE A CB  1 
ATOM   230  C  CG1 . ILE A 1 27  ? 12.189  -6.606  7.881   1.00 31.89  ? 27  ILE A CG1 1 
ATOM   231  C  CG2 . ILE A 1 27  ? 11.859  -4.236  6.919   1.00 33.92  ? 27  ILE A CG2 1 
ATOM   232  C  CD1 . ILE A 1 27  ? 13.543  -7.021  8.405   1.00 27.95  ? 27  ILE A CD1 1 
ATOM   233  N  N   . GLY A 1 28  ? 9.324   -6.497  7.440   1.00 24.41  ? 28  GLY A N   1 
ATOM   234  C  CA  . GLY A 1 28  ? 8.115   -6.315  8.228   1.00 28.26  ? 28  GLY A CA  1 
ATOM   235  C  C   . GLY A 1 28  ? 6.788   -6.520  7.489   1.00 31.17  ? 28  GLY A C   1 
ATOM   236  O  O   . GLY A 1 28  ? 6.451   -7.526  6.890   1.00 26.18  ? 28  GLY A O   1 
ATOM   237  N  N   . ILE A 1 29  ? 5.989   -5.500  7.574   1.00 28.89  ? 29  ILE A N   1 
ATOM   238  C  CA  . ILE A 1 29  ? 4.704   -5.494  6.934   1.00 24.33  ? 29  ILE A CA  1 
ATOM   239  C  C   . ILE A 1 29  ? 4.799   -4.702  5.667   1.00 23.16  ? 29  ILE A C   1 
ATOM   240  O  O   . ILE A 1 29  ? 4.341   -3.583  5.552   1.00 23.08  ? 29  ILE A O   1 
ATOM   241  C  CB  . ILE A 1 29  ? 3.639   -4.982  7.912   1.00 28.30  ? 29  ILE A CB  1 
ATOM   242  C  CG1 . ILE A 1 29  ? 3.746   -5.848  9.199   1.00 25.00  ? 29  ILE A CG1 1 
ATOM   243  C  CG2 . ILE A 1 29  ? 2.239   -4.982  7.271   1.00 28.69  ? 29  ILE A CG2 1 
ATOM   244  C  CD1 . ILE A 1 29  ? 3.000   -5.396  10.477  1.00 27.58  ? 29  ILE A CD1 1 
ATOM   245  N  N   . GLY A 1 30  ? 5.475   -5.226  4.664   1.00 22.18  ? 30  GLY A N   1 
ATOM   246  C  CA  . GLY A 1 30  ? 5.468   -4.413  3.458   1.00 17.13  ? 30  GLY A CA  1 
ATOM   247  C  C   . GLY A 1 30  ? 6.391   -3.180  3.408   1.00 28.82  ? 30  GLY A C   1 
ATOM   248  O  O   . GLY A 1 30  ? 6.272   -2.315  2.540   1.00 32.29  ? 30  GLY A O   1 
ATOM   249  N  N   . HIS A 1 31  ? 7.386   -3.140  4.292   1.00 20.20  ? 31  HIS A N   1 
ATOM   250  C  CA  . HIS A 1 31  ? 8.305   -2.042  4.316   1.00 16.28  ? 31  HIS A CA  1 
ATOM   251  C  C   . HIS A 1 31  ? 9.445   -2.193  3.341   1.00 23.04  ? 31  HIS A C   1 
ATOM   252  O  O   . HIS A 1 31  ? 10.465  -2.848  3.647   1.00 30.77  ? 31  HIS A O   1 
ATOM   253  C  CB  . HIS A 1 31  ? 8.809   -1.902  5.760   1.00 18.58  ? 31  HIS A CB  1 
ATOM   254  C  CG  . HIS A 1 31  ? 9.590   -0.642  5.861   1.00 27.49  ? 31  HIS A CG  1 
ATOM   255  N  ND1 . HIS A 1 31  ? 8.972   0.615   5.978   1.00 27.50  ? 31  HIS A ND1 1 
ATOM   256  C  CD2 . HIS A 1 31  ? 10.946  -0.465  5.789   1.00 26.89  ? 31  HIS A CD2 1 
ATOM   257  C  CE1 . HIS A 1 31  ? 9.950   1.520   5.955   1.00 24.18  ? 31  HIS A CE1 1 
ATOM   258  N  NE2 . HIS A 1 31  ? 11.156  0.905   5.846   1.00 24.03  ? 31  HIS A NE2 1 
ATOM   259  N  N   . LEU A 1 32  ? 9.283   -1.553  2.147   1.00 25.67  ? 32  LEU A N   1 
ATOM   260  C  CA  . LEU A 1 32  ? 10.358  -1.513  1.146   1.00 29.76  ? 32  LEU A CA  1 
ATOM   261  C  C   . LEU A 1 32  ? 11.719  -0.976  1.693   1.00 25.43  ? 32  LEU A C   1 
ATOM   262  O  O   . LEU A 1 32  ? 11.876  0.171   2.089   1.00 25.76  ? 32  LEU A O   1 
ATOM   263  C  CB  . LEU A 1 32  ? 10.051  -0.931  -0.291  1.00 34.03  ? 32  LEU A CB  1 
ATOM   264  C  CG  . LEU A 1 32  ? 11.320  -0.853  -1.202  1.00 44.53  ? 32  LEU A CG  1 
ATOM   265  C  CD1 . LEU A 1 32  ? 11.667  -2.186  -1.835  1.00 30.75  ? 32  LEU A CD1 1 
ATOM   266  C  CD2 . LEU A 1 32  ? 11.305  0.247   -2.230  1.00 37.29  ? 32  LEU A CD2 1 
ATOM   267  N  N   . LEU A 1 33  ? 12.746  -1.793  1.706   1.00 30.41  ? 33  LEU A N   1 
ATOM   268  C  CA  . LEU A 1 33  ? 13.983  -1.256  2.159   1.00 33.01  ? 33  LEU A CA  1 
ATOM   269  C  C   . LEU A 1 33  ? 14.676  -0.551  1.018   1.00 46.11  ? 33  LEU A C   1 
ATOM   270  O  O   . LEU A 1 33  ? 15.033  0.631   1.106   1.00 41.78  ? 33  LEU A O   1 
ATOM   271  C  CB  . LEU A 1 33  ? 14.911  -2.276  2.823   1.00 30.65  ? 33  LEU A CB  1 
ATOM   272  C  CG  . LEU A 1 33  ? 14.270  -2.767  4.101   1.00 25.37  ? 33  LEU A CG  1 
ATOM   273  C  CD1 . LEU A 1 33  ? 14.974  -4.028  4.481   1.00 21.33  ? 33  LEU A CD1 1 
ATOM   274  C  CD2 . LEU A 1 33  ? 14.565  -1.767  5.189   1.00 24.53  ? 33  LEU A CD2 1 
ATOM   275  N  N   . THR A 1 34  ? 14.858  -1.268  -0.074  1.00 44.28  ? 34  THR A N   1 
ATOM   276  C  CA  . THR A 1 34  ? 15.544  -0.653  -1.178  1.00 42.49  ? 34  THR A CA  1 
ATOM   277  C  C   . THR A 1 34  ? 15.293  -1.342  -2.466  1.00 36.35  ? 34  THR A C   1 
ATOM   278  O  O   . THR A 1 34  ? 14.965  -2.549  -2.495  1.00 42.23  ? 34  THR A O   1 
ATOM   279  C  CB  . THR A 1 34  ? 17.102  -0.667  -0.938  1.00 43.43  ? 34  THR A CB  1 
ATOM   280  O  OG1 . THR A 1 34  ? 17.743  0.117   -1.913  1.00 40.90  ? 34  THR A OG1 1 
ATOM   281  C  CG2 . THR A 1 34  ? 17.748  -2.054  -0.871  1.00 27.60  ? 34  THR A CG2 1 
ATOM   282  N  N   . LYS A 1 35  ? 15.551  -0.545  -3.499  1.00 38.45  ? 35  LYS A N   1 
ATOM   283  C  CA  . LYS A 1 35  ? 15.473  -1.040  -4.878  1.00 48.24  ? 35  LYS A CA  1 
ATOM   284  C  C   . LYS A 1 35  ? 16.828  -1.640  -5.301  1.00 43.83  ? 35  LYS A C   1 
ATOM   285  O  O   . LYS A 1 35  ? 17.009  -2.530  -6.090  1.00 45.11  ? 35  LYS A O   1 
ATOM   286  C  CB  . LYS A 1 35  ? 14.876  -0.093  -5.910  1.00 51.24  ? 35  LYS A CB  1 
ATOM   287  C  CG  . LYS A 1 35  ? 13.485  0.444   -5.542  1.00 52.67  ? 35  LYS A CG  1 
ATOM   288  C  CD  . LYS A 1 35  ? 12.543  0.575   -6.742  1.00 58.39  ? 35  LYS A CD  1 
ATOM   289  C  CE  . LYS A 1 35  ? 11.661  1.835   -6.808  1.00 100.00 ? 35  LYS A CE  1 
ATOM   290  N  NZ  . LYS A 1 35  ? 11.660  2.535   -8.127  1.00 100.00 ? 35  LYS A NZ  1 
ATOM   291  N  N   . SER A 1 36  ? 17.870  -1.202  -4.702  1.00 48.54  ? 36  SER A N   1 
ATOM   292  C  CA  . SER A 1 36  ? 19.124  -1.805  -5.057  1.00 40.44  ? 36  SER A CA  1 
ATOM   293  C  C   . SER A 1 36  ? 19.206  -3.277  -4.651  1.00 47.53  ? 36  SER A C   1 
ATOM   294  O  O   . SER A 1 36  ? 18.580  -3.839  -3.727  1.00 46.54  ? 36  SER A O   1 
ATOM   295  C  CB  . SER A 1 36  ? 20.336  -0.979  -4.584  1.00 43.91  ? 36  SER A CB  1 
ATOM   296  O  OG  . SER A 1 36  ? 21.213  -1.739  -3.757  1.00 69.89  ? 36  SER A OG  1 
ATOM   297  N  N   . PRO A 1 37  ? 20.075  -3.891  -5.431  1.00 56.58  ? 37  PRO A N   1 
ATOM   298  C  CA  . PRO A 1 37  ? 20.475  -5.291  -5.448  1.00 49.09  ? 37  PRO A CA  1 
ATOM   299  C  C   . PRO A 1 37  ? 21.389  -5.692  -4.296  1.00 56.52  ? 37  PRO A C   1 
ATOM   300  O  O   . PRO A 1 37  ? 21.466  -6.866  -3.869  1.00 64.24  ? 37  PRO A O   1 
ATOM   301  C  CB  . PRO A 1 37  ? 21.205  -5.424  -6.761  1.00 44.70  ? 37  PRO A CB  1 
ATOM   302  C  CG  . PRO A 1 37  ? 20.823  -4.250  -7.636  1.00 55.07  ? 37  PRO A CG  1 
ATOM   303  C  CD  . PRO A 1 37  ? 20.223  -3.193  -6.730  1.00 55.94  ? 37  PRO A CD  1 
ATOM   304  N  N   . SER A 1 38  ? 22.048  -4.686  -3.761  1.00 47.05  ? 38  SER A N   1 
ATOM   305  C  CA  . SER A 1 38  ? 22.917  -4.957  -2.662  1.00 45.24  ? 38  SER A CA  1 
ATOM   306  C  C   . SER A 1 38  ? 22.236  -5.303  -1.366  1.00 42.26  ? 38  SER A C   1 
ATOM   307  O  O   . SER A 1 38  ? 21.559  -4.518  -0.701  1.00 45.96  ? 38  SER A O   1 
ATOM   308  C  CB  . SER A 1 38  ? 24.082  -4.019  -2.449  1.00 28.00  ? 38  SER A CB  1 
ATOM   309  O  OG  . SER A 1 38  ? 25.050  -4.829  -1.756  1.00 100.00 ? 38  SER A OG  1 
ATOM   310  N  N   . LEU A 1 39  ? 22.425  -6.523  -1.005  1.00 36.44  ? 39  LEU A N   1 
ATOM   311  C  CA  . LEU A 1 39  ? 21.826  -6.891  0.216   1.00 42.42  ? 39  LEU A CA  1 
ATOM   312  C  C   . LEU A 1 39  ? 22.515  -6.145  1.326   1.00 42.70  ? 39  LEU A C   1 
ATOM   313  O  O   . LEU A 1 39  ? 21.993  -5.958  2.414   1.00 37.84  ? 39  LEU A O   1 
ATOM   314  C  CB  . LEU A 1 39  ? 21.755  -8.413  0.426   1.00 46.01  ? 39  LEU A CB  1 
ATOM   315  C  CG  . LEU A 1 39  ? 21.751  -8.702  1.912   1.00 46.15  ? 39  LEU A CG  1 
ATOM   316  C  CD1 . LEU A 1 39  ? 20.357  -8.615  2.522   1.00 49.06  ? 39  LEU A CD1 1 
ATOM   317  C  CD2 . LEU A 1 39  ? 22.337  -10.058 2.154   1.00 54.16  ? 39  LEU A CD2 1 
ATOM   318  N  N   . ASN A 1 40  ? 23.720  -5.718  1.043   1.00 41.10  ? 40  ASN A N   1 
ATOM   319  C  CA  . ASN A 1 40  ? 24.437  -4.962  2.047   1.00 48.24  ? 40  ASN A CA  1 
ATOM   320  C  C   . ASN A 1 40  ? 23.731  -3.608  2.170   1.00 45.56  ? 40  ASN A C   1 
ATOM   321  O  O   . ASN A 1 40  ? 23.489  -3.050  3.236   1.00 46.12  ? 40  ASN A O   1 
ATOM   322  C  CB  . ASN A 1 40  ? 25.911  -4.740  1.651   1.00 61.16  ? 40  ASN A CB  1 
ATOM   323  C  CG  . ASN A 1 40  ? 26.666  -6.010  1.864   1.00 92.74  ? 40  ASN A CG  1 
ATOM   324  O  OD1 . ASN A 1 40  ? 26.631  -6.518  2.987   1.00 55.18  ? 40  ASN A OD1 1 
ATOM   325  N  ND2 . ASN A 1 40  ? 27.225  -6.566  0.782   1.00 100.00 ? 40  ASN A ND2 1 
ATOM   326  N  N   . ALA A 1 41  ? 23.394  -3.080  1.029   1.00 36.34  ? 41  ALA A N   1 
ATOM   327  C  CA  . ALA A 1 41  ? 22.677  -1.837  0.987   1.00 35.84  ? 41  ALA A CA  1 
ATOM   328  C  C   . ALA A 1 41  ? 21.419  -1.966  1.859   1.00 40.74  ? 41  ALA A C   1 
ATOM   329  O  O   . ALA A 1 41  ? 21.089  -1.101  2.672   1.00 45.01  ? 41  ALA A O   1 
ATOM   330  C  CB  . ALA A 1 41  ? 22.269  -1.599  -0.477  1.00 31.15  ? 41  ALA A CB  1 
ATOM   331  N  N   . ALA A 1 42  ? 20.751  -3.086  1.659   1.00 32.14  ? 42  ALA A N   1 
ATOM   332  C  CA  . ALA A 1 42  ? 19.533  -3.376  2.354   1.00 30.26  ? 42  ALA A CA  1 
ATOM   333  C  C   . ALA A 1 42  ? 19.698  -3.365  3.869   1.00 39.89  ? 42  ALA A C   1 
ATOM   334  O  O   . ALA A 1 42  ? 18.861  -2.770  4.610   1.00 32.75  ? 42  ALA A O   1 
ATOM   335  C  CB  . ALA A 1 42  ? 18.782  -4.576  1.753   1.00 31.06  ? 42  ALA A CB  1 
ATOM   336  N  N   . LYS A 1 43  ? 20.773  -3.968  4.382   1.00 35.91  ? 43  LYS A N   1 
ATOM   337  C  CA  . LYS A 1 43  ? 21.004  -3.966  5.861   1.00 34.98  ? 43  LYS A CA  1 
ATOM   338  C  C   . LYS A 1 43  ? 21.213  -2.551  6.490   1.00 27.40  ? 43  LYS A C   1 
ATOM   339  O  O   . LYS A 1 43  ? 20.649  -2.178  7.567   1.00 31.01  ? 43  LYS A O   1 
ATOM   340  C  CB  . LYS A 1 43  ? 22.116  -4.906  6.285   1.00 36.89  ? 43  LYS A CB  1 
ATOM   341  C  CG  . LYS A 1 43  ? 22.001  -6.349  5.805   1.00 55.11  ? 43  LYS A CG  1 
ATOM   342  C  CD  . LYS A 1 43  ? 23.311  -7.135  5.980   1.00 100.00 ? 43  LYS A CD  1 
ATOM   343  C  CE  . LYS A 1 43  ? 23.152  -8.615  6.361   1.00 100.00 ? 43  LYS A CE  1 
ATOM   344  N  NZ  . LYS A 1 43  ? 24.366  -9.218  6.962   1.00 100.00 ? 43  LYS A NZ  1 
ATOM   345  N  N   . SER A 1 44  ? 21.984  -1.762  5.723   1.00 29.11  ? 44  SER A N   1 
ATOM   346  C  CA  . SER A 1 44  ? 22.296  -0.383  6.086   1.00 36.46  ? 44  SER A CA  1 
ATOM   347  C  C   . SER A 1 44  ? 21.014  0.437   6.255   1.00 31.96  ? 44  SER A C   1 
ATOM   348  O  O   . SER A 1 44  ? 20.790  1.084   7.277   1.00 34.65  ? 44  SER A O   1 
ATOM   349  C  CB  . SER A 1 44  ? 23.286  0.267   5.104   1.00 32.40  ? 44  SER A CB  1 
ATOM   350  O  OG  . SER A 1 44  ? 23.108  1.674   5.138   1.00 76.47  ? 44  SER A OG  1 
ATOM   351  N  N   . GLU A 1 45  ? 20.197  0.372   5.201   1.00 31.81  ? 45  GLU A N   1 
ATOM   352  C  CA  . GLU A 1 45  ? 18.915  1.004   5.162   1.00 28.20  ? 45  GLU A CA  1 
ATOM   353  C  C   . GLU A 1 45  ? 18.117  0.429   6.324   1.00 25.73  ? 45  GLU A C   1 
ATOM   354  O  O   . GLU A 1 45  ? 17.468  1.170   7.049   1.00 33.88  ? 45  GLU A O   1 
ATOM   355  C  CB  . GLU A 1 45  ? 18.233  0.622   3.849   1.00 26.50  ? 45  GLU A CB  1 
ATOM   356  C  CG  . GLU A 1 45  ? 18.922  1.297   2.678   1.00 32.82  ? 45  GLU A CG  1 
ATOM   357  C  CD  . GLU A 1 45  ? 18.886  2.798   2.892   1.00 42.94  ? 45  GLU A CD  1 
ATOM   358  O  OE1 . GLU A 1 45  ? 17.897  3.376   3.274   1.00 35.39  ? 45  GLU A OE1 1 
ATOM   359  O  OE2 . GLU A 1 45  ? 19.988  3.425   2.593   1.00 63.21  ? 45  GLU A OE2 1 
ATOM   360  N  N   . LEU A 1 46  ? 18.162  -0.886  6.549   1.00 23.34  ? 46  LEU A N   1 
ATOM   361  C  CA  . LEU A 1 46  ? 17.440  -1.409  7.685   1.00 25.14  ? 46  LEU A CA  1 
ATOM   362  C  C   . LEU A 1 46  ? 18.023  -0.865  9.026   1.00 43.75  ? 46  LEU A C   1 
ATOM   363  O  O   . LEU A 1 46  ? 17.337  -0.488  10.004  1.00 26.31  ? 46  LEU A O   1 
ATOM   364  C  CB  . LEU A 1 46  ? 17.571  -2.940  7.756   1.00 26.29  ? 46  LEU A CB  1 
ATOM   365  C  CG  . LEU A 1 46  ? 16.823  -3.488  8.982   1.00 28.71  ? 46  LEU A CG  1 
ATOM   366  C  CD1 . LEU A 1 46  ? 15.354  -3.056  8.971   1.00 26.89  ? 46  LEU A CD1 1 
ATOM   367  C  CD2 . LEU A 1 46  ? 16.850  -5.003  9.013   1.00 22.30  ? 46  LEU A CD2 1 
ATOM   368  N  N   . ASP A 1 47  ? 19.354  -0.810  9.120   1.00 32.67  ? 47  ASP A N   1 
ATOM   369  C  CA  . ASP A 1 47  ? 19.854  -0.320  10.369  1.00 29.18  ? 47  ASP A CA  1 
ATOM   370  C  C   . ASP A 1 47  ? 19.470  1.099   10.704  1.00 26.82  ? 47  ASP A C   1 
ATOM   371  O  O   . ASP A 1 47  ? 19.235  1.413   11.869  1.00 24.84  ? 47  ASP A O   1 
ATOM   372  C  CB  . ASP A 1 47  ? 21.353  -0.546  10.432  1.00 31.42  ? 47  ASP A CB  1 
ATOM   373  C  CG  . ASP A 1 47  ? 21.682  -2.015  10.616  1.00 33.95  ? 47  ASP A CG  1 
ATOM   374  O  OD1 . ASP A 1 47  ? 20.885  -2.959  10.720  1.00 49.08  ? 47  ASP A OD1 1 
ATOM   375  O  OD2 . ASP A 1 47  ? 22.957  -2.157  10.601  1.00 44.58  ? 47  ASP A OD2 1 
ATOM   376  N  N   . LYS A 1 48  ? 19.445  1.939   9.646   1.00 25.54  ? 48  LYS A N   1 
ATOM   377  C  CA  . LYS A 1 48  ? 19.121  3.360   9.662   1.00 25.23  ? 48  LYS A CA  1 
ATOM   378  C  C   . LYS A 1 48  ? 17.648  3.619   10.029  1.00 28.34  ? 48  LYS A C   1 
ATOM   379  O  O   . LYS A 1 48  ? 17.255  4.528   10.765  1.00 29.03  ? 48  LYS A O   1 
ATOM   380  C  CB  . LYS A 1 48  ? 19.478  3.861   8.295   1.00 22.75  ? 48  LYS A CB  1 
ATOM   381  C  CG  . LYS A 1 48  ? 18.923  5.223   7.906   1.00 25.35  ? 48  LYS A CG  1 
ATOM   382  C  CD  . LYS A 1 48  ? 19.741  5.847   6.767   1.00 29.23  ? 48  LYS A CD  1 
ATOM   383  C  CE  . LYS A 1 48  ? 19.354  5.434   5.388   1.00 31.33  ? 48  LYS A CE  1 
ATOM   384  N  NZ  . LYS A 1 48  ? 18.015  5.970   5.192   1.00 24.49  ? 48  LYS A NZ  1 
ATOM   385  N  N   . ALA A 1 49  ? 16.826  2.727   9.555   1.00 21.76  ? 49  ALA A N   1 
ATOM   386  C  CA  . ALA A 1 49  ? 15.431  2.749   9.786   1.00 24.63  ? 49  ALA A CA  1 
ATOM   387  C  C   . ALA A 1 49  ? 15.120  2.457   11.225  1.00 28.85  ? 49  ALA A C   1 
ATOM   388  O  O   . ALA A 1 49  ? 14.343  3.141   11.867  1.00 25.48  ? 49  ALA A O   1 
ATOM   389  C  CB  . ALA A 1 49  ? 14.747  1.732   8.859   1.00 23.73  ? 49  ALA A CB  1 
ATOM   390  N  N   . ILE A 1 50  ? 15.757  1.433   11.715  1.00 30.51  ? 50  ILE A N   1 
ATOM   391  C  CA  . ILE A 1 50  ? 15.533  0.959   13.074  1.00 27.61  ? 50  ILE A CA  1 
ATOM   392  C  C   . ILE A 1 50  ? 16.315  1.741   14.111  1.00 35.58  ? 50  ILE A C   1 
ATOM   393  O  O   . ILE A 1 50  ? 15.833  1.898   15.222  1.00 41.40  ? 50  ILE A O   1 
ATOM   394  C  CB  . ILE A 1 50  ? 15.787  -0.573  13.191  1.00 27.53  ? 50  ILE A CB  1 
ATOM   395  C  CG1 . ILE A 1 50  ? 14.744  -1.356  12.387  1.00 31.47  ? 50  ILE A CG1 1 
ATOM   396  C  CG2 . ILE A 1 50  ? 15.779  -1.129  14.606  1.00 26.35  ? 50  ILE A CG2 1 
ATOM   397  C  CD1 . ILE A 1 50  ? 13.318  -0.844  12.672  1.00 28.63  ? 50  ILE A CD1 1 
ATOM   398  N  N   . GLY A 1 51  ? 17.514  2.199   13.786  1.00 30.88  ? 51  GLY A N   1 
ATOM   399  C  CA  . GLY A 1 51  ? 18.290  2.904   14.805  1.00 34.36  ? 51  GLY A CA  1 
ATOM   400  C  C   . GLY A 1 51  ? 19.242  1.971   15.583  1.00 34.36  ? 51  GLY A C   1 
ATOM   401  O  O   . GLY A 1 51  ? 19.692  2.243   16.670  1.00 41.75  ? 51  GLY A O   1 
ATOM   402  N  N   . ARG A 1 52  ? 19.558  0.834   15.028  1.00 38.71  ? 52  ARG A N   1 
ATOM   403  C  CA  . ARG A 1 52  ? 20.455  -0.078  15.692  1.00 36.24  ? 52  ARG A CA  1 
ATOM   404  C  C   . ARG A 1 52  ? 20.941  -1.040  14.637  1.00 38.41  ? 52  ARG A C   1 
ATOM   405  O  O   . ARG A 1 52  ? 20.450  -0.976  13.504  1.00 36.93  ? 52  ARG A O   1 
ATOM   406  C  CB  . ARG A 1 52  ? 19.810  -0.808  16.857  1.00 35.12  ? 52  ARG A CB  1 
ATOM   407  C  CG  . ARG A 1 52  ? 18.749  -1.848  16.477  1.00 37.25  ? 52  ARG A CG  1 
ATOM   408  C  CD  . ARG A 1 52  ? 18.143  -2.529  17.710  1.00 41.46  ? 52  ARG A CD  1 
ATOM   409  N  NE  . ARG A 1 52  ? 17.126  -3.516  17.368  1.00 26.55  ? 52  ARG A NE  1 
ATOM   410  C  CZ  . ARG A 1 52  ? 17.354  -4.615  16.682  1.00 53.70  ? 52  ARG A CZ  1 
ATOM   411  N  NH1 . ARG A 1 52  ? 18.592  -4.902  16.303  1.00 45.72  ? 52  ARG A NH1 1 
ATOM   412  N  NH2 . ARG A 1 52  ? 16.332  -5.446  16.402  1.00 36.56  ? 52  ARG A NH2 1 
ATOM   413  N  N   . ASN A 1 53  ? 21.921  -1.874  15.012  1.00 38.47  ? 53  ASN A N   1 
ATOM   414  C  CA  . ASN A 1 53  ? 22.514  -2.876  14.130  1.00 43.36  ? 53  ASN A CA  1 
ATOM   415  C  C   . ASN A 1 53  ? 21.614  -4.095  14.238  1.00 50.14  ? 53  ASN A C   1 
ATOM   416  O  O   . ASN A 1 53  ? 21.559  -4.766  15.262  1.00 65.03  ? 53  ASN A O   1 
ATOM   417  C  CB  . ASN A 1 53  ? 24.049  -3.158  14.325  1.00 58.29  ? 53  ASN A CB  1 
ATOM   418  C  CG  . ASN A 1 53  ? 24.722  -3.617  12.990  1.00 100.00 ? 53  ASN A CG  1 
ATOM   419  O  OD1 . ASN A 1 53  ? 25.857  -3.184  12.662  1.00 100.00 ? 53  ASN A OD1 1 
ATOM   420  N  ND2 . ASN A 1 53  ? 24.004  -4.430  12.171  1.00 100.00 ? 53  ASN A ND2 1 
ATOM   421  N  N   . THR A 1 54  ? 20.836  -4.328  13.215  1.00 35.46  ? 54  THR A N   1 
ATOM   422  C  CA  . THR A 1 54  ? 19.876  -5.362  13.320  1.00 33.93  ? 54  THR A CA  1 
ATOM   423  C  C   . THR A 1 54  ? 20.455  -6.552  12.767  1.00 42.79  ? 54  THR A C   1 
ATOM   424  O  O   . THR A 1 54  ? 20.008  -7.638  13.084  1.00 50.11  ? 54  THR A O   1 
ATOM   425  C  CB  . THR A 1 54  ? 18.688  -4.969  12.418  1.00 31.02  ? 54  THR A CB  1 
ATOM   426  O  OG1 . THR A 1 54  ? 19.155  -4.723  11.056  1.00 32.72  ? 54  THR A OG1 1 
ATOM   427  C  CG2 . THR A 1 54  ? 18.102  -3.714  13.089  1.00 29.22  ? 54  THR A CG2 1 
ATOM   428  N  N   . ASN A 1 55  ? 21.376  -6.286  11.879  1.00 43.38  ? 55  ASN A N   1 
ATOM   429  C  CA  . ASN A 1 55  ? 21.948  -7.391  11.206  1.00 45.37  ? 55  ASN A CA  1 
ATOM   430  C  C   . ASN A 1 55  ? 20.869  -8.125  10.384  1.00 50.47  ? 55  ASN A C   1 
ATOM   431  O  O   . ASN A 1 55  ? 20.827  -9.370  10.347  1.00 46.98  ? 55  ASN A O   1 
ATOM   432  C  CB  . ASN A 1 55  ? 22.595  -8.329  12.255  1.00 70.45  ? 55  ASN A CB  1 
ATOM   433  C  CG  . ASN A 1 55  ? 23.597  -9.365  11.706  1.00 100.00 ? 55  ASN A CG  1 
ATOM   434  O  OD1 . ASN A 1 55  ? 24.491  -9.066  10.852  1.00 77.76  ? 55  ASN A OD1 1 
ATOM   435  N  ND2 . ASN A 1 55  ? 23.444  -10.593 12.243  1.00 47.78  ? 55  ASN A ND2 1 
ATOM   436  N  N   . GLY A 1 56  ? 19.985  -7.382  9.723   1.00 49.74  ? 56  GLY A N   1 
ATOM   437  C  CA  . GLY A 1 56  ? 18.951  -8.034  8.890   1.00 43.94  ? 56  GLY A CA  1 
ATOM   438  C  C   . GLY A 1 56  ? 17.714  -8.627  9.591   1.00 35.03  ? 56  GLY A C   1 
ATOM   439  O  O   . GLY A 1 56  ? 16.846  -9.134  8.925   1.00 31.34  ? 56  GLY A O   1 
ATOM   440  N  N   . VAL A 1 57  ? 17.607  -8.522  10.921  1.00 32.73  ? 57  VAL A N   1 
ATOM   441  C  CA  . VAL A 1 57  ? 16.489  -9.082  11.658  1.00 35.16  ? 57  VAL A CA  1 
ATOM   442  C  C   . VAL A 1 57  ? 15.879  -8.120  12.697  1.00 36.91  ? 57  VAL A C   1 
ATOM   443  O  O   . VAL A 1 57  ? 16.562  -7.429  13.448  1.00 39.13  ? 57  VAL A O   1 
ATOM   444  C  CB  . VAL A 1 57  ? 16.990  -10.378 12.291  1.00 39.37  ? 57  VAL A CB  1 
ATOM   445  C  CG1 . VAL A 1 57  ? 15.945  -11.084 13.122  1.00 41.91  ? 57  VAL A CG1 1 
ATOM   446  C  CG2 . VAL A 1 57  ? 17.376  -11.288 11.159  1.00 43.99  ? 57  VAL A CG2 1 
ATOM   447  N  N   . ILE A 1 58  ? 14.546  -8.058  12.757  1.00 36.95  ? 58  ILE A N   1 
ATOM   448  C  CA  . ILE A 1 58  ? 13.885  -7.152  13.705  1.00 29.17  ? 58  ILE A CA  1 
ATOM   449  C  C   . ILE A 1 58  ? 12.853  -7.854  14.513  1.00 32.45  ? 58  ILE A C   1 
ATOM   450  O  O   . ILE A 1 58  ? 12.462  -8.985  14.174  1.00 31.93  ? 58  ILE A O   1 
ATOM   451  C  CB  . ILE A 1 58  ? 13.163  -6.026  12.968  1.00 32.04  ? 58  ILE A CB  1 
ATOM   452  C  CG1 . ILE A 1 58  ? 12.058  -6.509  11.959  1.00 28.82  ? 58  ILE A CG1 1 
ATOM   453  C  CG2 . ILE A 1 58  ? 14.244  -5.163  12.319  1.00 29.38  ? 58  ILE A CG2 1 
ATOM   454  C  CD1 . ILE A 1 58  ? 11.273  -5.357  11.263  1.00 24.72  ? 58  ILE A CD1 1 
ATOM   455  N  N   . THR A 1 59  ? 12.381  -7.155  15.546  1.00 25.60  ? 59  THR A N   1 
ATOM   456  C  CA  . THR A 1 59  ? 11.375  -7.775  16.325  1.00 26.73  ? 59  THR A CA  1 
ATOM   457  C  C   . THR A 1 59  ? 10.022  -7.340  15.785  1.00 35.58  ? 59  THR A C   1 
ATOM   458  O  O   . THR A 1 59  ? 9.935   -6.388  15.025  1.00 30.48  ? 59  THR A O   1 
ATOM   459  C  CB  . THR A 1 59  ? 11.493  -7.309  17.776  1.00 36.97  ? 59  THR A CB  1 
ATOM   460  O  OG1 . THR A 1 59  ? 11.077  -5.970  17.814  1.00 35.51  ? 59  THR A OG1 1 
ATOM   461  C  CG2 . THR A 1 59  ? 12.937  -7.388  18.286  1.00 35.97  ? 59  THR A CG2 1 
ATOM   462  N  N   . LYS A 1 60  ? 8.977   -8.018  16.240  1.00 34.23  ? 60  LYS A N   1 
ATOM   463  C  CA  . LYS A 1 60  ? 7.565   -7.719  15.918  1.00 40.01  ? 60  LYS A CA  1 
ATOM   464  C  C   . LYS A 1 60  ? 7.201   -6.273  16.164  1.00 32.67  ? 60  LYS A C   1 
ATOM   465  O  O   . LYS A 1 60  ? 6.490   -5.580  15.408  1.00 26.74  ? 60  LYS A O   1 
ATOM   466  C  CB  . LYS A 1 60  ? 6.602   -8.479  16.837  1.00 51.37  ? 60  LYS A CB  1 
ATOM   467  C  CG  . LYS A 1 60  ? 5.214   -8.765  16.213  1.00 36.57  ? 60  LYS A CG  1 
ATOM   468  C  CD  . LYS A 1 60  ? 4.115   -9.184  17.190  1.00 92.06  ? 60  LYS A CD  1 
ATOM   469  C  CE  . LYS A 1 60  ? 2.835   -9.655  16.480  1.00 100.00 ? 60  LYS A CE  1 
ATOM   470  N  NZ  . LYS A 1 60  ? 1.927   -10.516 17.283  1.00 100.00 ? 60  LYS A NZ  1 
ATOM   471  N  N   . ASP A 1 61  ? 7.682   -5.855  17.312  1.00 29.77  ? 61  ASP A N   1 
ATOM   472  C  CA  . ASP A 1 61  ? 7.517   -4.504  17.790  1.00 37.25  ? 61  ASP A CA  1 
ATOM   473  C  C   . ASP A 1 61  ? 8.033   -3.508  16.794  1.00 31.74  ? 61  ASP A C   1 
ATOM   474  O  O   . ASP A 1 61  ? 7.325   -2.559  16.477  1.00 29.94  ? 61  ASP A O   1 
ATOM   475  C  CB  . ASP A 1 61  ? 8.251   -4.299  19.140  1.00 47.21  ? 61  ASP A CB  1 
ATOM   476  C  CG  . ASP A 1 61  ? 7.717   -5.325  20.080  1.00 95.19  ? 61  ASP A CG  1 
ATOM   477  O  OD1 . ASP A 1 61  ? 6.554   -5.277  20.485  1.00 85.60  ? 61  ASP A OD1 1 
ATOM   478  O  OD2 . ASP A 1 61  ? 8.574   -6.324  20.269  1.00 100.00 ? 61  ASP A OD2 1 
ATOM   479  N  N   . GLU A 1 62  ? 9.270   -3.759  16.357  1.00 31.39  ? 62  GLU A N   1 
ATOM   480  C  CA  . GLU A 1 62  ? 9.952   -2.935  15.384  1.00 25.69  ? 62  GLU A CA  1 
ATOM   481  C  C   . GLU A 1 62  ? 9.188   -2.836  14.069  1.00 26.68  ? 62  GLU A C   1 
ATOM   482  O  O   . GLU A 1 62  ? 9.036   -1.770  13.457  1.00 30.13  ? 62  GLU A O   1 
ATOM   483  C  CB  . GLU A 1 62  ? 11.245  -3.660  15.129  1.00 22.75  ? 62  GLU A CB  1 
ATOM   484  C  CG  . GLU A 1 62  ? 12.272  -2.951  15.949  1.00 30.95  ? 62  GLU A CG  1 
ATOM   485  C  CD  . GLU A 1 62  ? 13.484  -3.781  16.251  1.00 47.14  ? 62  GLU A CD  1 
ATOM   486  O  OE1 . GLU A 1 62  ? 13.881  -4.734  15.604  1.00 38.79  ? 62  GLU A OE1 1 
ATOM   487  O  OE2 . GLU A 1 62  ? 14.100  -3.284  17.280  1.00 34.13  ? 62  GLU A OE2 1 
ATOM   488  N  N   . ALA A 1 63  ? 8.705   -4.003  13.639  1.00 28.69  ? 63  ALA A N   1 
ATOM   489  C  CA  . ALA A 1 63  ? 7.922   -4.073  12.397  1.00 32.89  ? 63  ALA A CA  1 
ATOM   490  C  C   . ALA A 1 63  ? 6.612   -3.245  12.453  1.00 29.03  ? 63  ALA A C   1 
ATOM   491  O  O   . ALA A 1 63  ? 6.216   -2.611  11.456  1.00 26.78  ? 63  ALA A O   1 
ATOM   492  C  CB  . ALA A 1 63  ? 7.661   -5.539  12.019  1.00 28.64  ? 63  ALA A CB  1 
ATOM   493  N  N   . GLU A 1 64  ? 5.941   -3.311  13.650  1.00 22.55  ? 64  GLU A N   1 
ATOM   494  C  CA  . GLU A 1 64  ? 4.712   -2.619  13.868  1.00 19.23  ? 64  GLU A CA  1 
ATOM   495  C  C   . GLU A 1 64  ? 4.958   -1.163  13.886  1.00 20.89  ? 64  GLU A C   1 
ATOM   496  O  O   . GLU A 1 64  ? 4.129   -0.411  13.421  1.00 26.44  ? 64  GLU A O   1 
ATOM   497  C  CB  . GLU A 1 64  ? 4.000   -3.114  15.132  1.00 23.10  ? 64  GLU A CB  1 
ATOM   498  C  CG  . GLU A 1 64  ? 3.343   -4.475  14.892  1.00 30.70  ? 64  GLU A CG  1 
ATOM   499  C  CD  . GLU A 1 64  ? 2.736   -5.054  16.148  1.00 28.38  ? 64  GLU A CD  1 
ATOM   500  O  OE1 . GLU A 1 64  ? 3.017   -4.652  17.263  1.00 45.74  ? 64  GLU A OE1 1 
ATOM   501  O  OE2 . GLU A 1 64  ? 1.875   -5.994  15.900  1.00 65.26  ? 64  GLU A OE2 1 
ATOM   502  N  N   . LYS A 1 65  ? 6.136   -0.758  14.383  1.00 20.43  ? 65  LYS A N   1 
ATOM   503  C  CA  . LYS A 1 65  ? 6.531   0.666   14.406  1.00 20.52  ? 65  LYS A CA  1 
ATOM   504  C  C   . LYS A 1 65  ? 6.711   1.170   12.991  1.00 24.10  ? 65  LYS A C   1 
ATOM   505  O  O   . LYS A 1 65  ? 6.103   2.170   12.650  1.00 29.49  ? 65  LYS A O   1 
ATOM   506  C  CB  . LYS A 1 65  ? 7.769   1.048   15.248  1.00 27.42  ? 65  LYS A CB  1 
ATOM   507  C  CG  . LYS A 1 65  ? 7.885   2.556   15.641  1.00 46.67  ? 65  LYS A CG  1 
ATOM   508  C  CD  . LYS A 1 65  ? 8.582   2.817   17.003  1.00 100.00 ? 65  LYS A CD  1 
ATOM   509  C  CE  . LYS A 1 65  ? 9.263   4.186   17.249  1.00 52.84  ? 65  LYS A CE  1 
ATOM   510  N  NZ  . LYS A 1 65  ? 10.418  4.050   18.185  1.00 100.00 ? 65  LYS A NZ  1 
ATOM   511  N  N   . LEU A 1 66  ? 7.538   0.477   12.179  1.00 22.11  ? 66  LEU A N   1 
ATOM   512  C  CA  . LEU A 1 66  ? 7.686   0.881   10.795  1.00 22.06  ? 66  LEU A CA  1 
ATOM   513  C  C   . LEU A 1 66  ? 6.303   0.969   10.103  1.00 18.57  ? 66  LEU A C   1 
ATOM   514  O  O   . LEU A 1 66  ? 6.050   1.821   9.297   1.00 22.47  ? 66  LEU A O   1 
ATOM   515  C  CB  . LEU A 1 66  ? 8.453   -0.212  10.027  1.00 22.31  ? 66  LEU A CB  1 
ATOM   516  C  CG  . LEU A 1 66  ? 9.905   -0.384  10.436  1.00 32.63  ? 66  LEU A CG  1 
ATOM   517  C  CD1 . LEU A 1 66  ? 10.598  -1.455  9.541   1.00 24.92  ? 66  LEU A CD1 1 
ATOM   518  C  CD2 . LEU A 1 66  ? 10.593  0.984   10.345  1.00 25.01  ? 66  LEU A CD2 1 
ATOM   519  N  N   . PHE A 1 67  ? 5.432   0.014   10.405  1.00 19.99  ? 67  PHE A N   1 
ATOM   520  C  CA  . PHE A 1 67  ? 4.141   -0.043  9.808   1.00 19.13  ? 67  PHE A CA  1 
ATOM   521  C  C   . PHE A 1 67  ? 3.293   1.186   10.117  1.00 23.07  ? 67  PHE A C   1 
ATOM   522  O  O   . PHE A 1 67  ? 2.670   1.773   9.223   1.00 20.55  ? 67  PHE A O   1 
ATOM   523  C  CB  . PHE A 1 67  ? 3.488   -1.324  10.341  1.00 25.00  ? 67  PHE A CB  1 
ATOM   524  C  CG  . PHE A 1 67  ? 2.144   -1.660  9.646   1.00 27.55  ? 67  PHE A CG  1 
ATOM   525  C  CD1 . PHE A 1 67  ? 1.946   -1.390  8.287   1.00 28.23  ? 67  PHE A CD1 1 
ATOM   526  C  CD2 . PHE A 1 67  ? 1.104   -2.257  10.359  1.00 27.34  ? 67  PHE A CD2 1 
ATOM   527  C  CE1 . PHE A 1 67  ? 0.773   -1.727  7.612   1.00 23.26  ? 67  PHE A CE1 1 
ATOM   528  C  CE2 . PHE A 1 67  ? -0.083  -2.613  9.719   1.00 30.37  ? 67  PHE A CE2 1 
ATOM   529  C  CZ  . PHE A 1 67  ? -0.247  -2.327  8.357   1.00 24.77  ? 67  PHE A CZ  1 
ATOM   530  N  N   . ASN A 1 68  ? 3.252   1.541   11.426  1.00 25.88  ? 68  ASN A N   1 
ATOM   531  C  CA  . ASN A 1 68  ? 2.576   2.708   11.941  1.00 23.31  ? 68  ASN A CA  1 
ATOM   532  C  C   . ASN A 1 68  ? 2.993   3.999   11.186  1.00 26.14  ? 68  ASN A C   1 
ATOM   533  O  O   . ASN A 1 68  ? 2.209   4.860   10.774  1.00 24.24  ? 68  ASN A O   1 
ATOM   534  C  CB  . ASN A 1 68  ? 2.792   2.781   13.478  1.00 33.73  ? 68  ASN A CB  1 
ATOM   535  C  CG  . ASN A 1 68  ? 1.754   2.066   14.391  1.00 53.11  ? 68  ASN A CG  1 
ATOM   536  O  OD1 . ASN A 1 68  ? 0.579   2.346   14.281  1.00 68.42  ? 68  ASN A OD1 1 
ATOM   537  N  ND2 . ASN A 1 68  ? 2.141   1.302   15.430  1.00 37.06  ? 68  ASN A ND2 1 
ATOM   538  N  N   . GLN A 1 69  ? 4.300   4.105   10.962  1.00 25.62  ? 69  GLN A N   1 
ATOM   539  C  CA  . GLN A 1 69  ? 4.921   5.206   10.286  1.00 24.71  ? 69  GLN A CA  1 
ATOM   540  C  C   . GLN A 1 69  ? 4.519   5.312   8.855   1.00 19.80  ? 69  GLN A C   1 
ATOM   541  O  O   . GLN A 1 69  ? 4.249   6.402   8.325   1.00 26.39  ? 69  GLN A O   1 
ATOM   542  C  CB  . GLN A 1 69  ? 6.432   5.001   10.289  1.00 25.28  ? 69  GLN A CB  1 
ATOM   543  C  CG  . GLN A 1 69  ? 6.943   5.389   11.679  1.00 18.20  ? 69  GLN A CG  1 
ATOM   544  C  CD  . GLN A 1 69  ? 8.445   5.149   11.846  1.00 35.97  ? 69  GLN A CD  1 
ATOM   545  O  OE1 . GLN A 1 69  ? 9.035   5.426   12.885  1.00 35.45  ? 69  GLN A OE1 1 
ATOM   546  N  NE2 . GLN A 1 69  ? 9.096   4.731   10.788  1.00 21.76  ? 69  GLN A NE2 1 
ATOM   547  N  N   . ASP A 1 70  ? 4.575   4.143   8.263   1.00 18.78  ? 70  ASP A N   1 
ATOM   548  C  CA  . ASP A 1 70  ? 4.214   3.879   6.830   1.00 20.01  ? 70  ASP A CA  1 
ATOM   549  C  C   . ASP A 1 70  ? 2.746   4.214   6.541   1.00 16.88  ? 70  ASP A C   1 
ATOM   550  O  O   . ASP A 1 70  ? 2.435   4.858   5.566   1.00 21.91  ? 70  ASP A O   1 
ATOM   551  C  CB  . ASP A 1 70  ? 4.469   2.393   6.427   1.00 23.72  ? 70  ASP A CB  1 
ATOM   552  C  CG  . ASP A 1 70  ? 5.948   2.100   6.282   1.00 31.51  ? 70  ASP A CG  1 
ATOM   553  O  OD1 . ASP A 1 70  ? 6.719   3.006   6.239   1.00 24.21  ? 70  ASP A OD1 1 
ATOM   554  O  OD2 . ASP A 1 70  ? 6.319   0.834   6.240   1.00 25.18  ? 70  ASP A OD2 1 
ATOM   555  N  N   . VAL A 1 71  ? 1.823   3.776   7.408   1.00 20.29  ? 71  VAL A N   1 
ATOM   556  C  CA  . VAL A 1 71  ? 0.393   4.125   7.197   1.00 25.94  ? 71  VAL A CA  1 
ATOM   557  C  C   . VAL A 1 71  ? 0.227   5.652   7.323   1.00 33.14  ? 71  VAL A C   1 
ATOM   558  O  O   . VAL A 1 71  ? -0.366  6.357   6.496   1.00 24.70  ? 71  VAL A O   1 
ATOM   559  C  CB  . VAL A 1 71  ? -0.567  3.338   8.166   1.00 22.39  ? 71  VAL A CB  1 
ATOM   560  C  CG1 . VAL A 1 71  ? -2.020  3.832   8.020   1.00 18.27  ? 71  VAL A CG1 1 
ATOM   561  C  CG2 . VAL A 1 71  ? -0.464  1.821   7.884   1.00 16.08  ? 71  VAL A CG2 1 
ATOM   562  N  N   . ASP A 1 72  ? 0.820   6.186   8.389   1.00 27.27  ? 72  ASP A N   1 
ATOM   563  C  CA  . ASP A 1 72  ? 0.725   7.594   8.666   1.00 23.03  ? 72  ASP A CA  1 
ATOM   564  C  C   . ASP A 1 72  ? 1.265   8.401   7.537   1.00 22.07  ? 72  ASP A C   1 
ATOM   565  O  O   . ASP A 1 72  ? 0.640   9.285   7.029   1.00 26.02  ? 72  ASP A O   1 
ATOM   566  C  CB  . ASP A 1 72  ? 1.342   7.847   10.051  1.00 26.34  ? 72  ASP A CB  1 
ATOM   567  C  CG  . ASP A 1 72  ? 1.078   9.245   10.465  1.00 40.08  ? 72  ASP A CG  1 
ATOM   568  O  OD1 . ASP A 1 72  ? -0.109  9.665   10.107  1.00 88.05  ? 72  ASP A OD1 1 
ATOM   569  O  OD2 . ASP A 1 72  ? 1.913   9.930   10.990  1.00 34.40  ? 72  ASP A OD2 1 
ATOM   570  N  N   . ALA A 1 73  ? 2.415   8.054   7.078   1.00 23.78  ? 73  ALA A N   1 
ATOM   571  C  CA  . ALA A 1 73  ? 2.973   8.765   5.943   1.00 26.15  ? 73  ALA A CA  1 
ATOM   572  C  C   . ALA A 1 73  ? 2.051   8.652   4.714   1.00 29.37  ? 73  ALA A C   1 
ATOM   573  O  O   . ALA A 1 73  ? 1.863   9.599   3.956   1.00 29.90  ? 73  ALA A O   1 
ATOM   574  C  CB  . ALA A 1 73  ? 4.308   8.085   5.552   1.00 24.46  ? 73  ALA A CB  1 
ATOM   575  N  N   . ALA A 1 74  ? 1.464   7.457   4.504   1.00 27.82  ? 74  ALA A N   1 
ATOM   576  C  CA  . ALA A 1 74  ? 0.557   7.228   3.384   1.00 24.66  ? 74  ALA A CA  1 
ATOM   577  C  C   . ALA A 1 74  ? -0.589  8.182   3.481   1.00 28.56  ? 74  ALA A C   1 
ATOM   578  O  O   . ALA A 1 74  ? -0.909  8.914   2.513   1.00 24.81  ? 74  ALA A O   1 
ATOM   579  C  CB  . ALA A 1 74  ? 0.084   5.806   3.075   1.00 18.81  ? 74  ALA A CB  1 
ATOM   580  N  N   . VAL A 1 75  ? -1.145  8.245   4.681   1.00 30.20  ? 75  VAL A N   1 
ATOM   581  C  CA  . VAL A 1 75  ? -2.258  9.184   4.858   1.00 42.27  ? 75  VAL A CA  1 
ATOM   582  C  C   . VAL A 1 75  ? -1.894  10.643  4.543   1.00 43.46  ? 75  VAL A C   1 
ATOM   583  O  O   . VAL A 1 75  ? -2.628  11.382  3.831   1.00 31.65  ? 75  VAL A O   1 
ATOM   584  C  CB  . VAL A 1 75  ? -2.943  9.124   6.225   1.00 38.85  ? 75  VAL A CB  1 
ATOM   585  C  CG1 . VAL A 1 75  ? -4.083  10.127  6.144   1.00 39.05  ? 75  VAL A CG1 1 
ATOM   586  C  CG2 . VAL A 1 75  ? -3.556  7.758   6.389   1.00 33.75  ? 75  VAL A CG2 1 
ATOM   587  N  N   . ARG A 1 76  ? -0.756  11.038  5.124   1.00 28.53  ? 76  ARG A N   1 
ATOM   588  C  CA  . ARG A 1 76  ? -0.337  12.402  4.970   1.00 30.01  ? 76  ARG A CA  1 
ATOM   589  C  C   . ARG A 1 76  ? 0.033   12.650  3.527   1.00 31.60  ? 76  ARG A C   1 
ATOM   590  O  O   . ARG A 1 76  ? -0.200  13.683  2.909   1.00 33.42  ? 76  ARG A O   1 
ATOM   591  C  CB  . ARG A 1 76  ? 0.684   12.825  6.029   1.00 35.52  ? 76  ARG A CB  1 
ATOM   592  C  CG  . ARG A 1 76  ? 0.107   13.199  7.421   1.00 58.39  ? 76  ARG A CG  1 
ATOM   593  C  CD  . ARG A 1 76  ? 1.161   13.207  8.568   1.00 52.01  ? 76  ARG A CD  1 
ATOM   594  N  NE  . ARG A 1 76  ? 2.042   12.018  8.479   1.00 100.00 ? 76  ARG A NE  1 
ATOM   595  C  CZ  . ARG A 1 76  ? 3.399   12.004  8.407   1.00 100.00 ? 76  ARG A CZ  1 
ATOM   596  N  NH1 . ARG A 1 76  ? 4.108   13.156  8.465   1.00 100.00 ? 76  ARG A NH1 1 
ATOM   597  N  NH2 . ARG A 1 76  ? 4.059   10.809  8.272   1.00 43.35  ? 76  ARG A NH2 1 
ATOM   598  N  N   . GLY A 1 77  ? 0.549   11.649  2.912   1.00 24.60  ? 77  GLY A N   1 
ATOM   599  C  CA  . GLY A 1 77  ? 0.812   11.909  1.516   1.00 27.25  ? 77  GLY A CA  1 
ATOM   600  C  C   . GLY A 1 77  ? -0.437  12.288  0.701   1.00 39.00  ? 77  GLY A C   1 
ATOM   601  O  O   . GLY A 1 77  ? -0.514  13.285  0.013   1.00 42.89  ? 77  GLY A O   1 
ATOM   602  N  N   . ILE A 1 78  ? -1.434  11.471  0.778   1.00 30.68  ? 78  ILE A N   1 
ATOM   603  C  CA  . ILE A 1 78  ? -2.685  11.726  0.088   1.00 26.06  ? 78  ILE A CA  1 
ATOM   604  C  C   . ILE A 1 78  ? -3.157  13.135  0.346   1.00 33.95  ? 78  ILE A C   1 
ATOM   605  O  O   . ILE A 1 78  ? -3.484  13.899  -0.561  1.00 30.42  ? 78  ILE A O   1 
ATOM   606  C  CB  . ILE A 1 78  ? -3.745  10.767  0.651   1.00 21.72  ? 78  ILE A CB  1 
ATOM   607  C  CG1 . ILE A 1 78  ? -3.555  9.383   0.002   1.00 20.67  ? 78  ILE A CG1 1 
ATOM   608  C  CG2 . ILE A 1 78  ? -5.136  11.234  0.308   1.00 14.78  ? 78  ILE A CG2 1 
ATOM   609  C  CD1 . ILE A 1 78  ? -4.293  8.263   0.742   1.00 20.53  ? 78  ILE A CD1 1 
ATOM   610  N  N   . LEU A 1 79  ? -3.196  13.462  1.639   1.00 36.29  ? 79  LEU A N   1 
ATOM   611  C  CA  . LEU A 1 79  ? -3.697  14.754  2.087   1.00 32.68  ? 79  LEU A CA  1 
ATOM   612  C  C   . LEU A 1 79  ? -2.991  15.970  1.650   1.00 48.66  ? 79  LEU A C   1 
ATOM   613  O  O   . LEU A 1 79  ? -3.497  17.072  1.883   1.00 49.02  ? 79  LEU A O   1 
ATOM   614  C  CB  . LEU A 1 79  ? -4.230  14.904  3.521   1.00 28.95  ? 79  LEU A CB  1 
ATOM   615  C  CG  . LEU A 1 79  ? -5.271  13.805  3.823   1.00 37.95  ? 79  LEU A CG  1 
ATOM   616  C  CD1 . LEU A 1 79  ? -5.385  13.585  5.329   1.00 48.67  ? 79  LEU A CD1 1 
ATOM   617  C  CD2 . LEU A 1 79  ? -6.661  13.959  3.151   1.00 35.25  ? 79  LEU A CD2 1 
ATOM   618  N  N   . ARG A 1 80  ? -1.848  15.743  1.052   1.00 42.27  ? 80  ARG A N   1 
ATOM   619  C  CA  . ARG A 1 80  ? -1.067  16.845  0.556   1.00 49.69  ? 80  ARG A CA  1 
ATOM   620  C  C   . ARG A 1 80  ? -0.915  16.669  -0.916  1.00 61.24  ? 80  ARG A C   1 
ATOM   621  O  O   . ARG A 1 80  ? -0.298  17.499  -1.539  1.00 69.42  ? 80  ARG A O   1 
ATOM   622  C  CB  . ARG A 1 80  ? 0.337   16.934  1.145   1.00 59.23  ? 80  ARG A CB  1 
ATOM   623  C  CG  . ARG A 1 80  ? 0.437   16.839  2.681   1.00 75.34  ? 80  ARG A CG  1 
ATOM   624  C  CD  . ARG A 1 80  ? 1.889   16.655  3.100   1.00 100.00 ? 80  ARG A CD  1 
ATOM   625  N  NE  . ARG A 1 80  ? 2.629   15.934  2.044   1.00 100.00 ? 80  ARG A NE  1 
ATOM   626  C  CZ  . ARG A 1 80  ? 3.752   15.166  2.159   1.00 100.00 ? 80  ARG A CZ  1 
ATOM   627  N  NH1 . ARG A 1 80  ? 4.353   15.011  3.367   1.00 100.00 ? 80  ARG A NH1 1 
ATOM   628  N  NH2 . ARG A 1 80  ? 4.294   14.547  1.065   1.00 100.00 ? 80  ARG A NH2 1 
ATOM   629  N  N   . ASN A 1 81  ? -1.423  15.555  -1.444  1.00 48.72  ? 81  ASN A N   1 
ATOM   630  C  CA  . ASN A 1 81  ? -1.312  15.367  -2.847  1.00 37.76  ? 81  ASN A CA  1 
ATOM   631  C  C   . ASN A 1 81  ? -2.521  16.003  -3.459  1.00 48.45  ? 81  ASN A C   1 
ATOM   632  O  O   . ASN A 1 81  ? -3.666  15.831  -3.013  1.00 56.57  ? 81  ASN A O   1 
ATOM   633  C  CB  . ASN A 1 81  ? -1.090  13.941  -3.265  1.00 38.59  ? 81  ASN A CB  1 
ATOM   634  C  CG  . ASN A 1 81  ? -0.798  13.949  -4.740  1.00 39.89  ? 81  ASN A CG  1 
ATOM   635  O  OD1 . ASN A 1 81  ? -1.607  14.415  -5.535  1.00 51.08  ? 81  ASN A OD1 1 
ATOM   636  N  ND2 . ASN A 1 81  ? 0.362   13.483  -5.127  1.00 86.44  ? 81  ASN A ND2 1 
ATOM   637  N  N   . ALA A 1 82  ? -2.283  16.799  -4.471  1.00 63.08  ? 82  ALA A N   1 
ATOM   638  C  CA  . ALA A 1 82  ? -3.430  17.500  -5.086  1.00 67.34  ? 82  ALA A CA  1 
ATOM   639  C  C   . ALA A 1 82  ? -4.419  16.779  -6.043  1.00 59.85  ? 82  ALA A C   1 
ATOM   640  O  O   . ALA A 1 82  ? -5.576  17.142  -6.205  1.00 46.16  ? 82  ALA A O   1 
ATOM   641  C  CB  . ALA A 1 82  ? -3.236  18.973  -5.317  1.00 64.24  ? 82  ALA A CB  1 
ATOM   642  N  N   . LYS A 1 83  ? -3.981  15.738  -6.685  1.00 65.36  ? 83  LYS A N   1 
ATOM   643  C  CA  . LYS A 1 83  ? -4.922  15.074  -7.499  1.00 73.82  ? 83  LYS A CA  1 
ATOM   644  C  C   . LYS A 1 83  ? -5.762  14.315  -6.506  1.00 61.60  ? 83  LYS A C   1 
ATOM   645  O  O   . LYS A 1 83  ? -6.983  14.283  -6.610  1.00 62.03  ? 83  LYS A O   1 
ATOM   646  C  CB  . LYS A 1 83  ? -4.215  14.135  -8.476  1.00 93.72  ? 83  LYS A CB  1 
ATOM   647  C  CG  . LYS A 1 83  ? -3.949  14.787  -9.849  1.00 100.00 ? 83  LYS A CG  1 
ATOM   648  C  CD  . LYS A 1 83  ? -5.201  15.216  -10.653 1.00 100.00 ? 83  LYS A CD  1 
ATOM   649  C  CE  . LYS A 1 83  ? -4.870  15.933  -11.974 1.00 100.00 ? 83  LYS A CE  1 
ATOM   650  N  NZ  . LYS A 1 83  ? -3.770  16.935  -11.883 1.00 100.00 ? 83  LYS A NZ  1 
ATOM   651  N  N   . LEU A 1 84  ? -5.013  13.786  -5.514  1.00 47.56  ? 84  LEU A N   1 
ATOM   652  C  CA  . LEU A 1 84  ? -5.478  12.918  -4.420  1.00 36.51  ? 84  LEU A CA  1 
ATOM   653  C  C   . LEU A 1 84  ? -6.454  13.381  -3.370  1.00 24.57  ? 84  LEU A C   1 
ATOM   654  O  O   . LEU A 1 84  ? -7.410  12.696  -3.014  1.00 35.97  ? 84  LEU A O   1 
ATOM   655  C  CB  . LEU A 1 84  ? -4.376  12.037  -3.784  1.00 32.64  ? 84  LEU A CB  1 
ATOM   656  C  CG  . LEU A 1 84  ? -3.517  11.336  -4.827  1.00 43.22  ? 84  LEU A CG  1 
ATOM   657  C  CD1 . LEU A 1 84  ? -2.291  10.701  -4.163  1.00 42.85  ? 84  LEU A CD1 1 
ATOM   658  C  CD2 . LEU A 1 84  ? -4.353  10.320  -5.619  1.00 38.29  ? 84  LEU A CD2 1 
ATOM   659  N  N   . LYS A 1 85  ? -6.129  14.479  -2.766  1.00 28.22  ? 85  LYS A N   1 
ATOM   660  C  CA  . LYS A 1 85  ? -6.930  14.955  -1.676  1.00 30.32  ? 85  LYS A CA  1 
ATOM   661  C  C   . LYS A 1 85  ? -8.431  15.033  -1.896  1.00 33.01  ? 85  LYS A C   1 
ATOM   662  O  O   . LYS A 1 85  ? -9.273  14.613  -1.065  1.00 30.22  ? 85  LYS A O   1 
ATOM   663  C  CB  . LYS A 1 85  ? -6.338  16.261  -1.153  1.00 31.10  ? 85  LYS A CB  1 
ATOM   664  C  CG  . LYS A 1 85  ? -7.049  16.606  0.117   1.00 29.20  ? 85  LYS A CG  1 
ATOM   665  C  CD  . LYS A 1 85  ? -6.762  17.956  0.715   1.00 38.59  ? 85  LYS A CD  1 
ATOM   666  C  CE  . LYS A 1 85  ? -7.241  17.959  2.154   1.00 46.95  ? 85  LYS A CE  1 
ATOM   667  N  NZ  . LYS A 1 85  ? -8.532  18.638  2.352   1.00 100.00 ? 85  LYS A NZ  1 
ATOM   668  N  N   . PRO A 1 86  ? -8.787  15.626  -3.013  1.00 35.55  ? 86  PRO A N   1 
ATOM   669  C  CA  . PRO A 1 86  ? -10.195 15.807  -3.299  1.00 41.50  ? 86  PRO A CA  1 
ATOM   670  C  C   . PRO A 1 86  ? -10.924 14.489  -3.469  1.00 31.28  ? 86  PRO A C   1 
ATOM   671  O  O   . PRO A 1 86  ? -12.050 14.322  -3.076  1.00 31.19  ? 86  PRO A O   1 
ATOM   672  C  CB  . PRO A 1 86  ? -10.249 16.633  -4.596  1.00 44.65  ? 86  PRO A CB  1 
ATOM   673  C  CG  . PRO A 1 86  ? -8.835  16.677  -5.168  1.00 49.47  ? 86  PRO A CG  1 
ATOM   674  C  CD  . PRO A 1 86  ? -7.989  15.834  -4.245  1.00 38.77  ? 86  PRO A CD  1 
ATOM   675  N  N   . VAL A 1 87  ? -10.259 13.529  -4.083  1.00 26.14  ? 87  VAL A N   1 
ATOM   676  C  CA  . VAL A 1 87  ? -10.892 12.248  -4.178  1.00 27.53  ? 87  VAL A CA  1 
ATOM   677  C  C   . VAL A 1 87  ? -11.138 11.658  -2.810  1.00 24.21  ? 87  VAL A C   1 
ATOM   678  O  O   . VAL A 1 87  ? -12.182 11.214  -2.447  1.00 29.47  ? 87  VAL A O   1 
ATOM   679  C  CB  . VAL A 1 87  ? -9.869  11.363  -4.792  1.00 34.98  ? 87  VAL A CB  1 
ATOM   680  C  CG1 . VAL A 1 87  ? -10.386 9.926   -4.852  1.00 35.54  ? 87  VAL A CG1 1 
ATOM   681  C  CG2 . VAL A 1 87  ? -9.543  11.937  -6.169  1.00 32.12  ? 87  VAL A CG2 1 
ATOM   682  N  N   . TYR A 1 88  ? -10.116 11.661  -2.048  1.00 25.99  ? 88  TYR A N   1 
ATOM   683  C  CA  . TYR A 1 88  ? -10.187 11.132  -0.740  1.00 25.38  ? 88  TYR A CA  1 
ATOM   684  C  C   . TYR A 1 88  ? -11.245 11.767  0.109   1.00 26.86  ? 88  TYR A C   1 
ATOM   685  O  O   . TYR A 1 88  ? -11.990 11.143  0.862   1.00 29.53  ? 88  TYR A O   1 
ATOM   686  C  CB  . TYR A 1 88  ? -8.888  11.547  -0.115  1.00 35.36  ? 88  TYR A CB  1 
ATOM   687  C  CG  . TYR A 1 88  ? -8.755  10.921  1.241   1.00 35.15  ? 88  TYR A CG  1 
ATOM   688  C  CD1 . TYR A 1 88  ? -8.231  9.627   1.350   1.00 30.87  ? 88  TYR A CD1 1 
ATOM   689  C  CD2 . TYR A 1 88  ? -9.157  11.618  2.383   1.00 32.08  ? 88  TYR A CD2 1 
ATOM   690  C  CE1 . TYR A 1 88  ? -8.103  9.034   2.612   1.00 35.74  ? 88  TYR A CE1 1 
ATOM   691  C  CE2 . TYR A 1 88  ? -9.055  11.010  3.636   1.00 32.01  ? 88  TYR A CE2 1 
ATOM   692  C  CZ  . TYR A 1 88  ? -8.507  9.723   3.763   1.00 49.72  ? 88  TYR A CZ  1 
ATOM   693  O  OH  . TYR A 1 88  ? -8.347  9.126   5.017   1.00 34.09  ? 88  TYR A OH  1 
ATOM   694  N  N   . ASP A 1 89  ? -11.284 13.048  0.059   1.00 23.89  ? 89  ASP A N   1 
ATOM   695  C  CA  . ASP A 1 89  ? -12.305 13.724  0.823   1.00 19.16  ? 89  ASP A CA  1 
ATOM   696  C  C   . ASP A 1 89  ? -13.710 13.450  0.328   1.00 29.37  ? 89  ASP A C   1 
ATOM   697  O  O   . ASP A 1 89  ? -14.656 13.597  1.056   1.00 30.97  ? 89  ASP A O   1 
ATOM   698  C  CB  . ASP A 1 89  ? -12.102 15.196  0.550   1.00 23.04  ? 89  ASP A CB  1 
ATOM   699  C  CG  . ASP A 1 89  ? -10.927 15.724  1.302   1.00 44.18  ? 89  ASP A CG  1 
ATOM   700  O  OD1 . ASP A 1 89  ? -10.277 14.918  2.131   1.00 42.50  ? 89  ASP A OD1 1 
ATOM   701  O  OD2 . ASP A 1 89  ? -10.663 16.866  1.139   1.00 40.97  ? 89  ASP A OD2 1 
ATOM   702  N  N   . SER A 1 90  ? -13.868 13.100  -0.936  1.00 28.70  ? 90  SER A N   1 
ATOM   703  C  CA  . SER A 1 90  ? -15.176 12.812  -1.458  1.00 22.89  ? 90  SER A CA  1 
ATOM   704  C  C   . SER A 1 90  ? -15.662 11.432  -1.008  1.00 27.63  ? 90  SER A C   1 
ATOM   705  O  O   . SER A 1 90  ? -16.827 11.078  -1.058  1.00 32.88  ? 90  SER A O   1 
ATOM   706  C  CB  . SER A 1 90  ? -14.999 12.873  -2.980  1.00 20.09  ? 90  SER A CB  1 
ATOM   707  O  OG  . SER A 1 90  ? -14.539 11.629  -3.534  1.00 26.99  ? 90  SER A OG  1 
ATOM   708  N  N   . LEU A 1 91  ? -14.747 10.593  -0.584  1.00 22.84  ? 91  LEU A N   1 
ATOM   709  C  CA  . LEU A 1 91  ? -15.086 9.222   -0.274  1.00 22.24  ? 91  LEU A CA  1 
ATOM   710  C  C   . LEU A 1 91  ? -15.622 8.891   1.102   1.00 34.81  ? 91  LEU A C   1 
ATOM   711  O  O   . LEU A 1 91  ? -15.387 9.551   2.080   1.00 27.02  ? 91  LEU A O   1 
ATOM   712  C  CB  . LEU A 1 91  ? -13.809 8.364   -0.471  1.00 22.79  ? 91  LEU A CB  1 
ATOM   713  C  CG  . LEU A 1 91  ? -13.266 8.277   -1.922  1.00 31.78  ? 91  LEU A CG  1 
ATOM   714  C  CD1 . LEU A 1 91  ? -11.935 7.553   -1.986  1.00 21.74  ? 91  LEU A CD1 1 
ATOM   715  C  CD2 . LEU A 1 91  ? -14.222 7.584   -2.895  1.00 22.46  ? 91  LEU A CD2 1 
ATOM   716  N  N   . ASP A 1 92  ? -16.317 7.771   1.200   1.00 31.21  ? 92  ASP A N   1 
ATOM   717  C  CA  . ASP A 1 92  ? -16.740 7.290   2.499   1.00 21.65  ? 92  ASP A CA  1 
ATOM   718  C  C   . ASP A 1 92  ? -15.517 6.613   3.160   1.00 25.43  ? 92  ASP A C   1 
ATOM   719  O  O   . ASP A 1 92  ? -14.430 6.450   2.600   1.00 24.82  ? 92  ASP A O   1 
ATOM   720  C  CB  . ASP A 1 92  ? -17.870 6.262   2.355   1.00 23.83  ? 92  ASP A CB  1 
ATOM   721  C  CG  . ASP A 1 92  ? -17.406 5.092   1.569   1.00 21.94  ? 92  ASP A CG  1 
ATOM   722  O  OD1 . ASP A 1 92  ? -17.441 5.348   0.316   1.00 30.37  ? 92  ASP A OD1 1 
ATOM   723  O  OD2 . ASP A 1 92  ? -16.967 4.077   2.039   1.00 26.89  ? 92  ASP A OD2 1 
ATOM   724  N  N   . ALA A 1 93  ? -15.656 6.215   4.391   1.00 27.51  ? 93  ALA A N   1 
ATOM   725  C  CA  . ALA A 1 93  ? -14.525 5.640   5.058   1.00 26.89  ? 93  ALA A CA  1 
ATOM   726  C  C   . ALA A 1 93  ? -13.971 4.295   4.570   1.00 24.92  ? 93  ALA A C   1 
ATOM   727  O  O   . ALA A 1 93  ? -12.764 4.062   4.800   1.00 22.58  ? 93  ALA A O   1 
ATOM   728  C  CB  . ALA A 1 93  ? -14.674 5.690   6.582   1.00 28.25  ? 93  ALA A CB  1 
ATOM   729  N  N   . VAL A 1 94  ? -14.804 3.375   3.990   1.00 24.68  ? 94  VAL A N   1 
ATOM   730  C  CA  . VAL A 1 94  ? -14.210 2.093   3.584   1.00 19.92  ? 94  VAL A CA  1 
ATOM   731  C  C   . VAL A 1 94  ? -13.312 2.348   2.375   1.00 24.24  ? 94  VAL A C   1 
ATOM   732  O  O   . VAL A 1 94  ? -12.146 1.893   2.240   1.00 23.55  ? 94  VAL A O   1 
ATOM   733  C  CB  . VAL A 1 94  ? -15.314 1.048   3.358   1.00 25.12  ? 94  VAL A CB  1 
ATOM   734  C  CG1 . VAL A 1 94  ? -14.792 -0.346  2.932   1.00 20.28  ? 94  VAL A CG1 1 
ATOM   735  C  CG2 . VAL A 1 94  ? -15.897 0.837   4.726   1.00 21.79  ? 94  VAL A CG2 1 
ATOM   736  N  N   . ARG A 1 95  ? -13.930 3.126   1.483   1.00 21.05  ? 95  ARG A N   1 
ATOM   737  C  CA  . ARG A 1 95  ? -13.324 3.487   0.233   1.00 17.01  ? 95  ARG A CA  1 
ATOM   738  C  C   . ARG A 1 95  ? -12.088 4.257   0.447   1.00 21.59  ? 95  ARG A C   1 
ATOM   739  O  O   . ARG A 1 95  ? -11.156 4.055   -0.323  1.00 28.97  ? 95  ARG A O   1 
ATOM   740  C  CB  . ARG A 1 95  ? -14.249 4.084   -0.816  1.00 12.24  ? 95  ARG A CB  1 
ATOM   741  C  CG  . ARG A 1 95  ? -15.369 3.130   -1.225  1.00 24.79  ? 95  ARG A CG  1 
ATOM   742  C  CD  . ARG A 1 95  ? -16.211 3.825   -2.275  1.00 25.09  ? 95  ARG A CD  1 
ATOM   743  N  NE  . ARG A 1 95  ? -17.201 2.972   -2.912  1.00 25.53  ? 95  ARG A NE  1 
ATOM   744  C  CZ  . ARG A 1 95  ? -18.437 2.787   -2.457  1.00 26.50  ? 95  ARG A CZ  1 
ATOM   745  N  NH1 . ARG A 1 95  ? -18.834 3.306   -1.297  1.00 26.74  ? 95  ARG A NH1 1 
ATOM   746  N  NH2 . ARG A 1 95  ? -19.277 2.035   -3.185  1.00 22.93  ? 95  ARG A NH2 1 
ATOM   747  N  N   . ARG A 1 96  ? -12.051 5.123   1.502   1.00 24.70  ? 96  ARG A N   1 
ATOM   748  C  CA  . ARG A 1 96  ? -10.778 5.842   1.823   1.00 27.74  ? 96  ARG A CA  1 
ATOM   749  C  C   . ARG A 1 96  ? -9.614  4.858   2.153   1.00 20.05  ? 96  ARG A C   1 
ATOM   750  O  O   . ARG A 1 96  ? -8.477  5.011   1.737   1.00 22.46  ? 96  ARG A O   1 
ATOM   751  C  CB  . ARG A 1 96  ? -10.960 6.730   3.022   1.00 25.25  ? 96  ARG A CB  1 
ATOM   752  C  CG  . ARG A 1 96  ? -11.732 7.926   2.576   1.00 25.31  ? 96  ARG A CG  1 
ATOM   753  C  CD  . ARG A 1 96  ? -11.907 8.758   3.816   1.00 26.40  ? 96  ARG A CD  1 
ATOM   754  N  NE  . ARG A 1 96  ? -12.602 9.922   3.407   1.00 35.20  ? 96  ARG A NE  1 
ATOM   755  C  CZ  . ARG A 1 96  ? -13.019 10.824  4.257   1.00 48.93  ? 96  ARG A CZ  1 
ATOM   756  N  NH1 . ARG A 1 96  ? -12.790 10.722  5.569   1.00 41.47  ? 96  ARG A NH1 1 
ATOM   757  N  NH2 . ARG A 1 96  ? -13.674 11.857  3.744   1.00 31.49  ? 96  ARG A NH2 1 
ATOM   758  N  N   . ALA A 1 97  ? -9.949  3.788   2.873   1.00 23.36  ? 97  ALA A N   1 
ATOM   759  C  CA  . ALA A 1 97  ? -9.027  2.714   3.233   1.00 22.15  ? 97  ALA A CA  1 
ATOM   760  C  C   . ALA A 1 97  ? -8.420  2.093   1.989   1.00 22.03  ? 97  ALA A C   1 
ATOM   761  O  O   . ALA A 1 97  ? -7.224  1.782   1.968   1.00 24.66  ? 97  ALA A O   1 
ATOM   762  C  CB  . ALA A 1 97  ? -9.874  1.639   3.947   1.00 19.43  ? 97  ALA A CB  1 
ATOM   763  N  N   . ALA A 1 98  ? -9.284  1.850   0.966   1.00 23.78  ? 98  ALA A N   1 
ATOM   764  C  CA  . ALA A 1 98  ? -8.862  1.250   -0.299  1.00 24.50  ? 98  ALA A CA  1 
ATOM   765  C  C   . ALA A 1 98  ? -7.803  2.100   -1.019  1.00 20.91  ? 98  ALA A C   1 
ATOM   766  O  O   . ALA A 1 98  ? -6.805  1.644   -1.558  1.00 21.15  ? 98  ALA A O   1 
ATOM   767  C  CB  . ALA A 1 98  ? -10.120 1.125   -1.156  1.00 23.01  ? 98  ALA A CB  1 
ATOM   768  N  N   . LEU A 1 99  ? -8.044  3.392   -0.980  1.00 16.82  ? 99  LEU A N   1 
ATOM   769  C  CA  . LEU A 1 99  ? -7.145  4.356   -1.576  1.00 22.48  ? 99  LEU A CA  1 
ATOM   770  C  C   . LEU A 1 99  ? -5.818  4.387   -0.817  1.00 24.29  ? 99  LEU A C   1 
ATOM   771  O  O   . LEU A 1 99  ? -4.726  4.484   -1.403  1.00 26.38  ? 99  LEU A O   1 
ATOM   772  C  CB  . LEU A 1 99  ? -7.822  5.767   -1.529  1.00 21.43  ? 99  LEU A CB  1 
ATOM   773  C  CG  . LEU A 1 99  ? -7.049  6.923   -2.180  1.00 22.42  ? 99  LEU A CG  1 
ATOM   774  C  CD1 . LEU A 1 99  ? -6.809  6.612   -3.649  1.00 23.68  ? 99  LEU A CD1 1 
ATOM   775  C  CD2 . LEU A 1 99  ? -7.808  8.242   -2.042  1.00 22.07  ? 99  LEU A CD2 1 
ATOM   776  N  N   . ILE A 1 100 ? -5.894  4.314   0.515   1.00 23.35  ? 100 ILE A N   1 
ATOM   777  C  CA  . ILE A 1 100 ? -4.677  4.330   1.348   1.00 23.08  ? 100 ILE A CA  1 
ATOM   778  C  C   . ILE A 1 100 ? -3.855  3.078   1.023   1.00 21.24  ? 100 ILE A C   1 
ATOM   779  O  O   . ILE A 1 100 ? -2.615  3.086   0.847   1.00 21.91  ? 100 ILE A O   1 
ATOM   780  C  CB  . ILE A 1 100 ? -5.001  4.504   2.859   1.00 21.39  ? 100 ILE A CB  1 
ATOM   781  C  CG1 . ILE A 1 100 ? -5.647  5.850   3.140   1.00 16.46  ? 100 ILE A CG1 1 
ATOM   782  C  CG2 . ILE A 1 100 ? -3.743  4.306   3.739   1.00 20.62  ? 100 ILE A CG2 1 
ATOM   783  C  CD1 . ILE A 1 100 ? -6.195  5.837   4.531   1.00 13.94  ? 100 ILE A CD1 1 
ATOM   784  N  N   . ASN A 1 101 ? -4.597  1.947   0.926   1.00 18.65  ? 101 ASN A N   1 
ATOM   785  C  CA  . ASN A 1 101 ? -3.966  0.690   0.544   1.00 19.20  ? 101 ASN A CA  1 
ATOM   786  C  C   . ASN A 1 101 ? -3.170  0.826   -0.777  1.00 23.92  ? 101 ASN A C   1 
ATOM   787  O  O   . ASN A 1 101 ? -2.047  0.358   -0.911  1.00 24.89  ? 101 ASN A O   1 
ATOM   788  C  CB  . ASN A 1 101 ? -5.049  -0.455  0.357   1.00 20.87  ? 101 ASN A CB  1 
ATOM   789  C  CG  . ASN A 1 101 ? -4.468  -1.874  0.350   1.00 19.30  ? 101 ASN A CG  1 
ATOM   790  O  OD1 . ASN A 1 101 ? -3.568  -2.176  -0.460  1.00 24.23  ? 101 ASN A OD1 1 
ATOM   791  N  ND2 . ASN A 1 101 ? -4.903  -2.752  1.251   1.00 17.62  ? 101 ASN A ND2 1 
ATOM   792  N  N   . MET A 1 102 ? -3.776  1.464   -1.775  1.00 19.11  ? 102 MET A N   1 
ATOM   793  C  CA  . MET A 1 102 ? -3.113  1.590   -3.021  1.00 25.59  ? 102 MET A CA  1 
ATOM   794  C  C   . MET A 1 102 ? -1.898  2.471   -2.934  1.00 29.29  ? 102 MET A C   1 
ATOM   795  O  O   . MET A 1 102 ? -0.822  2.163   -3.493  1.00 25.94  ? 102 MET A O   1 
ATOM   796  C  CB  . MET A 1 102 ? -4.069  2.224   -4.008  1.00 26.38  ? 102 MET A CB  1 
ATOM   797  C  CG  . MET A 1 102 ? -5.232  1.349   -4.468  1.00 29.19  ? 102 MET A CG  1 
ATOM   798  S  SD  . MET A 1 102 ? -6.267  2.177   -5.738  1.00 29.37  ? 102 MET A SD  1 
ATOM   799  C  CE  . MET A 1 102 ? -5.326  1.724   -7.206  1.00 30.17  ? 102 MET A CE  1 
ATOM   800  N  N   . VAL A 1 103 ? -2.088  3.600   -2.251  1.00 26.93  ? 103 VAL A N   1 
ATOM   801  C  CA  . VAL A 1 103 ? -0.968  4.531   -2.092  1.00 27.71  ? 103 VAL A CA  1 
ATOM   802  C  C   . VAL A 1 103 ? 0.220   3.904   -1.319  1.00 31.91  ? 103 VAL A C   1 
ATOM   803  O  O   . VAL A 1 103 ? 1.364   4.103   -1.650  1.00 32.18  ? 103 VAL A O   1 
ATOM   804  C  CB  . VAL A 1 103 ? -1.358  5.820   -1.419  1.00 22.44  ? 103 VAL A CB  1 
ATOM   805  C  CG1 . VAL A 1 103 ? -0.078  6.582   -1.139  1.00 20.80  ? 103 VAL A CG1 1 
ATOM   806  C  CG2 . VAL A 1 103 ? -2.257  6.580   -2.369  1.00 21.59  ? 103 VAL A CG2 1 
ATOM   807  N  N   . PHE A 1 104 ? -0.057  3.102   -0.298  1.00 22.87  ? 104 PHE A N   1 
ATOM   808  C  CA  . PHE A 1 104 ? 0.968   2.408   0.487   1.00 16.01  ? 104 PHE A CA  1 
ATOM   809  C  C   . PHE A 1 104 ? 1.705   1.439   -0.392  1.00 29.22  ? 104 PHE A C   1 
ATOM   810  O  O   . PHE A 1 104 ? 2.905   1.241   -0.372  1.00 27.78  ? 104 PHE A O   1 
ATOM   811  C  CB  . PHE A 1 104 ? 0.159   1.528   1.427   1.00 12.84  ? 104 PHE A CB  1 
ATOM   812  C  CG  . PHE A 1 104 ? 1.009   0.785   2.405   1.00 22.04  ? 104 PHE A CG  1 
ATOM   813  C  CD1 . PHE A 1 104 ? 1.545   -0.458  2.090   1.00 22.36  ? 104 PHE A CD1 1 
ATOM   814  C  CD2 . PHE A 1 104 ? 1.270   1.282   3.680   1.00 28.63  ? 104 PHE A CD2 1 
ATOM   815  C  CE1 . PHE A 1 104 ? 2.297   -1.170  3.023   1.00 30.20  ? 104 PHE A CE1 1 
ATOM   816  C  CE2 . PHE A 1 104 ? 2.017   0.578   4.626   1.00 23.61  ? 104 PHE A CE2 1 
ATOM   817  C  CZ  . PHE A 1 104 ? 2.534   -0.670  4.305   1.00 22.83  ? 104 PHE A CZ  1 
ATOM   818  N  N   . GLN A 1 105 ? 0.945   0.797   -1.235  1.00 30.66  ? 105 GLN A N   1 
ATOM   819  C  CA  . GLN A 1 105 ? 1.562   -0.175  -2.095  1.00 27.86  ? 105 GLN A CA  1 
ATOM   820  C  C   . GLN A 1 105 ? 2.364   0.442   -3.231  1.00 34.74  ? 105 GLN A C   1 
ATOM   821  O  O   . GLN A 1 105 ? 3.459   0.014   -3.551  1.00 33.82  ? 105 GLN A O   1 
ATOM   822  C  CB  . GLN A 1 105 ? 0.499   -1.210  -2.645  1.00 27.06  ? 105 GLN A CB  1 
ATOM   823  C  CG  . GLN A 1 105 ? 1.143   -2.168  -3.655  1.00 25.39  ? 105 GLN A CG  1 
ATOM   824  C  CD  . GLN A 1 105 ? 0.255   -3.234  -4.248  1.00 40.02  ? 105 GLN A CD  1 
ATOM   825  O  OE1 . GLN A 1 105 ? -0.950  -3.162  -4.119  1.00 35.87  ? 105 GLN A OE1 1 
ATOM   826  N  NE2 . GLN A 1 105 ? 0.848   -4.209  -4.960  1.00 30.74  ? 105 GLN A NE2 1 
ATOM   827  N  N   . MET A 1 106 ? 1.775   1.428   -3.860  1.00 36.45  ? 106 MET A N   1 
ATOM   828  C  CA  . MET A 1 106 ? 2.363   2.028   -5.035  1.00 33.37  ? 106 MET A CA  1 
ATOM   829  C  C   . MET A 1 106 ? 2.833   3.488   -4.973  1.00 35.26  ? 106 MET A C   1 
ATOM   830  O  O   . MET A 1 106 ? 3.379   4.043   -5.915  1.00 41.82  ? 106 MET A O   1 
ATOM   831  C  CB  . MET A 1 106 ? 1.544   1.644   -6.340  1.00 37.58  ? 106 MET A CB  1 
ATOM   832  C  CG  . MET A 1 106 ? 0.226   2.362   -6.602  1.00 43.81  ? 106 MET A CG  1 
ATOM   833  S  SD  . MET A 1 106 ? -0.624  1.468   -7.927  1.00 47.46  ? 106 MET A SD  1 
ATOM   834  C  CE  . MET A 1 106 ? -1.825  0.547   -6.989  1.00 47.85  ? 106 MET A CE  1 
ATOM   835  N  N   . GLY A 1 107 ? 2.657   4.166   -3.888  1.00 25.94  ? 107 GLY A N   1 
ATOM   836  C  CA  . GLY A 1 107 ? 3.172   5.484   -3.923  1.00 23.61  ? 107 GLY A CA  1 
ATOM   837  C  C   . GLY A 1 107 ? 2.174   6.348   -4.584  1.00 35.64  ? 107 GLY A C   1 
ATOM   838  O  O   . GLY A 1 107 ? 1.321   5.846   -5.367  1.00 34.77  ? 107 GLY A O   1 
ATOM   839  N  N   . GLU A 1 108 ? 2.310   7.632   -4.189  1.00 32.54  ? 108 GLU A N   1 
ATOM   840  C  CA  . GLU A 1 108 ? 1.440   8.726   -4.636  1.00 41.41  ? 108 GLU A CA  1 
ATOM   841  C  C   . GLU A 1 108 ? 1.398   8.824   -6.145  1.00 50.43  ? 108 GLU A C   1 
ATOM   842  O  O   . GLU A 1 108 ? 0.372   9.039   -6.812  1.00 57.63  ? 108 GLU A O   1 
ATOM   843  C  CB  . GLU A 1 108 ? 1.887   10.121  -4.103  1.00 41.51  ? 108 GLU A CB  1 
ATOM   844  C  CG  . GLU A 1 108 ? 1.321   10.587  -2.756  1.00 43.65  ? 108 GLU A CG  1 
ATOM   845  C  CD  . GLU A 1 108 ? 1.954   11.879  -2.277  1.00 100.00 ? 108 GLU A CD  1 
ATOM   846  O  OE1 . GLU A 1 108 ? 2.466   12.735  -3.003  1.00 100.00 ? 108 GLU A OE1 1 
ATOM   847  O  OE2 . GLU A 1 108 ? 1.923   12.013  -0.988  1.00 87.21  ? 108 GLU A OE2 1 
ATOM   848  N  N   . THR A 1 109 ? 2.587   8.664   -6.654  1.00 48.44  ? 109 THR A N   1 
ATOM   849  C  CA  . THR A 1 109 ? 2.824   8.685   -8.066  1.00 52.94  ? 109 THR A CA  1 
ATOM   850  C  C   . THR A 1 109 ? 2.053   7.585   -8.826  1.00 49.38  ? 109 THR A C   1 
ATOM   851  O  O   . THR A 1 109 ? 1.195   7.912   -9.681  1.00 46.91  ? 109 THR A O   1 
ATOM   852  C  CB  . THR A 1 109 ? 4.362   8.591   -8.184  1.00 97.86  ? 109 THR A CB  1 
ATOM   853  O  OG1 . THR A 1 109 ? 4.887   9.903   -8.213  1.00 48.22  ? 109 THR A OG1 1 
ATOM   854  C  CG2 . THR A 1 109 ? 4.848   7.808   -9.396  1.00 100.00 ? 109 THR A CG2 1 
ATOM   855  N  N   . GLY A 1 110 ? 2.400   6.328   -8.489  1.00 37.45  ? 110 GLY A N   1 
ATOM   856  C  CA  . GLY A 1 110 ? 1.767   5.229   -9.147  1.00 34.27  ? 110 GLY A CA  1 
ATOM   857  C  C   . GLY A 1 110 ? 0.286   5.399   -9.004  1.00 33.42  ? 110 GLY A C   1 
ATOM   858  O  O   . GLY A 1 110 ? -0.425  5.146   -9.942  1.00 38.22  ? 110 GLY A O   1 
ATOM   859  N  N   . VAL A 1 111 ? -0.178  5.857   -7.835  1.00 29.19  ? 111 VAL A N   1 
ATOM   860  C  CA  . VAL A 1 111 ? -1.621  6.017   -7.655  1.00 25.82  ? 111 VAL A CA  1 
ATOM   861  C  C   . VAL A 1 111 ? -2.117  7.179   -8.506  1.00 48.97  ? 111 VAL A C   1 
ATOM   862  O  O   . VAL A 1 111 ? -3.252  7.180   -9.036  1.00 34.14  ? 111 VAL A O   1 
ATOM   863  C  CB  . VAL A 1 111 ? -1.971  6.183   -6.230  1.00 31.22  ? 111 VAL A CB  1 
ATOM   864  C  CG1 . VAL A 1 111 ? -3.454  6.020   -6.283  1.00 26.77  ? 111 VAL A CG1 1 
ATOM   865  C  CG2 . VAL A 1 111 ? -1.369  5.012   -5.449  1.00 37.40  ? 111 VAL A CG2 1 
ATOM   866  N  N   . ALA A 1 112 ? -1.204  8.151   -8.683  1.00 56.37  ? 112 ALA A N   1 
ATOM   867  C  CA  . ALA A 1 112 ? -1.478  9.292   -9.518  1.00 54.53  ? 112 ALA A CA  1 
ATOM   868  C  C   . ALA A 1 112 ? -1.966  8.842   -10.914 1.00 63.82  ? 112 ALA A C   1 
ATOM   869  O  O   . ALA A 1 112 ? -2.915  9.411   -11.438 1.00 73.26  ? 112 ALA A O   1 
ATOM   870  C  CB  . ALA A 1 112 ? -0.283  10.246  -9.641  1.00 54.22  ? 112 ALA A CB  1 
ATOM   871  N  N   . GLY A 1 113 ? -1.338  7.800   -11.538 1.00 50.17  ? 113 GLY A N   1 
ATOM   872  C  CA  . GLY A 1 113 ? -1.714  7.233   -12.880 1.00 44.86  ? 113 GLY A CA  1 
ATOM   873  C  C   . GLY A 1 113 ? -3.119  6.553   -13.092 1.00 49.24  ? 113 GLY A C   1 
ATOM   874  O  O   . GLY A 1 113 ? -3.482  6.040   -14.188 1.00 41.01  ? 113 GLY A O   1 
ATOM   875  N  N   . PHE A 1 114 ? -3.955  6.503   -12.031 1.00 38.99  ? 114 PHE A N   1 
ATOM   876  C  CA  . PHE A 1 114 ? -5.269  5.949   -12.144 1.00 33.96  ? 114 PHE A CA  1 
ATOM   877  C  C   . PHE A 1 114 ? -6.230  7.087   -12.381 1.00 31.43  ? 114 PHE A C   1 
ATOM   878  O  O   . PHE A 1 114 ? -7.401  7.158   -12.070 1.00 30.54  ? 114 PHE A O   1 
ATOM   879  C  CB  . PHE A 1 114 ? -5.546  5.097   -10.925 1.00 31.97  ? 114 PHE A CB  1 
ATOM   880  C  CG  . PHE A 1 114 ? -4.750  3.804   -10.953 1.00 28.59  ? 114 PHE A CG  1 
ATOM   881  C  CD1 . PHE A 1 114 ? -3.421  3.753   -10.512 1.00 32.13  ? 114 PHE A CD1 1 
ATOM   882  C  CD2 . PHE A 1 114 ? -5.353  2.592   -11.336 1.00 34.70  ? 114 PHE A CD2 1 
ATOM   883  C  CE1 . PHE A 1 114 ? -2.680  2.562   -10.545 1.00 33.16  ? 114 PHE A CE1 1 
ATOM   884  C  CE2 . PHE A 1 114 ? -4.637  1.381   -11.357 1.00 35.96  ? 114 PHE A CE2 1 
ATOM   885  C  CZ  . PHE A 1 114 ? -3.290  1.378   -10.969 1.00 34.54  ? 114 PHE A CZ  1 
ATOM   886  N  N   . THR A 1 115 ? -5.675  8.060   -13.018 1.00 33.96  ? 115 THR A N   1 
ATOM   887  C  CA  . THR A 1 115 ? -6.454  9.213   -13.300 1.00 33.31  ? 115 THR A CA  1 
ATOM   888  C  C   . THR A 1 115 ? -7.804  8.908   -13.796 1.00 37.09  ? 115 THR A C   1 
ATOM   889  O  O   . THR A 1 115 ? -8.740  9.493   -13.331 1.00 37.45  ? 115 THR A O   1 
ATOM   890  C  CB  . THR A 1 115 ? -5.806  10.155  -14.311 1.00 33.59  ? 115 THR A CB  1 
ATOM   891  O  OG1 . THR A 1 115 ? -4.492  10.405  -13.934 1.00 53.39  ? 115 THR A OG1 1 
ATOM   892  C  CG2 . THR A 1 115 ? -6.547  11.464  -14.188 1.00 70.10  ? 115 THR A CG2 1 
ATOM   893  N  N   . ASN A 1 116 ? -7.896  8.072   -14.816 1.00 36.19  ? 116 ASN A N   1 
ATOM   894  C  CA  . ASN A 1 116 ? -9.188  7.790   -15.370 1.00 34.85  ? 116 ASN A CA  1 
ATOM   895  C  C   . ASN A 1 116 ? -10.108 7.026   -14.393 1.00 40.28  ? 116 ASN A C   1 
ATOM   896  O  O   . ASN A 1 116 ? -11.301 7.309   -14.234 1.00 41.80  ? 116 ASN A O   1 
ATOM   897  C  CB  . ASN A 1 116 ? -9.183  7.322   -16.871 1.00 41.52  ? 116 ASN A CB  1 
ATOM   898  C  CG  . ASN A 1 116 ? -8.150  7.912   -17.855 1.00 42.74  ? 116 ASN A CG  1 
ATOM   899  O  OD1 . ASN A 1 116 ? -7.782  9.046   -17.757 1.00 49.58  ? 116 ASN A OD1 1 
ATOM   900  N  ND2 . ASN A 1 116 ? -7.732  7.222   -18.905 1.00 30.15  ? 116 ASN A ND2 1 
ATOM   901  N  N   . SER A 1 117 ? -9.584  6.048   -13.666 1.00 29.70  ? 117 SER A N   1 
ATOM   902  C  CA  . SER A 1 117 ? -10.491 5.364   -12.771 1.00 29.04  ? 117 SER A CA  1 
ATOM   903  C  C   . SER A 1 117 ? -10.968 6.333   -11.761 1.00 34.53  ? 117 SER A C   1 
ATOM   904  O  O   . SER A 1 117 ? -12.149 6.570   -11.615 1.00 41.48  ? 117 SER A O   1 
ATOM   905  C  CB  . SER A 1 117 ? -9.941  4.178   -11.999 1.00 22.30  ? 117 SER A CB  1 
ATOM   906  O  OG  . SER A 1 117 ? -8.751  3.886   -12.614 1.00 41.74  ? 117 SER A OG  1 
ATOM   907  N  N   . LEU A 1 118 ? -9.978  6.879   -11.095 1.00 33.58  ? 118 LEU A N   1 
ATOM   908  C  CA  . LEU A 1 118 ? -10.127 7.879   -10.037 1.00 47.07  ? 118 LEU A CA  1 
ATOM   909  C  C   . LEU A 1 118 ? -11.087 9.033   -10.375 1.00 43.07  ? 118 LEU A C   1 
ATOM   910  O  O   . LEU A 1 118 ? -11.793 9.588   -9.558  1.00 41.68  ? 118 LEU A O   1 
ATOM   911  C  CB  . LEU A 1 118 ? -8.744  8.479   -9.683  1.00 52.89  ? 118 LEU A CB  1 
ATOM   912  C  CG  . LEU A 1 118 ? -7.824  7.653   -8.767  1.00 51.22  ? 118 LEU A CG  1 
ATOM   913  C  CD1 . LEU A 1 118 ? -6.872  8.669   -8.200  1.00 32.80  ? 118 LEU A CD1 1 
ATOM   914  C  CD2 . LEU A 1 118 ? -8.608  6.962   -7.654  1.00 44.38  ? 118 LEU A CD2 1 
ATOM   915  N  N   . ARG A 1 119 ? -11.128 9.475   -11.586 1.00 32.03  ? 119 ARG A N   1 
ATOM   916  C  CA  . ARG A 1 119 ? -12.078 10.517  -11.844 1.00 38.10  ? 119 ARG A CA  1 
ATOM   917  C  C   . ARG A 1 119 ? -13.492 9.907   -11.767 1.00 49.43  ? 119 ARG A C   1 
ATOM   918  O  O   . ARG A 1 119 ? -14.496 10.504  -11.248 1.00 44.21  ? 119 ARG A O   1 
ATOM   919  C  CB  . ARG A 1 119 ? -11.681 11.042  -13.200 1.00 45.75  ? 119 ARG A CB  1 
ATOM   920  C  CG  . ARG A 1 119 ? -12.787 11.555  -14.066 1.00 57.30  ? 119 ARG A CG  1 
ATOM   921  C  CD  . ARG A 1 119 ? -12.402 11.465  -15.542 1.00 99.09  ? 119 ARG A CD  1 
ATOM   922  N  NE  . ARG A 1 119 ? -13.222 10.451  -16.204 1.00 100.00 ? 119 ARG A NE  1 
ATOM   923  C  CZ  . ARG A 1 119 ? -12.799 9.239   -16.611 1.00 100.00 ? 119 ARG A CZ  1 
ATOM   924  N  NH1 . ARG A 1 119 ? -11.512 8.824   -16.489 1.00 100.00 ? 119 ARG A NH1 1 
ATOM   925  N  NH2 . ARG A 1 119 ? -13.729 8.435   -17.172 1.00 100.00 ? 119 ARG A NH2 1 
ATOM   926  N  N   . MET A 1 120 ? -13.553 8.647   -12.273 1.00 54.58  ? 120 MET A N   1 
ATOM   927  C  CA  . MET A 1 120 ? -14.788 7.857   -12.284 1.00 46.91  ? 120 MET A CA  1 
ATOM   928  C  C   . MET A 1 120 ? -15.185 7.686   -10.817 1.00 51.95  ? 120 MET A C   1 
ATOM   929  O  O   . MET A 1 120 ? -16.327 7.867   -10.441 1.00 54.06  ? 120 MET A O   1 
ATOM   930  C  CB  . MET A 1 120 ? -14.669 6.516   -13.048 1.00 47.12  ? 120 MET A CB  1 
ATOM   931  C  CG  . MET A 1 120 ? -14.512 6.622   -14.571 1.00 49.17  ? 120 MET A CG  1 
ATOM   932  S  SD  . MET A 1 120 ? -13.975 5.018   -15.245 1.00 55.58  ? 120 MET A SD  1 
ATOM   933  C  CE  . MET A 1 120 ? -13.341 5.164   -16.933 1.00 34.61  ? 120 MET A CE  1 
ATOM   934  N  N   . ALA A 1 121 ? -14.200 7.371   -9.975  1.00 46.90  ? 121 ALA A N   1 
ATOM   935  C  CA  . ALA A 1 121 ? -14.379 7.217   -8.537  1.00 46.56  ? 121 ALA A CA  1 
ATOM   936  C  C   . ALA A 1 121 ? -14.756 8.582   -7.882  1.00 68.94  ? 121 ALA A C   1 
ATOM   937  O  O   . ALA A 1 121 ? -15.465 8.704   -6.862  1.00 65.54  ? 121 ALA A O   1 
ATOM   938  C  CB  . ALA A 1 121 ? -13.180 6.521   -7.896  1.00 42.58  ? 121 ALA A CB  1 
ATOM   939  N  N   . GLN A 1 122 ? -14.320 9.682   -8.466  1.00 75.49  ? 122 GLN A N   1 
ATOM   940  C  CA  . GLN A 1 122 ? -14.756 10.909  -7.851  1.00 75.81  ? 122 GLN A CA  1 
ATOM   941  C  C   . GLN A 1 122 ? -16.227 10.965  -8.201  1.00 85.62  ? 122 GLN A C   1 
ATOM   942  O  O   . GLN A 1 122 ? -17.018 11.276  -7.308  1.00 94.52  ? 122 GLN A O   1 
ATOM   943  C  CB  . GLN A 1 122 ? -14.072 12.166  -8.387  1.00 78.19  ? 122 GLN A CB  1 
ATOM   944  C  CG  . GLN A 1 122 ? -13.639 13.166  -7.308  1.00 82.09  ? 122 GLN A CG  1 
ATOM   945  C  CD  . GLN A 1 122 ? -12.662 14.187  -7.897  1.00 100.00 ? 122 GLN A CD  1 
ATOM   946  O  OE1 . GLN A 1 122 ? -11.909 13.906  -8.881  1.00 100.00 ? 122 GLN A OE1 1 
ATOM   947  N  NE2 . GLN A 1 122 ? -12.660 15.376  -7.291  1.00 100.00 ? 122 GLN A NE2 1 
ATOM   948  N  N   . GLN A 1 123 ? -16.581 10.609  -9.482  1.00 60.94  ? 123 GLN A N   1 
ATOM   949  C  CA  . GLN A 1 123 ? -17.995 10.607  -9.904  1.00 49.64  ? 123 GLN A CA  1 
ATOM   950  C  C   . GLN A 1 123 ? -18.974 9.588   -9.329  1.00 60.55  ? 123 GLN A C   1 
ATOM   951  O  O   . GLN A 1 123 ? -20.137 9.658   -9.749  1.00 55.66  ? 123 GLN A O   1 
ATOM   952  C  CB  . GLN A 1 123 ? -18.210 10.544  -11.377 1.00 44.74  ? 123 GLN A CB  1 
ATOM   953  C  CG  . GLN A 1 123 ? -17.619 11.767  -12.055 1.00 36.71  ? 123 GLN A CG  1 
ATOM   954  C  CD  . GLN A 1 123 ? -17.817 11.389  -13.481 1.00 74.14  ? 123 GLN A CD  1 
ATOM   955  O  OE1 . GLN A 1 123 ? -16.873 11.403  -14.285 1.00 100.00 ? 123 GLN A OE1 1 
ATOM   956  N  NE2 . GLN A 1 123 ? -19.041 10.895  -13.734 1.00 100.00 ? 123 GLN A NE2 1 
ATOM   957  N  N   . LYS A 1 124 ? -18.504 8.670   -8.426  1.00 71.29  ? 124 LYS A N   1 
ATOM   958  C  CA  . LYS A 1 124 ? -19.245 7.583   -7.722  1.00 73.22  ? 124 LYS A CA  1 
ATOM   959  C  C   . LYS A 1 124 ? -19.792 6.426   -8.628  1.00 73.88  ? 124 LYS A C   1 
ATOM   960  O  O   . LYS A 1 124 ? -20.769 5.710   -8.225  1.00 65.59  ? 124 LYS A O   1 
ATOM   961  C  CB  . LYS A 1 124 ? -20.261 8.013   -6.608  1.00 73.87  ? 124 LYS A CB  1 
ATOM   962  C  CG  . LYS A 1 124 ? -20.002 9.304   -5.800  1.00 57.69  ? 124 LYS A CG  1 
ATOM   963  C  CD  . LYS A 1 124 ? -20.200 9.174   -4.266  1.00 59.61  ? 124 LYS A CD  1 
ATOM   964  C  CE  . LYS A 1 124 ? -19.202 9.957   -3.353  1.00 46.17  ? 124 LYS A CE  1 
ATOM   965  N  NZ  . LYS A 1 124 ? -18.140 9.180   -2.665  1.00 37.30  ? 124 LYS A NZ  1 
ATOM   966  N  N   . ARG A 1 125 ? -19.156 6.283   -9.840  1.00 63.21  ? 125 ARG A N   1 
ATOM   967  C  CA  . ARG A 1 125 ? -19.443 5.284   -10.913 1.00 59.98  ? 125 ARG A CA  1 
ATOM   968  C  C   . ARG A 1 125 ? -18.664 3.969   -10.708 1.00 52.18  ? 125 ARG A C   1 
ATOM   969  O  O   . ARG A 1 125 ? -17.899 3.499   -11.554 1.00 54.76  ? 125 ARG A O   1 
ATOM   970  C  CB  . ARG A 1 125 ? -19.187 5.878   -12.293 1.00 43.93  ? 125 ARG A CB  1 
ATOM   971  C  CG  . ARG A 1 125 ? -19.838 7.233   -12.435 1.00 54.16  ? 125 ARG A CG  1 
ATOM   972  C  CD  . ARG A 1 125 ? -19.032 8.106   -13.364 1.00 96.84  ? 125 ARG A CD  1 
ATOM   973  N  NE  . ARG A 1 125 ? -19.207 7.634   -14.730 1.00 100.00 ? 125 ARG A NE  1 
ATOM   974  C  CZ  . ARG A 1 125 ? -18.240 7.444   -15.647 1.00 100.00 ? 125 ARG A CZ  1 
ATOM   975  N  NH1 . ARG A 1 125 ? -16.959 7.716   -15.334 1.00 100.00 ? 125 ARG A NH1 1 
ATOM   976  N  NH2 . ARG A 1 125 ? -18.539 6.986   -16.880 1.00 78.17  ? 125 ARG A NH2 1 
ATOM   977  N  N   . TRP A 1 126 ? -18.881 3.426   -9.502  1.00 44.81  ? 126 TRP A N   1 
ATOM   978  C  CA  . TRP A 1 126 ? -18.287 2.207   -8.959  1.00 54.44  ? 126 TRP A CA  1 
ATOM   979  C  C   . TRP A 1 126 ? -17.930 1.171   -10.003 1.00 58.32  ? 126 TRP A C   1 
ATOM   980  O  O   . TRP A 1 126 ? -16.805 0.698   -10.006 1.00 49.28  ? 126 TRP A O   1 
ATOM   981  C  CB  . TRP A 1 126 ? -18.938 1.661   -7.624  1.00 54.08  ? 126 TRP A CB  1 
ATOM   982  C  CG  . TRP A 1 126 ? -19.316 2.793   -6.651  1.00 60.49  ? 126 TRP A CG  1 
ATOM   983  C  CD1 . TRP A 1 126 ? -20.577 3.070   -6.150  1.00 65.88  ? 126 TRP A CD1 1 
ATOM   984  C  CD2 . TRP A 1 126 ? -18.470 3.874   -6.145  1.00 54.93  ? 126 TRP A CD2 1 
ATOM   985  N  NE1 . TRP A 1 126 ? -20.568 4.196   -5.362  1.00 62.83  ? 126 TRP A NE1 1 
ATOM   986  C  CE2 . TRP A 1 126 ? -19.288 4.704   -5.332  1.00 62.35  ? 126 TRP A CE2 1 
ATOM   987  C  CE3 . TRP A 1 126 ? -17.110 4.218   -6.276  1.00 48.04  ? 126 TRP A CE3 1 
ATOM   988  C  CZ2 . TRP A 1 126 ? -18.761 5.842   -4.683  1.00 59.28  ? 126 TRP A CZ2 1 
ATOM   989  C  CZ3 . TRP A 1 126 ? -16.602 5.340   -5.603  1.00 46.72  ? 126 TRP A CZ3 1 
ATOM   990  C  CH2 . TRP A 1 126 ? -17.422 6.162   -4.832  1.00 46.87  ? 126 TRP A CH2 1 
ATOM   991  N  N   . ASP A 1 127 ? -18.864 0.867   -10.890 1.00 61.13  ? 127 ASP A N   1 
ATOM   992  C  CA  . ASP A 1 127 ? -18.641 -0.159  -11.873 1.00 51.88  ? 127 ASP A CA  1 
ATOM   993  C  C   . ASP A 1 127 ? -17.561 0.068   -12.890 1.00 47.21  ? 127 ASP A C   1 
ATOM   994  O  O   . ASP A 1 127 ? -16.676 -0.796  -13.069 1.00 34.67  ? 127 ASP A O   1 
ATOM   995  C  CB  . ASP A 1 127 ? -19.902 -0.960  -12.241 1.00 45.11  ? 127 ASP A CB  1 
ATOM   996  C  CG  . ASP A 1 127 ? -20.385 -1.668  -11.011 1.00 58.00  ? 127 ASP A CG  1 
ATOM   997  O  OD1 . ASP A 1 127 ? -20.923 -1.099  -10.091 1.00 79.99  ? 127 ASP A OD1 1 
ATOM   998  O  OD2 . ASP A 1 127 ? -20.027 -2.938  -10.948 1.00 100.00 ? 127 ASP A OD2 1 
ATOM   999  N  N   . GLU A 1 128 ? -17.613 1.254   -13.500 1.00 40.18  ? 128 GLU A N   1 
ATOM   1000 C  CA  . GLU A 1 128 ? -16.661 1.653   -14.538 1.00 46.99  ? 128 GLU A CA  1 
ATOM   1001 C  C   . GLU A 1 128 ? -15.246 1.869   -14.069 1.00 40.67  ? 128 GLU A C   1 
ATOM   1002 O  O   . GLU A 1 128 ? -14.274 1.470   -14.704 1.00 38.31  ? 128 GLU A O   1 
ATOM   1003 C  CB  . GLU A 1 128 ? -17.026 2.997   -15.163 1.00 51.80  ? 128 GLU A CB  1 
ATOM   1004 C  CG  . GLU A 1 128 ? -18.078 2.815   -16.269 1.00 84.21  ? 128 GLU A CG  1 
ATOM   1005 C  CD  . GLU A 1 128 ? -19.437 3.195   -15.751 1.00 100.00 ? 128 GLU A CD  1 
ATOM   1006 O  OE1 . GLU A 1 128 ? -19.374 3.591   -14.476 1.00 100.00 ? 128 GLU A OE1 1 
ATOM   1007 O  OE2 . GLU A 1 128 ? -20.474 3.112   -16.423 1.00 100.00 ? 128 GLU A OE2 1 
ATOM   1008 N  N   . ALA A 1 129 ? -15.150 2.570   -12.981 1.00 27.36  ? 129 ALA A N   1 
ATOM   1009 C  CA  . ALA A 1 129 ? -13.859 2.837   -12.517 1.00 31.61  ? 129 ALA A CA  1 
ATOM   1010 C  C   . ALA A 1 129 ? -13.131 1.529   -12.171 1.00 34.52  ? 129 ALA A C   1 
ATOM   1011 O  O   . ALA A 1 129 ? -11.925 1.329   -12.399 1.00 34.62  ? 129 ALA A O   1 
ATOM   1012 C  CB  . ALA A 1 129 ? -14.044 3.799   -11.381 1.00 33.81  ? 129 ALA A CB  1 
ATOM   1013 N  N   . ALA A 1 130 ? -13.915 0.607   -11.671 1.00 29.50  ? 130 ALA A N   1 
ATOM   1014 C  CA  . ALA A 1 130 ? -13.364 -0.641  -11.307 1.00 30.49  ? 130 ALA A CA  1 
ATOM   1015 C  C   . ALA A 1 130 ? -12.886 -1.390  -12.527 1.00 35.41  ? 130 ALA A C   1 
ATOM   1016 O  O   . ALA A 1 130 ? -11.859 -2.002  -12.503 1.00 37.26  ? 130 ALA A O   1 
ATOM   1017 C  CB  . ALA A 1 130 ? -14.360 -1.458  -10.502 1.00 31.22  ? 130 ALA A CB  1 
ATOM   1018 N  N   . VAL A 1 131 ? -13.644 -1.381  -13.594 1.00 30.83  ? 131 VAL A N   1 
ATOM   1019 C  CA  . VAL A 1 131 ? -13.188 -2.133  -14.719 1.00 27.55  ? 131 VAL A CA  1 
ATOM   1020 C  C   . VAL A 1 131 ? -11.982 -1.451  -15.272 1.00 23.64  ? 131 VAL A C   1 
ATOM   1021 O  O   . VAL A 1 131 ? -11.085 -2.101  -15.784 1.00 30.64  ? 131 VAL A O   1 
ATOM   1022 C  CB  . VAL A 1 131 ? -14.250 -2.241  -15.816 1.00 31.93  ? 131 VAL A CB  1 
ATOM   1023 C  CG1 . VAL A 1 131 ? -13.627 -2.332  -17.212 1.00 31.76  ? 131 VAL A CG1 1 
ATOM   1024 C  CG2 . VAL A 1 131 ? -15.193 -3.397  -15.590 1.00 27.88  ? 131 VAL A CG2 1 
ATOM   1025 N  N   . ASN A 1 132 ? -11.968 -0.139  -15.199 1.00 22.52  ? 132 ASN A N   1 
ATOM   1026 C  CA  . ASN A 1 132 ? -10.801 0.590   -15.696 1.00 26.72  ? 132 ASN A CA  1 
ATOM   1027 C  C   . ASN A 1 132 ? -9.484  0.293   -14.885 1.00 30.34  ? 132 ASN A C   1 
ATOM   1028 O  O   . ASN A 1 132 ? -8.351  0.117   -15.381 1.00 24.55  ? 132 ASN A O   1 
ATOM   1029 C  CB  . ASN A 1 132 ? -11.121 2.100   -15.716 1.00 23.18  ? 132 ASN A CB  1 
ATOM   1030 C  CG  . ASN A 1 132 ? -9.933  2.954   -16.133 1.00 28.40  ? 132 ASN A CG  1 
ATOM   1031 O  OD1 . ASN A 1 132 ? -9.024  3.340   -15.365 1.00 31.66  ? 132 ASN A OD1 1 
ATOM   1032 N  ND2 . ASN A 1 132 ? -9.902  3.218   -17.415 1.00 27.41  ? 132 ASN A ND2 1 
ATOM   1033 N  N   . ALA A 1 133 ? -9.600  0.217   -13.573 1.00 23.65  ? 133 ALA A N   1 
ATOM   1034 C  CA  . ALA A 1 133 ? -8.402  -0.014  -12.788 1.00 20.50  ? 133 ALA A CA  1 
ATOM   1035 C  C   . ALA A 1 133 ? -7.753  -1.355  -13.013 1.00 25.36  ? 133 ALA A C   1 
ATOM   1036 O  O   . ALA A 1 133 ? -6.487  -1.577  -12.789 1.00 28.03  ? 133 ALA A O   1 
ATOM   1037 C  CB  . ALA A 1 133 ? -8.804  0.082   -11.336 1.00 22.26  ? 133 ALA A CB  1 
ATOM   1038 N  N   . ALA A 1 134 ? -8.657  -2.239  -13.476 1.00 25.98  ? 134 ALA A N   1 
ATOM   1039 C  CA  . ALA A 1 134 ? -8.293  -3.627  -13.766 1.00 24.23  ? 134 ALA A CA  1 
ATOM   1040 C  C   . ALA A 1 134 ? -7.341  -3.708  -14.936 1.00 26.57  ? 134 ALA A C   1 
ATOM   1041 O  O   . ALA A 1 134 ? -6.569  -4.615  -15.101 1.00 29.63  ? 134 ALA A O   1 
ATOM   1042 C  CB  . ALA A 1 134 ? -9.494  -4.543  -13.880 1.00 18.25  ? 134 ALA A CB  1 
ATOM   1043 N  N   . LYS A 1 135 ? -7.389  -2.735  -15.777 1.00 23.65  ? 135 LYS A N   1 
ATOM   1044 C  CA  . LYS A 1 135 ? -6.484  -2.727  -16.907 1.00 26.02  ? 135 LYS A CA  1 
ATOM   1045 C  C   . LYS A 1 135 ? -5.208  -2.041  -16.518 1.00 29.40  ? 135 LYS A C   1 
ATOM   1046 O  O   . LYS A 1 135 ? -4.901  -0.920  -16.946 1.00 25.75  ? 135 LYS A O   1 
ATOM   1047 C  CB  . LYS A 1 135 ? -7.167  -2.014  -18.054 1.00 26.64  ? 135 LYS A CB  1 
ATOM   1048 C  CG  . LYS A 1 135 ? -8.513  -2.696  -18.286 1.00 27.73  ? 135 LYS A CG  1 
ATOM   1049 C  CD  . LYS A 1 135 ? -9.587  -1.717  -18.721 1.00 68.18  ? 135 LYS A CD  1 
ATOM   1050 C  CE  . LYS A 1 135 ? -9.990  -1.787  -20.193 1.00 100.00 ? 135 LYS A CE  1 
ATOM   1051 N  NZ  . LYS A 1 135 ? -9.691  -0.554  -20.977 1.00 100.00 ? 135 LYS A NZ  1 
ATOM   1052 N  N   . SER A 1 136 ? -4.444  -2.740  -15.712 1.00 24.88  ? 136 SER A N   1 
ATOM   1053 C  CA  . SER A 1 136 ? -3.272  -2.072  -15.245 1.00 22.40  ? 136 SER A CA  1 
ATOM   1054 C  C   . SER A 1 136 ? -2.198  -3.093  -14.976 1.00 26.23  ? 136 SER A C   1 
ATOM   1055 O  O   . SER A 1 136 ? -2.476  -4.264  -14.729 1.00 21.02  ? 136 SER A O   1 
ATOM   1056 C  CB  . SER A 1 136 ? -3.661  -1.288  -13.950 1.00 18.61  ? 136 SER A CB  1 
ATOM   1057 O  OG  . SER A 1 136 ? -4.187  -2.217  -12.987 1.00 23.88  ? 136 SER A OG  1 
ATOM   1058 N  N   . ARG A 1 137 ? -0.962  -2.623  -15.066 1.00 19.89  ? 137 ARG A N   1 
ATOM   1059 C  CA  . ARG A 1 137 ? 0.108   -3.488  -14.743 1.00 22.34  ? 137 ARG A CA  1 
ATOM   1060 C  C   . ARG A 1 137 ? -0.049  -4.012  -13.318 1.00 28.45  ? 137 ARG A C   1 
ATOM   1061 O  O   . ARG A 1 137 ? 0.316   -5.154  -13.029 1.00 27.94  ? 137 ARG A O   1 
ATOM   1062 C  CB  . ARG A 1 137 ? 1.355   -2.667  -14.734 1.00 28.56  ? 137 ARG A CB  1 
ATOM   1063 C  CG  . ARG A 1 137 ? 2.413   -3.619  -14.248 1.00 28.84  ? 137 ARG A CG  1 
ATOM   1064 C  CD  . ARG A 1 137 ? 3.756   -2.933  -14.003 1.00 36.91  ? 137 ARG A CD  1 
ATOM   1065 N  NE  . ARG A 1 137 ? 4.870   -3.846  -14.249 1.00 48.38  ? 137 ARG A NE  1 
ATOM   1066 C  CZ  . ARG A 1 137 ? 5.473   -4.580  -13.314 1.00 93.44  ? 137 ARG A CZ  1 
ATOM   1067 N  NH1 . ARG A 1 137 ? 5.103   -4.493  -12.025 1.00 49.22  ? 137 ARG A NH1 1 
ATOM   1068 N  NH2 . ARG A 1 137 ? 6.460   -5.414  -13.687 1.00 72.44  ? 137 ARG A NH2 1 
ATOM   1069 N  N   . TRP A 1 138 ? -0.574  -3.134  -12.423 1.00 27.54  ? 138 TRP A N   1 
ATOM   1070 C  CA  . TRP A 1 138 ? -0.838  -3.438  -11.013 1.00 19.98  ? 138 TRP A CA  1 
ATOM   1071 C  C   . TRP A 1 138 ? -1.724  -4.692  -10.893 1.00 29.58  ? 138 TRP A C   1 
ATOM   1072 O  O   . TRP A 1 138 ? -1.423  -5.793  -10.304 1.00 24.35  ? 138 TRP A O   1 
ATOM   1073 C  CB  . TRP A 1 138 ? -1.612  -2.246  -10.486 1.00 20.18  ? 138 TRP A CB  1 
ATOM   1074 C  CG  . TRP A 1 138 ? -2.255  -2.452  -9.168  1.00 22.32  ? 138 TRP A CG  1 
ATOM   1075 C  CD1 . TRP A 1 138 ? -1.556  -2.844  -8.086  1.00 29.09  ? 138 TRP A CD1 1 
ATOM   1076 C  CD2 . TRP A 1 138 ? -3.609  -2.230  -8.682  1.00 19.59  ? 138 TRP A CD2 1 
ATOM   1077 N  NE1 . TRP A 1 138 ? -2.369  -2.908  -6.970  1.00 23.75  ? 138 TRP A NE1 1 
ATOM   1078 C  CE2 . TRP A 1 138 ? -3.609  -2.508  -7.286  1.00 23.62  ? 138 TRP A CE2 1 
ATOM   1079 C  CE3 . TRP A 1 138 ? -4.775  -1.734  -9.245  1.00 18.17  ? 138 TRP A CE3 1 
ATOM   1080 C  CZ2 . TRP A 1 138 ? -4.703  -2.386  -6.444  1.00 25.04  ? 138 TRP A CZ2 1 
ATOM   1081 C  CZ3 . TRP A 1 138 ? -5.828  -1.565  -8.409  1.00 22.74  ? 138 TRP A CZ3 1 
ATOM   1082 C  CH2 . TRP A 1 138 ? -5.830  -1.924  -7.047  1.00 25.89  ? 138 TRP A CH2 1 
ATOM   1083 N  N   . TYR A 1 139 ? -2.870  -4.617  -11.550 1.00 22.47  ? 139 TYR A N   1 
ATOM   1084 C  CA  . TYR A 1 139 ? -3.711  -5.792  -11.425 1.00 19.36  ? 139 TYR A CA  1 
ATOM   1085 C  C   . TYR A 1 139 ? -3.103  -7.088  -12.012 1.00 33.43  ? 139 TYR A C   1 
ATOM   1086 O  O   . TYR A 1 139 ? -3.248  -8.183  -11.462 1.00 27.34  ? 139 TYR A O   1 
ATOM   1087 C  CB  . TYR A 1 139 ? -4.969  -5.392  -12.155 1.00 22.92  ? 139 TYR A CB  1 
ATOM   1088 C  CG  . TYR A 1 139 ? -5.896  -6.543  -12.272 1.00 30.59  ? 139 TYR A CG  1 
ATOM   1089 C  CD1 . TYR A 1 139 ? -5.837  -7.404  -13.370 1.00 36.27  ? 139 TYR A CD1 1 
ATOM   1090 C  CD2 . TYR A 1 139 ? -6.893  -6.687  -11.312 1.00 31.88  ? 139 TYR A CD2 1 
ATOM   1091 C  CE1 . TYR A 1 139 ? -6.748  -8.450  -13.470 1.00 37.18  ? 139 TYR A CE1 1 
ATOM   1092 C  CE2 . TYR A 1 139 ? -7.818  -7.724  -11.404 1.00 36.66  ? 139 TYR A CE2 1 
ATOM   1093 C  CZ  . TYR A 1 139 ? -7.729  -8.605  -12.483 1.00 67.72  ? 139 TYR A CZ  1 
ATOM   1094 O  OH  . TYR A 1 139 ? -8.638  -9.641  -12.557 1.00 100.00 ? 139 TYR A OH  1 
ATOM   1095 N  N   . ASN A 1 140 ? -2.422  -6.965  -13.179 1.00 24.96  ? 140 ASN A N   1 
ATOM   1096 C  CA  . ASN A 1 140 ? -1.844  -8.139  -13.827 1.00 25.55  ? 140 ASN A CA  1 
ATOM   1097 C  C   . ASN A 1 140 ? -0.724  -8.749  -13.015 1.00 34.47  ? 140 ASN A C   1 
ATOM   1098 O  O   . ASN A 1 140 ? -0.544  -9.961  -12.982 1.00 33.68  ? 140 ASN A O   1 
ATOM   1099 C  CB  . ASN A 1 140 ? -1.380  -7.742  -15.228 1.00 29.95  ? 140 ASN A CB  1 
ATOM   1100 C  CG  . ASN A 1 140 ? -2.627  -7.658  -16.095 1.00 52.53  ? 140 ASN A CG  1 
ATOM   1101 O  OD1 . ASN A 1 140 ? -3.147  -6.581  -16.407 1.00 36.16  ? 140 ASN A OD1 1 
ATOM   1102 N  ND2 . ASN A 1 140 ? -3.209  -8.814  -16.369 1.00 29.85  ? 140 ASN A ND2 1 
ATOM   1103 N  N   . GLN A 1 141 ? -0.006  -7.889  -12.304 1.00 23.37  ? 141 GLN A N   1 
ATOM   1104 C  CA  . GLN A 1 141 ? 1.059   -8.410  -11.477 1.00 25.09  ? 141 GLN A CA  1 
ATOM   1105 C  C   . GLN A 1 141 ? 0.624   -9.016  -10.173 1.00 33.08  ? 141 GLN A C   1 
ATOM   1106 O  O   . GLN A 1 141 ? 1.223   -10.009 -9.804  1.00 29.39  ? 141 GLN A O   1 
ATOM   1107 C  CB  . GLN A 1 141 ? 2.176   -7.403  -11.218 1.00 28.08  ? 141 GLN A CB  1 
ATOM   1108 C  CG  . GLN A 1 141 ? 2.915   -7.062  -12.526 1.00 41.48  ? 141 GLN A CG  1 
ATOM   1109 C  CD  . GLN A 1 141 ? 3.542   -8.216  -13.324 1.00 66.77  ? 141 GLN A CD  1 
ATOM   1110 O  OE1 . GLN A 1 141 ? 3.281   -8.363  -14.565 1.00 41.43  ? 141 GLN A OE1 1 
ATOM   1111 N  NE2 . GLN A 1 141 ? 4.438   -8.969  -12.662 1.00 32.16  ? 141 GLN A NE2 1 
ATOM   1112 N  N   . THR A 1 142 ? -0.365  -8.418  -9.456  1.00 25.97  ? 142 THR A N   1 
ATOM   1113 C  CA  . THR A 1 142 ? -0.808  -8.973  -8.154  1.00 19.97  ? 142 THR A CA  1 
ATOM   1114 C  C   . THR A 1 142 ? -2.313  -9.006  -8.227  1.00 26.31  ? 142 THR A C   1 
ATOM   1115 O  O   . THR A 1 142 ? -3.005  -8.188  -7.689  1.00 24.68  ? 142 THR A O   1 
ATOM   1116 C  CB  . THR A 1 142 ? -0.345  -8.041  -6.990  1.00 31.34  ? 142 THR A CB  1 
ATOM   1117 O  OG1 . THR A 1 142 ? -0.755  -6.678  -7.199  1.00 29.61  ? 142 THR A OG1 1 
ATOM   1118 C  CG2 . THR A 1 142 ? 1.166   -7.972  -7.050  1.00 25.14  ? 142 THR A CG2 1 
ATOM   1119 N  N   . PRO A 1 143 ? -2.823  -9.911  -9.005  1.00 27.78  ? 143 PRO A N   1 
ATOM   1120 C  CA  . PRO A 1 143 ? -4.243  -9.938  -9.232  1.00 21.19  ? 143 PRO A CA  1 
ATOM   1121 C  C   . PRO A 1 143 ? -5.101  -10.214 -8.008  1.00 21.04  ? 143 PRO A C   1 
ATOM   1122 O  O   . PRO A 1 143 ? -6.135  -9.629  -7.872  1.00 23.49  ? 143 PRO A O   1 
ATOM   1123 C  CB  . PRO A 1 143 ? -4.387  -10.996 -10.329 1.00 21.14  ? 143 PRO A CB  1 
ATOM   1124 C  CG  . PRO A 1 143 ? -3.156  -11.894 -10.160 1.00 23.17  ? 143 PRO A CG  1 
ATOM   1125 C  CD  . PRO A 1 143 ? -2.077  -10.928 -9.782  1.00 19.91  ? 143 PRO A CD  1 
ATOM   1126 N  N   . ASN A 1 144 ? -4.714  -11.117 -7.136  1.00 15.48  ? 144 ASN A N   1 
ATOM   1127 C  CA  . ASN A 1 144 ? -5.579  -11.371 -5.984  1.00 16.18  ? 144 ASN A CA  1 
ATOM   1128 C  C   . ASN A 1 144 ? -5.701  -10.163 -5.105  1.00 23.98  ? 144 ASN A C   1 
ATOM   1129 O  O   . ASN A 1 144 ? -6.765  -9.741  -4.666  1.00 27.82  ? 144 ASN A O   1 
ATOM   1130 C  CB  . ASN A 1 144 ? -5.016  -12.552 -5.162  1.00 26.34  ? 144 ASN A CB  1 
ATOM   1131 C  CG  . ASN A 1 144 ? -5.176  -13.890 -5.908  1.00 31.38  ? 144 ASN A CG  1 
ATOM   1132 O  OD1 . ASN A 1 144 ? -5.861  -13.993 -6.923  1.00 61.16  ? 144 ASN A OD1 1 
ATOM   1133 N  ND2 . ASN A 1 144 ? -4.524  -14.919 -5.434  1.00 31.22  ? 144 ASN A ND2 1 
ATOM   1134 N  N   . ARG A 1 145 ? -4.576  -9.538  -4.869  1.00 22.52  ? 145 ARG A N   1 
ATOM   1135 C  CA  . ARG A 1 145 ? -4.615  -8.326  -4.067  1.00 18.04  ? 145 ARG A CA  1 
ATOM   1136 C  C   . ARG A 1 145 ? -5.400  -7.257  -4.702  1.00 19.50  ? 145 ARG A C   1 
ATOM   1137 O  O   . ARG A 1 145 ? -6.256  -6.625  -4.075  1.00 28.15  ? 145 ARG A O   1 
ATOM   1138 C  CB  . ARG A 1 145 ? -3.262  -7.726  -3.791  1.00 21.24  ? 145 ARG A CB  1 
ATOM   1139 C  CG  . ARG A 1 145 ? -3.369  -6.874  -2.537  1.00 25.47  ? 145 ARG A CG  1 
ATOM   1140 C  CD  . ARG A 1 145 ? -2.552  -5.667  -2.733  1.00 31.33  ? 145 ARG A CD  1 
ATOM   1141 N  NE  . ARG A 1 145 ? -2.392  -4.690  -1.668  1.00 33.57  ? 145 ARG A NE  1 
ATOM   1142 C  CZ  . ARG A 1 145 ? -1.212  -4.431  -1.098  1.00 32.87  ? 145 ARG A CZ  1 
ATOM   1143 N  NH1 . ARG A 1 145 ? -0.179  -5.179  -1.277  1.00 21.75  ? 145 ARG A NH1 1 
ATOM   1144 N  NH2 . ARG A 1 145 ? -1.056  -3.458  -0.250  1.00 23.77  ? 145 ARG A NH2 1 
ATOM   1145 N  N   . ALA A 1 146 ? -5.042  -6.995  -5.964  1.00 22.69  ? 146 ALA A N   1 
ATOM   1146 C  CA  . ALA A 1 146 ? -5.707  -5.937  -6.712  1.00 18.78  ? 146 ALA A CA  1 
ATOM   1147 C  C   . ALA A 1 146 ? -7.217  -6.097  -6.654  1.00 33.39  ? 146 ALA A C   1 
ATOM   1148 O  O   . ALA A 1 146 ? -7.963  -5.099  -6.504  1.00 29.09  ? 146 ALA A O   1 
ATOM   1149 C  CB  . ALA A 1 146 ? -5.179  -5.813  -8.143  1.00 21.77  ? 146 ALA A CB  1 
ATOM   1150 N  N   . LYS A 1 147 ? -7.635  -7.371  -6.774  1.00 28.19  ? 147 LYS A N   1 
ATOM   1151 C  CA  . LYS A 1 147 ? -9.027  -7.662  -6.751  1.00 28.24  ? 147 LYS A CA  1 
ATOM   1152 C  C   . LYS A 1 147 ? -9.630  -7.310  -5.442  1.00 28.55  ? 147 LYS A C   1 
ATOM   1153 O  O   . LYS A 1 147 ? -10.734 -6.767  -5.445  1.00 29.39  ? 147 LYS A O   1 
ATOM   1154 C  CB  . LYS A 1 147 ? -9.394  -9.089  -7.115  1.00 27.51  ? 147 LYS A CB  1 
ATOM   1155 C  CG  . LYS A 1 147 ? -8.839  -9.487  -8.478  1.00 89.58  ? 147 LYS A CG  1 
ATOM   1156 C  CD  . LYS A 1 147 ? -9.060  -10.963 -8.830  1.00 100.00 ? 147 LYS A CD  1 
ATOM   1157 C  CE  . LYS A 1 147 ? -7.863  -11.666 -9.478  1.00 100.00 ? 147 LYS A CE  1 
ATOM   1158 N  NZ  . LYS A 1 147 ? -7.848  -13.147 -9.352  1.00 100.00 ? 147 LYS A NZ  1 
ATOM   1159 N  N   . ARG A 1 148 ? -8.964  -7.616  -4.342  1.00 18.69  ? 148 ARG A N   1 
ATOM   1160 C  CA  . ARG A 1 148 ? -9.587  -7.237  -3.088  1.00 18.88  ? 148 ARG A CA  1 
ATOM   1161 C  C   . ARG A 1 148 ? -9.718  -5.755  -2.951  1.00 25.74  ? 148 ARG A C   1 
ATOM   1162 O  O   . ARG A 1 148 ? -10.716 -5.288  -2.423  1.00 21.80  ? 148 ARG A O   1 
ATOM   1163 C  CB  . ARG A 1 148 ? -8.791  -7.674  -1.904  1.00 19.10  ? 148 ARG A CB  1 
ATOM   1164 C  CG  . ARG A 1 148 ? -8.706  -9.149  -1.913  1.00 27.28  ? 148 ARG A CG  1 
ATOM   1165 C  CD  . ARG A 1 148 ? -8.226  -9.694  -0.594  1.00 18.44  ? 148 ARG A CD  1 
ATOM   1166 N  NE  . ARG A 1 148 ? -6.736  -9.658  -0.489  1.00 31.35  ? 148 ARG A NE  1 
ATOM   1167 C  CZ  . ARG A 1 148 ? -5.784  -10.508 -0.939  1.00 34.49  ? 148 ARG A CZ  1 
ATOM   1168 N  NH1 . ARG A 1 148 ? -6.029  -11.621 -1.647  1.00 25.86  ? 148 ARG A NH1 1 
ATOM   1169 N  NH2 . ARG A 1 148 ? -4.528  -10.259 -0.659  1.00 26.83  ? 148 ARG A NH2 1 
ATOM   1170 N  N   . VAL A 1 149 ? -8.712  -5.050  -3.409  1.00 18.93  ? 149 VAL A N   1 
ATOM   1171 C  CA  . VAL A 1 149 ? -8.745  -3.617  -3.276  1.00 16.42  ? 149 VAL A CA  1 
ATOM   1172 C  C   . VAL A 1 149 ? -9.764  -2.961  -4.132  1.00 22.87  ? 149 VAL A C   1 
ATOM   1173 O  O   . VAL A 1 149 ? -10.477 -2.050  -3.710  1.00 25.66  ? 149 VAL A O   1 
ATOM   1174 C  CB  . VAL A 1 149 ? -7.384  -2.989  -3.479  1.00 23.73  ? 149 VAL A CB  1 
ATOM   1175 C  CG1 . VAL A 1 149 ? -7.501  -1.495  -3.268  1.00 21.48  ? 149 VAL A CG1 1 
ATOM   1176 C  CG2 . VAL A 1 149 ? -6.425  -3.535  -2.437  1.00 23.02  ? 149 VAL A CG2 1 
ATOM   1177 N  N   . ILE A 1 150 ? -9.843  -3.396  -5.365  1.00 24.15  ? 150 ILE A N   1 
ATOM   1178 C  CA  . ILE A 1 150 ? -10.853 -2.819  -6.298  1.00 29.68  ? 150 ILE A CA  1 
ATOM   1179 C  C   . ILE A 1 150 ? -12.309 -3.136  -5.841  1.00 25.05  ? 150 ILE A C   1 
ATOM   1180 O  O   . ILE A 1 150 ? -13.184 -2.309  -5.973  1.00 29.83  ? 150 ILE A O   1 
ATOM   1181 C  CB  . ILE A 1 150 ? -10.658 -3.335  -7.725  1.00 26.47  ? 150 ILE A CB  1 
ATOM   1182 C  CG1 . ILE A 1 150 ? -9.320  -2.923  -8.203  1.00 20.79  ? 150 ILE A CG1 1 
ATOM   1183 C  CG2 . ILE A 1 150 ? -11.708 -2.773  -8.668  1.00 29.83  ? 150 ILE A CG2 1 
ATOM   1184 C  CD1 . ILE A 1 150 ? -9.101  -3.396  -9.627  1.00 21.47  ? 150 ILE A CD1 1 
ATOM   1185 N  N   . THR A 1 151 ? -12.551 -4.333  -5.286  1.00 23.11  ? 151 THR A N   1 
ATOM   1186 C  CA  . THR A 1 151 ? -13.847 -4.668  -4.732  1.00 29.31  ? 151 THR A CA  1 
ATOM   1187 C  C   . THR A 1 151 ? -14.221 -3.773  -3.573  1.00 30.56  ? 151 THR A C   1 
ATOM   1188 O  O   . THR A 1 151 ? -15.386 -3.436  -3.403  1.00 33.58  ? 151 THR A O   1 
ATOM   1189 C  CB  . THR A 1 151 ? -13.881 -6.109  -4.179  1.00 38.28  ? 151 THR A CB  1 
ATOM   1190 O  OG1 . THR A 1 151 ? -13.784 -6.925  -5.332  1.00 46.39  ? 151 THR A OG1 1 
ATOM   1191 C  CG2 . THR A 1 151 ? -15.157 -6.414  -3.331  1.00 28.08  ? 151 THR A CG2 1 
ATOM   1192 N  N   . THR A 1 152 ? -13.237 -3.477  -2.730  1.00 24.24  ? 152 THR A N   1 
ATOM   1193 C  CA  . THR A 1 152 ? -13.500 -2.652  -1.578  1.00 25.69  ? 152 THR A CA  1 
ATOM   1194 C  C   . THR A 1 152 ? -13.882 -1.247  -2.039  1.00 29.45  ? 152 THR A C   1 
ATOM   1195 O  O   . THR A 1 152 ? -14.798 -0.556  -1.562  1.00 21.77  ? 152 THR A O   1 
ATOM   1196 C  CB  . THR A 1 152 ? -12.232 -2.657  -0.687  1.00 24.48  ? 152 THR A CB  1 
ATOM   1197 O  OG1 . THR A 1 152 ? -11.926 -3.996  -0.332  1.00 23.93  ? 152 THR A OG1 1 
ATOM   1198 C  CG2 . THR A 1 152 ? -12.395 -1.807  0.578   1.00 24.43  ? 152 THR A CG2 1 
ATOM   1199 N  N   . PHE A 1 153 ? -13.137 -0.810  -3.015  1.00 22.95  ? 153 PHE A N   1 
ATOM   1200 C  CA  . PHE A 1 153 ? -13.387 0.499   -3.568  1.00 24.05  ? 153 PHE A CA  1 
ATOM   1201 C  C   . PHE A 1 153 ? -14.728 0.624   -4.259  1.00 28.30  ? 153 PHE A C   1 
ATOM   1202 O  O   . PHE A 1 153 ? -15.426 1.620   -4.249  1.00 26.23  ? 153 PHE A O   1 
ATOM   1203 C  CB  . PHE A 1 153 ? -12.393 0.609   -4.728  1.00 26.42  ? 153 PHE A CB  1 
ATOM   1204 C  CG  . PHE A 1 153 ? -11.683 1.893   -4.667  1.00 28.56  ? 153 PHE A CG  1 
ATOM   1205 C  CD1 . PHE A 1 153 ? -12.387 3.083   -4.570  1.00 33.07  ? 153 PHE A CD1 1 
ATOM   1206 C  CD2 . PHE A 1 153 ? -10.291 1.928   -4.604  1.00 52.76  ? 153 PHE A CD2 1 
ATOM   1207 C  CE1 . PHE A 1 153 ? -11.749 4.318   -4.491  1.00 40.33  ? 153 PHE A CE1 1 
ATOM   1208 C  CE2 . PHE A 1 153 ? -9.620  3.149   -4.516  1.00 53.73  ? 153 PHE A CE2 1 
ATOM   1209 C  CZ  . PHE A 1 153 ? -10.355 4.333   -4.456  1.00 47.16  ? 153 PHE A CZ  1 
ATOM   1210 N  N   . ARG A 1 154 ? -15.046 -0.396  -4.986  1.00 29.24  ? 154 ARG A N   1 
ATOM   1211 C  CA  . ARG A 1 154 ? -16.235 -0.301  -5.699  1.00 28.39  ? 154 ARG A CA  1 
ATOM   1212 C  C   . ARG A 1 154 ? -17.425 -0.381  -4.795  1.00 33.43  ? 154 ARG A C   1 
ATOM   1213 O  O   . ARG A 1 154 ? -18.339 0.407   -4.864  1.00 36.67  ? 154 ARG A O   1 
ATOM   1214 C  CB  . ARG A 1 154 ? -16.312 -1.534  -6.568  1.00 29.81  ? 154 ARG A CB  1 
ATOM   1215 C  CG  . ARG A 1 154 ? -17.478 -1.327  -7.559  1.00 48.79  ? 154 ARG A CG  1 
ATOM   1216 C  CD  . ARG A 1 154 ? -17.371 -2.210  -8.799  1.00 98.38  ? 154 ARG A CD  1 
ATOM   1217 N  NE  . ARG A 1 154 ? -17.087 -3.572  -8.379  1.00 67.11  ? 154 ARG A NE  1 
ATOM   1218 C  CZ  . ARG A 1 154 ? -18.034 -4.421  -7.960  1.00 100.00 ? 154 ARG A CZ  1 
ATOM   1219 N  NH1 . ARG A 1 154 ? -19.348 -4.064  -7.944  1.00 100.00 ? 154 ARG A NH1 1 
ATOM   1220 N  NH2 . ARG A 1 154 ? -17.641 -5.654  -7.554  1.00 100.00 ? 154 ARG A NH2 1 
ATOM   1221 N  N   . THR A 1 155 ? -17.404 -1.405  -3.965  1.00 34.34  ? 155 THR A N   1 
ATOM   1222 C  CA  . THR A 1 155 ? -18.500 -1.688  -3.035  1.00 31.68  ? 155 THR A CA  1 
ATOM   1223 C  C   . THR A 1 155 ? -18.626 -0.807  -1.814  1.00 42.27  ? 155 THR A C   1 
ATOM   1224 O  O   . THR A 1 155 ? -19.713 -0.581  -1.358  1.00 39.11  ? 155 THR A O   1 
ATOM   1225 C  CB  . THR A 1 155 ? -18.592 -3.178  -2.549  1.00 29.11  ? 155 THR A CB  1 
ATOM   1226 O  OG1 . THR A 1 155 ? -17.577 -3.581  -1.665  1.00 28.62  ? 155 THR A OG1 1 
ATOM   1227 C  CG2 . THR A 1 155 ? -18.492 -4.133  -3.709  1.00 33.72  ? 155 THR A CG2 1 
ATOM   1228 N  N   . GLY A 1 156 ? -17.511 -0.409  -1.209  1.00 33.68  ? 156 GLY A N   1 
ATOM   1229 C  CA  . GLY A 1 156 ? -17.597 0.351   -0.022  1.00 23.26  ? 156 GLY A CA  1 
ATOM   1230 C  C   . GLY A 1 156 ? -17.836 -0.588  1.138   1.00 25.53  ? 156 GLY A C   1 
ATOM   1231 O  O   . GLY A 1 156 ? -18.158 -0.129  2.187   1.00 26.09  ? 156 GLY A O   1 
ATOM   1232 N  N   . THR A 1 157 ? -17.649 -1.908  0.994   1.00 20.16  ? 157 THR A N   1 
ATOM   1233 C  CA  . THR A 1 157 ? -17.809 -2.897  2.088   1.00 21.82  ? 157 THR A CA  1 
ATOM   1234 C  C   . THR A 1 157 ? -16.481 -3.625  2.249   1.00 27.28  ? 157 THR A C   1 
ATOM   1235 O  O   . THR A 1 157 ? -15.691 -3.497  1.372   1.00 23.92  ? 157 THR A O   1 
ATOM   1236 C  CB  . THR A 1 157 ? -18.804 -4.020  1.653   1.00 28.15  ? 157 THR A CB  1 
ATOM   1237 O  OG1 . THR A 1 157 ? -18.160 -4.869  0.682   1.00 37.22  ? 157 THR A OG1 1 
ATOM   1238 C  CG2 . THR A 1 157 ? -20.036 -3.346  1.021   1.00 28.97  ? 157 THR A CG2 1 
ATOM   1239 N  N   . TRP A 1 158 ? -16.269 -4.404  3.302   1.00 28.09  ? 158 TRP A N   1 
ATOM   1240 C  CA  . TRP A 1 158 ? -15.067 -5.172  3.538   1.00 27.93  ? 158 TRP A CA  1 
ATOM   1241 C  C   . TRP A 1 158 ? -15.231 -6.658  3.130   1.00 32.85  ? 158 TRP A C   1 
ATOM   1242 O  O   . TRP A 1 158 ? -14.472 -7.572  3.513   1.00 26.36  ? 158 TRP A O   1 
ATOM   1243 C  CB  . TRP A 1 158 ? -14.854 -5.153  5.059   1.00 24.99  ? 158 TRP A CB  1 
ATOM   1244 C  CG  . TRP A 1 158 ? -14.447 -3.847  5.629   1.00 26.14  ? 158 TRP A CG  1 
ATOM   1245 C  CD1 . TRP A 1 158 ? -15.185 -3.164  6.505   1.00 21.66  ? 158 TRP A CD1 1 
ATOM   1246 C  CD2 . TRP A 1 158 ? -13.228 -3.072  5.398   1.00 28.28  ? 158 TRP A CD2 1 
ATOM   1247 N  NE1 . TRP A 1 158 ? -14.499 -2.037  6.855   1.00 26.27  ? 158 TRP A NE1 1 
ATOM   1248 C  CE2 . TRP A 1 158 ? -13.298 -1.932  6.212   1.00 26.97  ? 158 TRP A CE2 1 
ATOM   1249 C  CE3 . TRP A 1 158 ? -12.083 -3.224  4.629   1.00 28.73  ? 158 TRP A CE3 1 
ATOM   1250 C  CZ2 . TRP A 1 158 ? -12.339 -0.920  6.266   1.00 22.21  ? 158 TRP A CZ2 1 
ATOM   1251 C  CZ3 . TRP A 1 158 ? -11.113 -2.244  4.758   1.00 25.39  ? 158 TRP A CZ3 1 
ATOM   1252 C  CH2 . TRP A 1 158 ? -11.243 -1.086  5.523   1.00 22.87  ? 158 TRP A CH2 1 
ATOM   1253 N  N   . ASP A 1 159 ? -16.274 -6.907  2.355   1.00 29.68  ? 159 ASP A N   1 
ATOM   1254 C  CA  . ASP A 1 159 ? -16.571 -8.263  1.960   1.00 34.79  ? 159 ASP A CA  1 
ATOM   1255 C  C   . ASP A 1 159 ? -15.392 -9.153  1.517   1.00 37.35  ? 159 ASP A C   1 
ATOM   1256 O  O   . ASP A 1 159 ? -15.313 -10.337 1.870   1.00 36.94  ? 159 ASP A O   1 
ATOM   1257 C  CB  . ASP A 1 159 ? -17.816 -8.328  1.067   1.00 37.24  ? 159 ASP A CB  1 
ATOM   1258 C  CG  . ASP A 1 159 ? -19.065 -7.753  1.728   1.00 56.76  ? 159 ASP A CG  1 
ATOM   1259 O  OD1 . ASP A 1 159 ? -19.073 -7.788  3.066   1.00 77.62  ? 159 ASP A OD1 1 
ATOM   1260 O  OD2 . ASP A 1 159 ? -19.967 -7.269  1.054   1.00 51.65  ? 159 ASP A OD2 1 
ATOM   1261 N  N   . ALA A 1 160 ? -14.475 -8.547  0.758   1.00 34.17  ? 160 ALA A N   1 
ATOM   1262 C  CA  . ALA A 1 160 ? -13.287 -9.181  0.154   1.00 33.84  ? 160 ALA A CA  1 
ATOM   1263 C  C   . ALA A 1 160 ? -12.289 -9.531  1.176   1.00 28.48  ? 160 ALA A C   1 
ATOM   1264 O  O   . ALA A 1 160 ? -11.402 -10.328 0.953   1.00 27.00  ? 160 ALA A O   1 
ATOM   1265 C  CB  . ALA A 1 160 ? -12.692 -8.367  -0.998  1.00 33.72  ? 160 ALA A CB  1 
ATOM   1266 N  N   . TYR A 1 161 ? -12.495 -8.959  2.331   1.00 25.11  ? 161 TYR A N   1 
ATOM   1267 C  CA  . TYR A 1 161 ? -11.557 -9.256  3.331   1.00 24.24  ? 161 TYR A CA  1 
ATOM   1268 C  C   . TYR A 1 161 ? -12.117 -10.220 4.351   1.00 39.37  ? 161 TYR A C   1 
ATOM   1269 O  O   . TYR A 1 161 ? -11.440 -10.471 5.337   1.00 41.55  ? 161 TYR A O   1 
ATOM   1270 C  CB  . TYR A 1 161 ? -10.949 -7.961  3.927   1.00 20.30  ? 161 TYR A CB  1 
ATOM   1271 C  CG  . TYR A 1 161 ? -9.981  -7.266  2.982   1.00 21.06  ? 161 TYR A CG  1 
ATOM   1272 C  CD1 . TYR A 1 161 ? -10.439 -6.325  2.064   1.00 21.70  ? 161 TYR A CD1 1 
ATOM   1273 C  CD2 . TYR A 1 161 ? -8.625  -7.582  3.005   1.00 18.52  ? 161 TYR A CD2 1 
ATOM   1274 C  CE1 . TYR A 1 161 ? -9.548  -5.712  1.182   1.00 27.43  ? 161 TYR A CE1 1 
ATOM   1275 C  CE2 . TYR A 1 161 ? -7.709  -6.952  2.166   1.00 22.53  ? 161 TYR A CE2 1 
ATOM   1276 C  CZ  . TYR A 1 161 ? -8.190  -6.028  1.239   1.00 17.83  ? 161 TYR A CZ  1 
ATOM   1277 O  OH  . TYR A 1 161 ? -7.289  -5.403  0.413   1.00 25.69  ? 161 TYR A OH  1 
ATOM   1278 N  N   . LYS A 1 162 ? -13.290 -10.818 4.100   1.00 49.08  ? 162 LYS A N   1 
ATOM   1279 C  CA  . LYS A 1 162 ? -13.881 -11.794 5.028   1.00 62.49  ? 162 LYS A CA  1 
ATOM   1280 C  C   . LYS A 1 162 ? -13.713 -13.246 4.573   1.00 86.36  ? 162 LYS A C   1 
ATOM   1281 O  O   . LYS A 1 162 ? -13.329 -14.124 5.372   1.00 76.09  ? 162 LYS A O   1 
ATOM   1282 C  CB  . LYS A 1 162 ? -15.328 -11.452 5.200   1.00 75.41  ? 162 LYS A CB  1 
ATOM   1283 C  CG  . LYS A 1 162 ? -15.454 -9.942  5.445   1.00 100.00 ? 162 LYS A CG  1 
ATOM   1284 C  CD  . LYS A 1 162 ? -16.876 -9.406  5.705   1.00 100.00 ? 162 LYS A CD  1 
ATOM   1285 C  CE  . LYS A 1 162 ? -17.176 -9.066  7.182   1.00 100.00 ? 162 LYS A CE  1 
ATOM   1286 N  NZ  . LYS A 1 162 ? -16.625 -7.782  7.706   1.00 100.00 ? 162 LYS A NZ  1 
HETATM 1287 CL CL  . CL  B 2 .   ? -1.788  -10.759 -4.831  1.00 66.87  ? 173 CL  A CL  1 
HETATM 1288 CL CL  . CL  C 2 .   ? 12.329  4.586   7.794   0.50 48.14  ? 178 CL  A CL  1 
HETATM 1289 AR AR  . AR  D 3 .   ? -10.336 1.422   -8.168  0.89 60.00  ? 500 AR  A AR  1 
HETATM 1290 AR AR  . AR  E 3 .   ? -9.685  4.289   -8.693  0.68 60.00  ? 501 AR  A AR  1 
HETATM 1291 C  C1  . BME F 4 .   ? -5.630  6.520   11.281  0.50 24.85  ? 901 BME A C1  1 
HETATM 1292 C  C2  . BME F 4 .   ? -5.723  6.759   9.768   0.50 31.58  ? 901 BME A C2  1 
HETATM 1293 O  O1  . BME F 4 .   ? -4.380  6.946   11.705  0.50 37.77  ? 901 BME A O1  1 
HETATM 1294 S  S2  . BME F 4 .   ? -7.347  7.455   9.400   0.50 33.39  ? 901 BME A S2  1 
HETATM 1295 C  C1  . BME G 4 .   ? -9.880  5.616   6.729   0.50 20.67  ? 902 BME A C1  1 
HETATM 1296 C  C2  . BME G 4 .   ? -8.632  5.086   7.510   0.50 22.64  ? 902 BME A C2  1 
HETATM 1297 O  O1  . BME G 4 .   ? -11.136 4.988   7.071   0.50 33.43  ? 902 BME A O1  1 
HETATM 1298 S  S2  . BME G 4 .   ? -8.513  5.822   9.181   0.50 24.69  ? 902 BME A S2  1 
HETATM 1299 O  O   . HOH H 5 .   ? 5.426   -1.265  7.057   1.00 23.70  ? 171 HOH A O   1 
HETATM 1300 O  O   . HOH H 5 .   ? 1.637   -4.808  -8.513  1.00 55.22  ? 172 HOH A O   1 
HETATM 1301 O  O   . HOH H 5 .   ? 3.173   -11.900 -9.946  1.00 34.99  ? 174 HOH A O   1 
HETATM 1302 O  O   . HOH H 5 .   ? -14.042 -5.548  0.289   1.00 34.28  ? 175 HOH A O   1 
HETATM 1303 O  O   . HOH H 5 .   ? -18.305 6.154   5.937   1.00 41.44  ? 177 HOH A O   1 
HETATM 1304 O  O   . HOH H 5 .   ? 6.807   -3.013  8.870   1.00 23.27  ? 179 HOH A O   1 
HETATM 1305 O  O   . HOH H 5 .   ? -8.932  -11.554 -4.688  1.00 41.83  ? 180 HOH A O   1 
HETATM 1306 O  O   . HOH H 5 .   ? -16.985 10.443  4.235   1.00 26.76  ? 181 HOH A O   1 
HETATM 1307 O  O   . HOH H 5 .   ? 8.734   4.068   8.377   1.00 38.33  ? 182 HOH A O   1 
HETATM 1308 O  O   . HOH H 5 .   ? 12.034  2.417   14.409  1.00 55.07  ? 183 HOH A O   1 
HETATM 1309 O  O   . HOH H 5 .   ? 4.239   8.711   11.841  1.00 38.89  ? 185 HOH A O   1 
HETATM 1310 O  O   . HOH H 5 .   ? 1.202   -0.833  13.815  1.00 39.89  ? 186 HOH A O   1 
HETATM 1311 O  O   . HOH H 5 .   ? -1.633  -11.428 -16.620 1.00 45.87  ? 188 HOH A O   1 
HETATM 1312 O  O   . HOH H 5 .   ? 16.150  -4.541  -3.433  1.00 49.11  ? 190 HOH A O   1 
HETATM 1313 O  O   . HOH H 5 .   ? 16.737  -6.279  -5.225  1.00 53.56  ? 191 HOH A O   1 
HETATM 1314 O  O   . HOH H 5 .   ? -13.916 16.493  -3.182  1.00 41.05  ? 193 HOH A O   1 
HETATM 1315 O  O   . HOH H 5 .   ? -9.606  2.031   8.370   1.00 27.48  ? 195 HOH A O   1 
HETATM 1316 O  O   . HOH H 5 .   ? 18.692  -8.144  15.199  1.00 41.06  ? 196 HOH A O   1 
HETATM 1317 O  O   . HOH H 5 .   ? -7.201  5.180   -14.674 1.00 40.95  ? 197 HOH A O   1 
HETATM 1318 O  O   . HOH H 5 .   ? 22.621  4.082   4.693   1.00 36.69  ? 198 HOH A O   1 
HETATM 1319 O  O   . HOH H 5 .   ? 5.151   8.716   9.339   1.00 32.83  ? 201 HOH A O   1 
HETATM 1320 O  O   . HOH H 5 .   ? 8.358   -4.300  -0.995  1.00 59.64  ? 203 HOH A O   1 
HETATM 1321 O  O   . HOH H 5 .   ? 5.039   -7.652  0.586   1.00 68.14  ? 204 HOH A O   1 
HETATM 1322 O  O   . HOH H 5 .   ? -3.162  -1.744  -3.340  1.00 23.85  ? 208 HOH A O   1 
HETATM 1323 O  O   . HOH H 5 .   ? -19.072 2.799   2.874   1.00 45.57  ? 210 HOH A O   1 
HETATM 1324 O  O   . HOH H 5 .   ? -8.626  -12.784 -2.223  1.00 41.37  ? 211 HOH A O   1 
HETATM 1325 O  O   . HOH H 5 .   ? -18.438 13.626  -4.071  1.00 54.40  ? 214 HOH A O   1 
HETATM 1326 O  O   . HOH H 5 .   ? 12.312  4.676   10.779  1.00 32.17  ? 215 HOH A O   1 
HETATM 1327 O  O   . HOH H 5 .   ? -21.473 -0.023  -8.104  1.00 46.82  ? 217 HOH A O   1 
HETATM 1328 O  O   . HOH H 5 .   ? -14.611 1.194   -16.949 1.00 61.73  ? 218 HOH A O   1 
HETATM 1329 O  O   . HOH H 5 .   ? -12.282 1.712   -19.184 1.00 53.24  ? 219 HOH A O   1 
HETATM 1330 O  O   . HOH H 5 .   ? -6.801  -6.691  -16.103 1.00 59.40  ? 220 HOH A O   1 
HETATM 1331 O  O   . HOH H 5 .   ? -0.941  -5.244  12.412  1.00 43.81  ? 221 HOH A O   1 
HETATM 1332 O  O   . HOH H 5 .   ? -11.548 -1.630  13.778  1.00 37.63  ? 223 HOH A O   1 
HETATM 1333 O  O   . HOH H 5 .   ? -3.956  -10.915 9.680   1.00 69.35  ? 227 HOH A O   1 
HETATM 1334 O  O   . HOH H 5 .   ? -18.714 -4.423  5.233   1.00 56.78  ? 231 HOH A O   1 
HETATM 1335 O  O   . HOH H 5 .   ? -16.518 13.224  5.564   1.00 50.43  ? 234 HOH A O   1 
HETATM 1336 O  O   . HOH H 5 .   ? -22.026 2.766   -8.816  1.00 55.58  ? 235 HOH A O   1 
HETATM 1337 O  O   . HOH H 5 .   ? -21.481 -0.800  -4.980  1.00 57.47  ? 238 HOH A O   1 
HETATM 1338 O  O   . HOH H 5 .   ? 3.801   -2.864  18.463  1.00 42.73  ? 240 HOH A O   1 
HETATM 1339 O  O   . HOH H 5 .   ? -5.572  -8.473  9.451   1.00 47.27  ? 244 HOH A O   1 
HETATM 1340 O  O   . HOH H 5 .   ? -3.520  -13.161 -1.761  1.00 41.65  ? 245 HOH A O   1 
HETATM 1341 O  O   . HOH H 5 .   ? -11.435 -5.017  -16.511 1.00 58.44  ? 251 HOH A O   1 
HETATM 1342 O  O   . HOH H 5 .   ? 3.583   -2.791  -0.710  1.00 38.29  ? 256 HOH A O   1 
HETATM 1343 O  O   . HOH H 5 .   ? 14.088  -0.897  18.666  1.00 43.21  ? 259 HOH A O   1 
HETATM 1344 O  O   . HOH H 5 .   ? 5.414   0.000   0.708   1.00 58.65  ? 267 HOH A O   1 
HETATM 1345 O  O   . HOH H 5 .   ? -0.308  -0.142  -12.915 1.00 22.98  ? 270 HOH A O   1 
HETATM 1346 O  O   . HOH H 5 .   ? 4.260   4.557   2.722   1.00 41.44  ? 274 HOH A O   1 
HETATM 1347 O  O   . HOH H 5 .   ? -21.806 3.704   -0.811  1.00 55.79  ? 277 HOH A O   1 
HETATM 1348 O  O   . HOH H 5 .   ? 23.097  -5.095  10.093  1.00 43.43  ? 278 HOH A O   1 
HETATM 1349 O  O   . HOH H 5 .   ? 15.666  2.905   5.868   1.00 47.62  ? 282 HOH A O   1 
HETATM 1350 O  O   . HOH H 5 .   ? -3.348  -5.316  12.183  1.00 51.05  ? 283 HOH A O   1 
HETATM 1351 O  O   . HOH H 5 .   ? 12.843  -11.336 15.698  1.00 58.88  ? 286 HOH A O   1 
HETATM 1352 O  O   . HOH H 5 .   ? -7.471  -3.399  14.764  1.00 31.29  ? 288 HOH A O   1 
HETATM 1353 O  O   . HOH H 5 .   ? 1.991   14.546  -1.568  1.00 57.49  ? 289 HOH A O   1 
HETATM 1354 O  O   . HOH H 5 .   ? -18.831 13.036  -1.884  1.00 22.16  ? 291 HOH A O   1 
HETATM 1355 O  O   . HOH H 5 .   ? -8.058  -9.166  10.727  1.00 58.41  ? 294 HOH A O   1 
HETATM 1356 O  O   . HOH H 5 .   ? -4.596  -7.575  12.194  1.00 71.14  ? 295 HOH A O   1 
HETATM 1357 O  O   . HOH H 5 .   ? 4.758   2.315   2.087   1.00 39.07  ? 299 HOH A O   1 
HETATM 1358 O  O   . HOH H 5 .   ? -5.479  -9.553  -17.544 1.00 50.26  ? 300 HOH A O   1 
HETATM 1359 O  O   . HOH H 5 .   ? 1.890   0.794   -11.463 1.00 76.15  ? 303 HOH A O   1 
HETATM 1360 O  O   . HOH H 5 .   ? 16.447  0.961   18.306  1.00 53.13  ? 308 HOH A O   1 
HETATM 1361 O  O   . HOH H 5 .   ? 2.248   -2.457  -8.904  1.00 54.74  ? 314 HOH A O   1 
HETATM 1362 O  O   . HOH H 5 .   ? 14.190  -14.195 3.251   1.00 77.20  ? 319 HOH A O   1 
HETATM 1363 O  O   . HOH H 5 .   ? 21.753  3.810   12.937  1.00 43.10  ? 326 HOH A O   1 
HETATM 1364 O  O   . HOH H 5 .   ? 11.571  5.102   14.073  1.00 45.12  ? 327 HOH A O   1 
HETATM 1365 O  O   . HOH H 5 .   ? -21.805 0.502   0.915   1.00 48.88  ? 328 HOH A O   1 
HETATM 1366 O  O   . HOH H 5 .   ? -11.616 -11.710 -1.281  1.00 50.94  ? 329 HOH A O   1 
HETATM 1367 O  O   . HOH H 5 .   ? 23.544  1.969   13.494  1.00 54.18  ? 330 HOH A O   1 
HETATM 1368 O  O   . HOH H 5 .   ? 3.362   5.653   -0.029  1.00 56.78  ? 331 HOH A O   1 
HETATM 1369 O  O   . HOH H 5 .   ? 11.409  -4.464  19.812  1.00 59.21  ? 332 HOH A O   1 
HETATM 1370 O  O   . HOH H 5 .   ? 14.858  -6.939  -9.386  1.00 59.85  ? 333 HOH A O   1 
HETATM 1371 O  O   . HOH H 5 .   ? 15.479  2.535   -3.156  1.00 65.05  ? 334 HOH A O   1 
HETATM 1372 O  O   . HOH H 5 .   ? -23.495 7.389   -8.960  1.00 77.60  ? 335 HOH A O   1 
# 
loop_
_pdbx_poly_seq_scheme.asym_id 
_pdbx_poly_seq_scheme.entity_id 
_pdbx_poly_seq_scheme.seq_id 
_pdbx_poly_seq_scheme.mon_id 
_pdbx_poly_seq_scheme.ndb_seq_num 
_pdbx_poly_seq_scheme.pdb_seq_num 
_pdbx_poly_seq_scheme.auth_seq_num 
_pdbx_poly_seq_scheme.pdb_mon_id 
_pdbx_poly_seq_scheme.auth_mon_id 
_pdbx_poly_seq_scheme.pdb_strand_id 
_pdbx_poly_seq_scheme.pdb_ins_code 
_pdbx_poly_seq_scheme.hetero 
A 1 1   MET 1   1   1   MET MET A . n 
A 1 2   ASN 2   2   2   ASN ASN A . n 
A 1 3   ILE 3   3   3   ILE ILE A . n 
A 1 4   PHE 4   4   4   PHE PHE A . n 
A 1 5   GLU 5   5   5   GLU GLU A . n 
A 1 6   MET 6   6   6   MET MET A . n 
A 1 7   LEU 7   7   7   LEU LEU A . n 
A 1 8   ARG 8   8   8   ARG ARG A . n 
A 1 9   ILE 9   9   9   ILE ILE A . n 
A 1 10  ASP 10  10  10  ASP ASP A . n 
A 1 11  GLU 11  11  11  GLU GLU A . n 
A 1 12  GLY 12  12  12  GLY GLY A . n 
A 1 13  LEU 13  13  13  LEU LEU A . n 
A 1 14  ARG 14  14  14  ARG ARG A . n 
A 1 15  LEU 15  15  15  LEU LEU A . n 
A 1 16  LYS 16  16  16  LYS LYS A . n 
A 1 17  ILE 17  17  17  ILE ILE A . n 
A 1 18  TYR 18  18  18  TYR TYR A . n 
A 1 19  LYS 19  19  19  LYS LYS A . n 
A 1 20  ASP 20  20  20  ASP ASP A . n 
A 1 21  THR 21  21  21  THR THR A . n 
A 1 22  GLU 22  22  22  GLU GLU A . n 
A 1 23  GLY 23  23  23  GLY GLY A . n 
A 1 24  TYR 24  24  24  TYR TYR A . n 
A 1 25  TYR 25  25  25  TYR TYR A . n 
A 1 26  THR 26  26  26  THR THR A . n 
A 1 27  ILE 27  27  27  ILE ILE A . n 
A 1 28  GLY 28  28  28  GLY GLY A . n 
A 1 29  ILE 29  29  29  ILE ILE A . n 
A 1 30  GLY 30  30  30  GLY GLY A . n 
A 1 31  HIS 31  31  31  HIS HIS A . n 
A 1 32  LEU 32  32  32  LEU LEU A . n 
A 1 33  LEU 33  33  33  LEU LEU A . n 
A 1 34  THR 34  34  34  THR THR A . n 
A 1 35  LYS 35  35  35  LYS LYS A . n 
A 1 36  SER 36  36  36  SER SER A . n 
A 1 37  PRO 37  37  37  PRO PRO A . n 
A 1 38  SER 38  38  38  SER SER A . n 
A 1 39  LEU 39  39  39  LEU LEU A . n 
A 1 40  ASN 40  40  40  ASN ASN A . n 
A 1 41  ALA 41  41  41  ALA ALA A . n 
A 1 42  ALA 42  42  42  ALA ALA A . n 
A 1 43  LYS 43  43  43  LYS LYS A . n 
A 1 44  SER 44  44  44  SER SER A . n 
A 1 45  GLU 45  45  45  GLU GLU A . n 
A 1 46  LEU 46  46  46  LEU LEU A . n 
A 1 47  ASP 47  47  47  ASP ASP A . n 
A 1 48  LYS 48  48  48  LYS LYS A . n 
A 1 49  ALA 49  49  49  ALA ALA A . n 
A 1 50  ILE 50  50  50  ILE ILE A . n 
A 1 51  GLY 51  51  51  GLY GLY A . n 
A 1 52  ARG 52  52  52  ARG ARG A . n 
A 1 53  ASN 53  53  53  ASN ASN A . n 
A 1 54  THR 54  54  54  THR THR A . n 
A 1 55  ASN 55  55  55  ASN ASN A . n 
A 1 56  GLY 56  56  56  GLY GLY A . n 
A 1 57  VAL 57  57  57  VAL VAL A . n 
A 1 58  ILE 58  58  58  ILE ILE A . n 
A 1 59  THR 59  59  59  THR THR A . n 
A 1 60  LYS 60  60  60  LYS LYS A . n 
A 1 61  ASP 61  61  61  ASP ASP A . n 
A 1 62  GLU 62  62  62  GLU GLU A . n 
A 1 63  ALA 63  63  63  ALA ALA A . n 
A 1 64  GLU 64  64  64  GLU GLU A . n 
A 1 65  LYS 65  65  65  LYS LYS A . n 
A 1 66  LEU 66  66  66  LEU LEU A . n 
A 1 67  PHE 67  67  67  PHE PHE A . n 
A 1 68  ASN 68  68  68  ASN ASN A . n 
A 1 69  GLN 69  69  69  GLN GLN A . n 
A 1 70  ASP 70  70  70  ASP ASP A . n 
A 1 71  VAL 71  71  71  VAL VAL A . n 
A 1 72  ASP 72  72  72  ASP ASP A . n 
A 1 73  ALA 73  73  73  ALA ALA A . n 
A 1 74  ALA 74  74  74  ALA ALA A . n 
A 1 75  VAL 75  75  75  VAL VAL A . n 
A 1 76  ARG 76  76  76  ARG ARG A . n 
A 1 77  GLY 77  77  77  GLY GLY A . n 
A 1 78  ILE 78  78  78  ILE ILE A . n 
A 1 79  LEU 79  79  79  LEU LEU A . n 
A 1 80  ARG 80  80  80  ARG ARG A . n 
A 1 81  ASN 81  81  81  ASN ASN A . n 
A 1 82  ALA 82  82  82  ALA ALA A . n 
A 1 83  LYS 83  83  83  LYS LYS A . n 
A 1 84  LEU 84  84  84  LEU LEU A . n 
A 1 85  LYS 85  85  85  LYS LYS A . n 
A 1 86  PRO 86  86  86  PRO PRO A . n 
A 1 87  VAL 87  87  87  VAL VAL A . n 
A 1 88  TYR 88  88  88  TYR TYR A . n 
A 1 89  ASP 89  89  89  ASP ASP A . n 
A 1 90  SER 90  90  90  SER SER A . n 
A 1 91  LEU 91  91  91  LEU LEU A . n 
A 1 92  ASP 92  92  92  ASP ASP A . n 
A 1 93  ALA 93  93  93  ALA ALA A . n 
A 1 94  VAL 94  94  94  VAL VAL A . n 
A 1 95  ARG 95  95  95  ARG ARG A . n 
A 1 96  ARG 96  96  96  ARG ARG A . n 
A 1 97  ALA 97  97  97  ALA ALA A . n 
A 1 98  ALA 98  98  98  ALA ALA A . n 
A 1 99  LEU 99  99  99  LEU LEU A . n 
A 1 100 ILE 100 100 100 ILE ILE A . n 
A 1 101 ASN 101 101 101 ASN ASN A . n 
A 1 102 MET 102 102 102 MET MET A . n 
A 1 103 VAL 103 103 103 VAL VAL A . n 
A 1 104 PHE 104 104 104 PHE PHE A . n 
A 1 105 GLN 105 105 105 GLN GLN A . n 
A 1 106 MET 106 106 106 MET MET A . n 
A 1 107 GLY 107 107 107 GLY GLY A . n 
A 1 108 GLU 108 108 108 GLU GLU A . n 
A 1 109 THR 109 109 109 THR THR A . n 
A 1 110 GLY 110 110 110 GLY GLY A . n 
A 1 111 VAL 111 111 111 VAL VAL A . n 
A 1 112 ALA 112 112 112 ALA ALA A . n 
A 1 113 GLY 113 113 113 GLY GLY A . n 
A 1 114 PHE 114 114 114 PHE PHE A . n 
A 1 115 THR 115 115 115 THR THR A . n 
A 1 116 ASN 116 116 116 ASN ASN A . n 
A 1 117 SER 117 117 117 SER SER A . n 
A 1 118 LEU 118 118 118 LEU LEU A . n 
A 1 119 ARG 119 119 119 ARG ARG A . n 
A 1 120 MET 120 120 120 MET MET A . n 
A 1 121 ALA 121 121 121 ALA ALA A . n 
A 1 122 GLN 122 122 122 GLN GLN A . n 
A 1 123 GLN 123 123 123 GLN GLN A . n 
A 1 124 LYS 124 124 124 LYS LYS A . n 
A 1 125 ARG 125 125 125 ARG ARG A . n 
A 1 126 TRP 126 126 126 TRP TRP A . n 
A 1 127 ASP 127 127 127 ASP ASP A . n 
A 1 128 GLU 128 128 128 GLU GLU A . n 
A 1 129 ALA 129 129 129 ALA ALA A . n 
A 1 130 ALA 130 130 130 ALA ALA A . n 
A 1 131 VAL 131 131 131 VAL VAL A . n 
A 1 132 ASN 132 132 132 ASN ASN A . n 
A 1 133 ALA 133 133 133 ALA ALA A . n 
A 1 134 ALA 134 134 134 ALA ALA A . n 
A 1 135 LYS 135 135 135 LYS LYS A . n 
A 1 136 SER 136 136 136 SER SER A . n 
A 1 137 ARG 137 137 137 ARG ARG A . n 
A 1 138 TRP 138 138 138 TRP TRP A . n 
A 1 139 TYR 139 139 139 TYR TYR A . n 
A 1 140 ASN 140 140 140 ASN ASN A . n 
A 1 141 GLN 141 141 141 GLN GLN A . n 
A 1 142 THR 142 142 142 THR THR A . n 
A 1 143 PRO 143 143 143 PRO PRO A . n 
A 1 144 ASN 144 144 144 ASN ASN A . n 
A 1 145 ARG 145 145 145 ARG ARG A . n 
A 1 146 ALA 146 146 146 ALA ALA A . n 
A 1 147 LYS 147 147 147 LYS LYS A . n 
A 1 148 ARG 148 148 148 ARG ARG A . n 
A 1 149 VAL 149 149 149 VAL VAL A . n 
A 1 150 ILE 150 150 150 ILE ILE A . n 
A 1 151 THR 151 151 151 THR THR A . n 
A 1 152 THR 152 152 152 THR THR A . n 
A 1 153 PHE 153 153 153 PHE PHE A . n 
A 1 154 ARG 154 154 154 ARG ARG A . n 
A 1 155 THR 155 155 155 THR THR A . n 
A 1 156 GLY 156 156 156 GLY GLY A . n 
A 1 157 THR 157 157 157 THR THR A . n 
A 1 158 TRP 158 158 158 TRP TRP A . n 
A 1 159 ASP 159 159 159 ASP ASP A . n 
A 1 160 ALA 160 160 160 ALA ALA A . n 
A 1 161 TYR 161 161 161 TYR TYR A . n 
A 1 162 LYS 162 162 162 LYS LYS A . n 
A 1 163 ASN 163 163 ?   ?   ?   A . n 
A 1 164 LEU 164 164 ?   ?   ?   A . n 
# 
loop_
_pdbx_nonpoly_scheme.asym_id 
_pdbx_nonpoly_scheme.entity_id 
_pdbx_nonpoly_scheme.mon_id 
_pdbx_nonpoly_scheme.ndb_seq_num 
_pdbx_nonpoly_scheme.pdb_seq_num 
_pdbx_nonpoly_scheme.auth_seq_num 
_pdbx_nonpoly_scheme.pdb_mon_id 
_pdbx_nonpoly_scheme.auth_mon_id 
_pdbx_nonpoly_scheme.pdb_strand_id 
_pdbx_nonpoly_scheme.pdb_ins_code 
B 2 CL  1  173 173 CL  CL  A . 
C 2 CL  1  178 178 CL  CL  A . 
D 3 AR  1  500 500 AR  AR  A . 
E 3 AR  1  501 501 AR  AR  A . 
F 4 BME 1  901 901 BME BME A . 
G 4 BME 1  902 902 BME BME A . 
H 5 HOH 1  171 171 HOH HOH A . 
H 5 HOH 2  172 172 HOH HOH A . 
H 5 HOH 3  174 174 HOH HOH A . 
H 5 HOH 4  175 175 HOH HOH A . 
H 5 HOH 5  177 177 HOH HOH A . 
H 5 HOH 6  179 179 HOH HOH A . 
H 5 HOH 7  180 180 HOH HOH A . 
H 5 HOH 8  181 181 HOH HOH A . 
H 5 HOH 9  182 182 HOH HOH A . 
H 5 HOH 10 183 183 HOH HOH A . 
H 5 HOH 11 185 185 HOH HOH A . 
H 5 HOH 12 186 186 HOH HOH A . 
H 5 HOH 13 188 188 HOH HOH A . 
H 5 HOH 14 190 190 HOH HOH A . 
H 5 HOH 15 191 191 HOH HOH A . 
H 5 HOH 16 193 193 HOH HOH A . 
H 5 HOH 17 195 195 HOH HOH A . 
H 5 HOH 18 196 196 HOH HOH A . 
H 5 HOH 19 197 197 HOH HOH A . 
H 5 HOH 20 198 198 HOH HOH A . 
H 5 HOH 21 201 201 HOH HOH A . 
H 5 HOH 22 203 203 HOH HOH A . 
H 5 HOH 23 204 204 HOH HOH A . 
H 5 HOH 24 208 208 HOH HOH A . 
H 5 HOH 25 210 210 HOH HOH A . 
H 5 HOH 26 211 211 HOH HOH A . 
H 5 HOH 27 214 214 HOH HOH A . 
H 5 HOH 28 215 215 HOH HOH A . 
H 5 HOH 29 217 217 HOH HOH A . 
H 5 HOH 30 218 218 HOH HOH A . 
H 5 HOH 31 219 219 HOH HOH A . 
H 5 HOH 32 220 220 HOH HOH A . 
H 5 HOH 33 221 221 HOH HOH A . 
H 5 HOH 34 223 223 HOH HOH A . 
H 5 HOH 35 227 227 HOH HOH A . 
H 5 HOH 36 231 231 HOH HOH A . 
H 5 HOH 37 234 234 HOH HOH A . 
H 5 HOH 38 235 235 HOH HOH A . 
H 5 HOH 39 238 238 HOH HOH A . 
H 5 HOH 40 240 240 HOH HOH A . 
H 5 HOH 41 244 244 HOH HOH A . 
H 5 HOH 42 245 245 HOH HOH A . 
H 5 HOH 43 251 251 HOH HOH A . 
H 5 HOH 44 256 256 HOH HOH A . 
H 5 HOH 45 259 259 HOH HOH A . 
H 5 HOH 46 267 267 HOH HOH A . 
H 5 HOH 47 270 270 HOH HOH A . 
H 5 HOH 48 274 274 HOH HOH A . 
H 5 HOH 49 277 277 HOH HOH A . 
H 5 HOH 50 278 278 HOH HOH A . 
H 5 HOH 51 282 282 HOH HOH A . 
H 5 HOH 52 283 283 HOH HOH A . 
H 5 HOH 53 286 286 HOH HOH A . 
H 5 HOH 54 288 288 HOH HOH A . 
H 5 HOH 55 289 289 HOH HOH A . 
H 5 HOH 56 291 291 HOH HOH A . 
H 5 HOH 57 294 294 HOH HOH A . 
H 5 HOH 58 295 295 HOH HOH A . 
H 5 HOH 59 299 299 HOH HOH A . 
H 5 HOH 60 300 300 HOH HOH A . 
H 5 HOH 61 303 303 HOH HOH A . 
H 5 HOH 62 308 308 HOH HOH A . 
H 5 HOH 63 314 314 HOH HOH A . 
H 5 HOH 64 319 319 HOH HOH A . 
H 5 HOH 65 326 326 HOH HOH A . 
H 5 HOH 66 327 327 HOH HOH A . 
H 5 HOH 67 328 328 HOH HOH A . 
H 5 HOH 68 329 329 HOH HOH A . 
H 5 HOH 69 330 330 HOH HOH A . 
H 5 HOH 70 331 331 HOH HOH A . 
H 5 HOH 71 332 332 HOH HOH A . 
H 5 HOH 72 333 333 HOH HOH A . 
H 5 HOH 73 334 334 HOH HOH A . 
H 5 HOH 74 335 335 HOH HOH A . 
# 
_pdbx_struct_assembly.id                   1 
_pdbx_struct_assembly.details              author_defined_assembly 
_pdbx_struct_assembly.method_details       ? 
_pdbx_struct_assembly.oligomeric_details   monomeric 
_pdbx_struct_assembly.oligomeric_count     1 
# 
_pdbx_struct_assembly_gen.assembly_id       1 
_pdbx_struct_assembly_gen.oper_expression   1 
_pdbx_struct_assembly_gen.asym_id_list      A,B,C,D,E,F,G,H 
# 
_pdbx_struct_oper_list.id                   1 
_pdbx_struct_oper_list.type                 'identity operation' 
_pdbx_struct_oper_list.name                 1_555 
_pdbx_struct_oper_list.symmetry_operation   x,y,z 
_pdbx_struct_oper_list.matrix[1][1]         1.0000000000 
_pdbx_struct_oper_list.matrix[1][2]         0.0000000000 
_pdbx_struct_oper_list.matrix[1][3]         0.0000000000 
_pdbx_struct_oper_list.vector[1]            0.0000000000 
_pdbx_struct_oper_list.matrix[2][1]         0.0000000000 
_pdbx_struct_oper_list.matrix[2][2]         1.0000000000 
_pdbx_struct_oper_list.matrix[2][3]         0.0000000000 
_pdbx_struct_oper_list.vector[2]            0.0000000000 
_pdbx_struct_oper_list.matrix[3][1]         0.0000000000 
_pdbx_struct_oper_list.matrix[3][2]         0.0000000000 
_pdbx_struct_oper_list.matrix[3][3]         1.0000000000 
_pdbx_struct_oper_list.vector[3]            0.0000000000 
# 
loop_
_pdbx_audit_revision_history.ordinal 
_pdbx_audit_revision_history.data_content_type 
_pdbx_audit_revision_history.major_revision 
_pdbx_audit_revision_history.minor_revision 
_pdbx_audit_revision_history.revision_date 
1 'Structure model' 1 0 2000-10-04 
2 'Structure model' 1 1 2008-04-26 
3 'Structure model' 1 2 2011-07-13 
4 'Structure model' 1 3 2021-11-03 
5 'Structure model' 1 4 2023-08-09 
# 
_pdbx_audit_revision_details.ordinal             1 
_pdbx_audit_revision_details.revision_ordinal    1 
_pdbx_audit_revision_details.data_content_type   'Structure model' 
_pdbx_audit_revision_details.provider            repository 
_pdbx_audit_revision_details.type                'Initial release' 
_pdbx_audit_revision_details.description         ? 
_pdbx_audit_revision_details.details             ? 
# 
loop_
_pdbx_audit_revision_group.ordinal 
_pdbx_audit_revision_group.revision_ordinal 
_pdbx_audit_revision_group.data_content_type 
_pdbx_audit_revision_group.group 
1 2 'Structure model' 'Version format compliance' 
2 3 'Structure model' 'Version format compliance' 
3 4 'Structure model' 'Database references'       
4 4 'Structure model' 'Derived calculations'      
5 5 'Structure model' 'Data collection'           
6 5 'Structure model' 'Refinement description'    
# 
loop_
_pdbx_audit_revision_category.ordinal 
_pdbx_audit_revision_category.revision_ordinal 
_pdbx_audit_revision_category.data_content_type 
_pdbx_audit_revision_category.category 
1 4 'Structure model' database_2                    
2 4 'Structure model' struct_conn                   
3 4 'Structure model' struct_ref_seq_dif            
4 4 'Structure model' struct_site                   
5 5 'Structure model' chem_comp_atom                
6 5 'Structure model' chem_comp_bond                
7 5 'Structure model' pdbx_initial_refinement_model 
# 
loop_
_pdbx_audit_revision_item.ordinal 
_pdbx_audit_revision_item.revision_ordinal 
_pdbx_audit_revision_item.data_content_type 
_pdbx_audit_revision_item.item 
1 4 'Structure model' '_database_2.pdbx_DOI'                
2 4 'Structure model' '_database_2.pdbx_database_accession' 
3 4 'Structure model' '_struct_conn.pdbx_leaving_atom_flag' 
4 4 'Structure model' '_struct_ref_seq_dif.details'         
5 4 'Structure model' '_struct_site.pdbx_auth_asym_id'      
6 4 'Structure model' '_struct_site.pdbx_auth_comp_id'      
7 4 'Structure model' '_struct_site.pdbx_auth_seq_id'       
# 
loop_
_software.name 
_software.classification 
_software.version 
_software.citation_id 
_software.pdbx_ordinal 
TNT       refinement       . ? 1 
DENZO     'data reduction' . ? 2 
SCALEPACK 'data scaling'   . ? 3 
TNT       phasing          . ? 4 
# 
_pdbx_validate_rmsd_bond.id                        1 
_pdbx_validate_rmsd_bond.PDB_model_num             1 
_pdbx_validate_rmsd_bond.auth_atom_id_1            CD 
_pdbx_validate_rmsd_bond.auth_asym_id_1            A 
_pdbx_validate_rmsd_bond.auth_comp_id_1            GLU 
_pdbx_validate_rmsd_bond.auth_seq_id_1             128 
_pdbx_validate_rmsd_bond.PDB_ins_code_1            ? 
_pdbx_validate_rmsd_bond.label_alt_id_1            ? 
_pdbx_validate_rmsd_bond.auth_atom_id_2            OE1 
_pdbx_validate_rmsd_bond.auth_asym_id_2            A 
_pdbx_validate_rmsd_bond.auth_comp_id_2            GLU 
_pdbx_validate_rmsd_bond.auth_seq_id_2             128 
_pdbx_validate_rmsd_bond.PDB_ins_code_2            ? 
_pdbx_validate_rmsd_bond.label_alt_id_2            ? 
_pdbx_validate_rmsd_bond.bond_value                1.336 
_pdbx_validate_rmsd_bond.bond_target_value         1.252 
_pdbx_validate_rmsd_bond.bond_deviation            0.084 
_pdbx_validate_rmsd_bond.bond_standard_deviation   0.011 
_pdbx_validate_rmsd_bond.linker_flag               N 
# 
loop_
_pdbx_validate_rmsd_angle.id 
_pdbx_validate_rmsd_angle.PDB_model_num 
_pdbx_validate_rmsd_angle.auth_atom_id_1 
_pdbx_validate_rmsd_angle.auth_asym_id_1 
_pdbx_validate_rmsd_angle.auth_comp_id_1 
_pdbx_validate_rmsd_angle.auth_seq_id_1 
_pdbx_validate_rmsd_angle.PDB_ins_code_1 
_pdbx_validate_rmsd_angle.label_alt_id_1 
_pdbx_validate_rmsd_angle.auth_atom_id_2 
_pdbx_validate_rmsd_angle.auth_asym_id_2 
_pdbx_validate_rmsd_angle.auth_comp_id_2 
_pdbx_validate_rmsd_angle.auth_seq_id_2 
_pdbx_validate_rmsd_angle.PDB_ins_code_2 
_pdbx_validate_rmsd_angle.label_alt_id_2 
_pdbx_validate_rmsd_angle.auth_atom_id_3 
_pdbx_validate_rmsd_angle.auth_asym_id_3 
_pdbx_validate_rmsd_angle.auth_comp_id_3 
_pdbx_validate_rmsd_angle.auth_seq_id_3 
_pdbx_validate_rmsd_angle.PDB_ins_code_3 
_pdbx_validate_rmsd_angle.label_alt_id_3 
_pdbx_validate_rmsd_angle.angle_value 
_pdbx_validate_rmsd_angle.angle_target_value 
_pdbx_validate_rmsd_angle.angle_deviation 
_pdbx_validate_rmsd_angle.angle_standard_deviation 
_pdbx_validate_rmsd_angle.linker_flag 
1  1 NE A ARG 8   ? ? CZ A ARG 8   ? ? NH2 A ARG 8   ? ? 115.99 120.30 -4.31  0.50 N 
2  1 NE A ARG 14  ? ? CZ A ARG 14  ? ? NH2 A ARG 14  ? ? 116.65 120.30 -3.65  0.50 N 
3  1 C  A SER 36  ? ? N  A PRO 37  ? ? CA  A PRO 37  ? ? 129.47 119.30 10.17  1.50 Y 
4  1 C  A SER 36  ? ? N  A PRO 37  ? ? CD  A PRO 37  ? ? 111.44 128.40 -16.96 2.10 Y 
5  1 CB A ASP 47  ? ? CG A ASP 47  ? ? OD1 A ASP 47  ? ? 127.43 118.30 9.13   0.90 N 
6  1 CB A ASP 47  ? ? CG A ASP 47  ? ? OD2 A ASP 47  ? ? 108.78 118.30 -9.52  0.90 N 
7  1 CB A ASP 61  ? ? CG A ASP 61  ? ? OD2 A ASP 61  ? ? 112.09 118.30 -6.21  0.90 N 
8  1 CB A ASP 72  ? ? CG A ASP 72  ? ? OD1 A ASP 72  ? ? 112.82 118.30 -5.48  0.90 N 
9  1 N  A ALA 74  ? ? CA A ALA 74  ? ? CB  A ALA 74  ? ? 119.53 110.10 9.43   1.40 N 
10 1 CB A ASP 92  ? ? CG A ASP 92  ? ? OD1 A ASP 92  ? ? 110.64 118.30 -7.66  0.90 N 
11 1 CB A ASP 92  ? ? CG A ASP 92  ? ? OD2 A ASP 92  ? ? 124.93 118.30 6.63   0.90 N 
12 1 NE A ARG 96  ? ? CZ A ARG 96  ? ? NH2 A ARG 96  ? ? 116.30 120.30 -4.00  0.50 N 
13 1 CA A VAL 111 ? ? CB A VAL 111 ? ? CG1 A VAL 111 ? ? 100.86 110.90 -10.04 1.50 N 
14 1 NE A ARG 119 ? ? CZ A ARG 119 ? ? NH2 A ARG 119 ? ? 116.39 120.30 -3.91  0.50 N 
15 1 CG A MET 120 ? ? SD A MET 120 ? ? CE  A MET 120 ? ? 112.19 100.20 11.99  1.60 N 
16 1 NE A ARG 148 ? ? CZ A ARG 148 ? ? NH1 A ARG 148 ? ? 124.57 120.30 4.27   0.50 N 
# 
loop_
_pdbx_validate_torsion.id 
_pdbx_validate_torsion.PDB_model_num 
_pdbx_validate_torsion.auth_comp_id 
_pdbx_validate_torsion.auth_asym_id 
_pdbx_validate_torsion.auth_seq_id 
_pdbx_validate_torsion.PDB_ins_code 
_pdbx_validate_torsion.label_alt_id 
_pdbx_validate_torsion.phi 
_pdbx_validate_torsion.psi 
1 1 ILE A 29  ? ? -100.81 70.98  
2 1 PHE A 114 ? ? -95.93  30.30  
3 1 TRP A 126 ? ? -29.56  -49.21 
# 
loop_
_pdbx_unobs_or_zero_occ_residues.id 
_pdbx_unobs_or_zero_occ_residues.PDB_model_num 
_pdbx_unobs_or_zero_occ_residues.polymer_flag 
_pdbx_unobs_or_zero_occ_residues.occupancy_flag 
_pdbx_unobs_or_zero_occ_residues.auth_asym_id 
_pdbx_unobs_or_zero_occ_residues.auth_comp_id 
_pdbx_unobs_or_zero_occ_residues.auth_seq_id 
_pdbx_unobs_or_zero_occ_residues.PDB_ins_code 
_pdbx_unobs_or_zero_occ_residues.label_asym_id 
_pdbx_unobs_or_zero_occ_residues.label_comp_id 
_pdbx_unobs_or_zero_occ_residues.label_seq_id 
1 1 Y 1 A ASN 163 ? A ASN 163 
2 1 Y 1 A LEU 164 ? A LEU 164 
# 
loop_
_chem_comp_atom.comp_id 
_chem_comp_atom.atom_id 
_chem_comp_atom.type_symbol 
_chem_comp_atom.pdbx_aromatic_flag 
_chem_comp_atom.pdbx_stereo_config 
_chem_comp_atom.pdbx_ordinal 
ALA N    N  N N 1   
ALA CA   C  N S 2   
ALA C    C  N N 3   
ALA O    O  N N 4   
ALA CB   C  N N 5   
ALA OXT  O  N N 6   
ALA H    H  N N 7   
ALA H2   H  N N 8   
ALA HA   H  N N 9   
ALA HB1  H  N N 10  
ALA HB2  H  N N 11  
ALA HB3  H  N N 12  
ALA HXT  H  N N 13  
AR  AR   AR N N 14  
ARG N    N  N N 15  
ARG CA   C  N S 16  
ARG C    C  N N 17  
ARG O    O  N N 18  
ARG CB   C  N N 19  
ARG CG   C  N N 20  
ARG CD   C  N N 21  
ARG NE   N  N N 22  
ARG CZ   C  N N 23  
ARG NH1  N  N N 24  
ARG NH2  N  N N 25  
ARG OXT  O  N N 26  
ARG H    H  N N 27  
ARG H2   H  N N 28  
ARG HA   H  N N 29  
ARG HB2  H  N N 30  
ARG HB3  H  N N 31  
ARG HG2  H  N N 32  
ARG HG3  H  N N 33  
ARG HD2  H  N N 34  
ARG HD3  H  N N 35  
ARG HE   H  N N 36  
ARG HH11 H  N N 37  
ARG HH12 H  N N 38  
ARG HH21 H  N N 39  
ARG HH22 H  N N 40  
ARG HXT  H  N N 41  
ASN N    N  N N 42  
ASN CA   C  N S 43  
ASN C    C  N N 44  
ASN O    O  N N 45  
ASN CB   C  N N 46  
ASN CG   C  N N 47  
ASN OD1  O  N N 48  
ASN ND2  N  N N 49  
ASN OXT  O  N N 50  
ASN H    H  N N 51  
ASN H2   H  N N 52  
ASN HA   H  N N 53  
ASN HB2  H  N N 54  
ASN HB3  H  N N 55  
ASN HD21 H  N N 56  
ASN HD22 H  N N 57  
ASN HXT  H  N N 58  
ASP N    N  N N 59  
ASP CA   C  N S 60  
ASP C    C  N N 61  
ASP O    O  N N 62  
ASP CB   C  N N 63  
ASP CG   C  N N 64  
ASP OD1  O  N N 65  
ASP OD2  O  N N 66  
ASP OXT  O  N N 67  
ASP H    H  N N 68  
ASP H2   H  N N 69  
ASP HA   H  N N 70  
ASP HB2  H  N N 71  
ASP HB3  H  N N 72  
ASP HD2  H  N N 73  
ASP HXT  H  N N 74  
BME C1   C  N N 75  
BME C2   C  N N 76  
BME O1   O  N N 77  
BME S2   S  N N 78  
BME H11  H  N N 79  
BME H12  H  N N 80  
BME H21  H  N N 81  
BME H22  H  N N 82  
BME HO1  H  N N 83  
BME HS2  H  N N 84  
CL  CL   CL N N 85  
CYS N    N  N N 86  
CYS CA   C  N R 87  
CYS C    C  N N 88  
CYS O    O  N N 89  
CYS CB   C  N N 90  
CYS SG   S  N N 91  
CYS OXT  O  N N 92  
CYS H    H  N N 93  
CYS H2   H  N N 94  
CYS HA   H  N N 95  
CYS HB2  H  N N 96  
CYS HB3  H  N N 97  
CYS HG   H  N N 98  
CYS HXT  H  N N 99  
GLN N    N  N N 100 
GLN CA   C  N S 101 
GLN C    C  N N 102 
GLN O    O  N N 103 
GLN CB   C  N N 104 
GLN CG   C  N N 105 
GLN CD   C  N N 106 
GLN OE1  O  N N 107 
GLN NE2  N  N N 108 
GLN OXT  O  N N 109 
GLN H    H  N N 110 
GLN H2   H  N N 111 
GLN HA   H  N N 112 
GLN HB2  H  N N 113 
GLN HB3  H  N N 114 
GLN HG2  H  N N 115 
GLN HG3  H  N N 116 
GLN HE21 H  N N 117 
GLN HE22 H  N N 118 
GLN HXT  H  N N 119 
GLU N    N  N N 120 
GLU CA   C  N S 121 
GLU C    C  N N 122 
GLU O    O  N N 123 
GLU CB   C  N N 124 
GLU CG   C  N N 125 
GLU CD   C  N N 126 
GLU OE1  O  N N 127 
GLU OE2  O  N N 128 
GLU OXT  O  N N 129 
GLU H    H  N N 130 
GLU H2   H  N N 131 
GLU HA   H  N N 132 
GLU HB2  H  N N 133 
GLU HB3  H  N N 134 
GLU HG2  H  N N 135 
GLU HG3  H  N N 136 
GLU HE2  H  N N 137 
GLU HXT  H  N N 138 
GLY N    N  N N 139 
GLY CA   C  N N 140 
GLY C    C  N N 141 
GLY O    O  N N 142 
GLY OXT  O  N N 143 
GLY H    H  N N 144 
GLY H2   H  N N 145 
GLY HA2  H  N N 146 
GLY HA3  H  N N 147 
GLY HXT  H  N N 148 
HIS N    N  N N 149 
HIS CA   C  N S 150 
HIS C    C  N N 151 
HIS O    O  N N 152 
HIS CB   C  N N 153 
HIS CG   C  Y N 154 
HIS ND1  N  Y N 155 
HIS CD2  C  Y N 156 
HIS CE1  C  Y N 157 
HIS NE2  N  Y N 158 
HIS OXT  O  N N 159 
HIS H    H  N N 160 
HIS H2   H  N N 161 
HIS HA   H  N N 162 
HIS HB2  H  N N 163 
HIS HB3  H  N N 164 
HIS HD1  H  N N 165 
HIS HD2  H  N N 166 
HIS HE1  H  N N 167 
HIS HE2  H  N N 168 
HIS HXT  H  N N 169 
HOH O    O  N N 170 
HOH H1   H  N N 171 
HOH H2   H  N N 172 
ILE N    N  N N 173 
ILE CA   C  N S 174 
ILE C    C  N N 175 
ILE O    O  N N 176 
ILE CB   C  N S 177 
ILE CG1  C  N N 178 
ILE CG2  C  N N 179 
ILE CD1  C  N N 180 
ILE OXT  O  N N 181 
ILE H    H  N N 182 
ILE H2   H  N N 183 
ILE HA   H  N N 184 
ILE HB   H  N N 185 
ILE HG12 H  N N 186 
ILE HG13 H  N N 187 
ILE HG21 H  N N 188 
ILE HG22 H  N N 189 
ILE HG23 H  N N 190 
ILE HD11 H  N N 191 
ILE HD12 H  N N 192 
ILE HD13 H  N N 193 
ILE HXT  H  N N 194 
LEU N    N  N N 195 
LEU CA   C  N S 196 
LEU C    C  N N 197 
LEU O    O  N N 198 
LEU CB   C  N N 199 
LEU CG   C  N N 200 
LEU CD1  C  N N 201 
LEU CD2  C  N N 202 
LEU OXT  O  N N 203 
LEU H    H  N N 204 
LEU H2   H  N N 205 
LEU HA   H  N N 206 
LEU HB2  H  N N 207 
LEU HB3  H  N N 208 
LEU HG   H  N N 209 
LEU HD11 H  N N 210 
LEU HD12 H  N N 211 
LEU HD13 H  N N 212 
LEU HD21 H  N N 213 
LEU HD22 H  N N 214 
LEU HD23 H  N N 215 
LEU HXT  H  N N 216 
LYS N    N  N N 217 
LYS CA   C  N S 218 
LYS C    C  N N 219 
LYS O    O  N N 220 
LYS CB   C  N N 221 
LYS CG   C  N N 222 
LYS CD   C  N N 223 
LYS CE   C  N N 224 
LYS NZ   N  N N 225 
LYS OXT  O  N N 226 
LYS H    H  N N 227 
LYS H2   H  N N 228 
LYS HA   H  N N 229 
LYS HB2  H  N N 230 
LYS HB3  H  N N 231 
LYS HG2  H  N N 232 
LYS HG3  H  N N 233 
LYS HD2  H  N N 234 
LYS HD3  H  N N 235 
LYS HE2  H  N N 236 
LYS HE3  H  N N 237 
LYS HZ1  H  N N 238 
LYS HZ2  H  N N 239 
LYS HZ3  H  N N 240 
LYS HXT  H  N N 241 
MET N    N  N N 242 
MET CA   C  N S 243 
MET C    C  N N 244 
MET O    O  N N 245 
MET CB   C  N N 246 
MET CG   C  N N 247 
MET SD   S  N N 248 
MET CE   C  N N 249 
MET OXT  O  N N 250 
MET H    H  N N 251 
MET H2   H  N N 252 
MET HA   H  N N 253 
MET HB2  H  N N 254 
MET HB3  H  N N 255 
MET HG2  H  N N 256 
MET HG3  H  N N 257 
MET HE1  H  N N 258 
MET HE2  H  N N 259 
MET HE3  H  N N 260 
MET HXT  H  N N 261 
PHE N    N  N N 262 
PHE CA   C  N S 263 
PHE C    C  N N 264 
PHE O    O  N N 265 
PHE CB   C  N N 266 
PHE CG   C  Y N 267 
PHE CD1  C  Y N 268 
PHE CD2  C  Y N 269 
PHE CE1  C  Y N 270 
PHE CE2  C  Y N 271 
PHE CZ   C  Y N 272 
PHE OXT  O  N N 273 
PHE H    H  N N 274 
PHE H2   H  N N 275 
PHE HA   H  N N 276 
PHE HB2  H  N N 277 
PHE HB3  H  N N 278 
PHE HD1  H  N N 279 
PHE HD2  H  N N 280 
PHE HE1  H  N N 281 
PHE HE2  H  N N 282 
PHE HZ   H  N N 283 
PHE HXT  H  N N 284 
PRO N    N  N N 285 
PRO CA   C  N S 286 
PRO C    C  N N 287 
PRO O    O  N N 288 
PRO CB   C  N N 289 
PRO CG   C  N N 290 
PRO CD   C  N N 291 
PRO OXT  O  N N 292 
PRO H    H  N N 293 
PRO HA   H  N N 294 
PRO HB2  H  N N 295 
PRO HB3  H  N N 296 
PRO HG2  H  N N 297 
PRO HG3  H  N N 298 
PRO HD2  H  N N 299 
PRO HD3  H  N N 300 
PRO HXT  H  N N 301 
SER N    N  N N 302 
SER CA   C  N S 303 
SER C    C  N N 304 
SER O    O  N N 305 
SER CB   C  N N 306 
SER OG   O  N N 307 
SER OXT  O  N N 308 
SER H    H  N N 309 
SER H2   H  N N 310 
SER HA   H  N N 311 
SER HB2  H  N N 312 
SER HB3  H  N N 313 
SER HG   H  N N 314 
SER HXT  H  N N 315 
THR N    N  N N 316 
THR CA   C  N S 317 
THR C    C  N N 318 
THR O    O  N N 319 
THR CB   C  N R 320 
THR OG1  O  N N 321 
THR CG2  C  N N 322 
THR OXT  O  N N 323 
THR H    H  N N 324 
THR H2   H  N N 325 
THR HA   H  N N 326 
THR HB   H  N N 327 
THR HG1  H  N N 328 
THR HG21 H  N N 329 
THR HG22 H  N N 330 
THR HG23 H  N N 331 
THR HXT  H  N N 332 
TRP N    N  N N 333 
TRP CA   C  N S 334 
TRP C    C  N N 335 
TRP O    O  N N 336 
TRP CB   C  N N 337 
TRP CG   C  Y N 338 
TRP CD1  C  Y N 339 
TRP CD2  C  Y N 340 
TRP NE1  N  Y N 341 
TRP CE2  C  Y N 342 
TRP CE3  C  Y N 343 
TRP CZ2  C  Y N 344 
TRP CZ3  C  Y N 345 
TRP CH2  C  Y N 346 
TRP OXT  O  N N 347 
TRP H    H  N N 348 
TRP H2   H  N N 349 
TRP HA   H  N N 350 
TRP HB2  H  N N 351 
TRP HB3  H  N N 352 
TRP HD1  H  N N 353 
TRP HE1  H  N N 354 
TRP HE3  H  N N 355 
TRP HZ2  H  N N 356 
TRP HZ3  H  N N 357 
TRP HH2  H  N N 358 
TRP HXT  H  N N 359 
TYR N    N  N N 360 
TYR CA   C  N S 361 
TYR C    C  N N 362 
TYR O    O  N N 363 
TYR CB   C  N N 364 
TYR CG   C  Y N 365 
TYR CD1  C  Y N 366 
TYR CD2  C  Y N 367 
TYR CE1  C  Y N 368 
TYR CE2  C  Y N 369 
TYR CZ   C  Y N 370 
TYR OH   O  N N 371 
TYR OXT  O  N N 372 
TYR H    H  N N 373 
TYR H2   H  N N 374 
TYR HA   H  N N 375 
TYR HB2  H  N N 376 
TYR HB3  H  N N 377 
TYR HD1  H  N N 378 
TYR HD2  H  N N 379 
TYR HE1  H  N N 380 
TYR HE2  H  N N 381 
TYR HH   H  N N 382 
TYR HXT  H  N N 383 
VAL N    N  N N 384 
VAL CA   C  N S 385 
VAL C    C  N N 386 
VAL O    O  N N 387 
VAL CB   C  N N 388 
VAL CG1  C  N N 389 
VAL CG2  C  N N 390 
VAL OXT  O  N N 391 
VAL H    H  N N 392 
VAL H2   H  N N 393 
VAL HA   H  N N 394 
VAL HB   H  N N 395 
VAL HG11 H  N N 396 
VAL HG12 H  N N 397 
VAL HG13 H  N N 398 
VAL HG21 H  N N 399 
VAL HG22 H  N N 400 
VAL HG23 H  N N 401 
VAL HXT  H  N N 402 
# 
loop_
_chem_comp_bond.comp_id 
_chem_comp_bond.atom_id_1 
_chem_comp_bond.atom_id_2 
_chem_comp_bond.value_order 
_chem_comp_bond.pdbx_aromatic_flag 
_chem_comp_bond.pdbx_stereo_config 
_chem_comp_bond.pdbx_ordinal 
ALA N   CA   sing N N 1   
ALA N   H    sing N N 2   
ALA N   H2   sing N N 3   
ALA CA  C    sing N N 4   
ALA CA  CB   sing N N 5   
ALA CA  HA   sing N N 6   
ALA C   O    doub N N 7   
ALA C   OXT  sing N N 8   
ALA CB  HB1  sing N N 9   
ALA CB  HB2  sing N N 10  
ALA CB  HB3  sing N N 11  
ALA OXT HXT  sing N N 12  
ARG N   CA   sing N N 13  
ARG N   H    sing N N 14  
ARG N   H2   sing N N 15  
ARG CA  C    sing N N 16  
ARG CA  CB   sing N N 17  
ARG CA  HA   sing N N 18  
ARG C   O    doub N N 19  
ARG C   OXT  sing N N 20  
ARG CB  CG   sing N N 21  
ARG CB  HB2  sing N N 22  
ARG CB  HB3  sing N N 23  
ARG CG  CD   sing N N 24  
ARG CG  HG2  sing N N 25  
ARG CG  HG3  sing N N 26  
ARG CD  NE   sing N N 27  
ARG CD  HD2  sing N N 28  
ARG CD  HD3  sing N N 29  
ARG NE  CZ   sing N N 30  
ARG NE  HE   sing N N 31  
ARG CZ  NH1  sing N N 32  
ARG CZ  NH2  doub N N 33  
ARG NH1 HH11 sing N N 34  
ARG NH1 HH12 sing N N 35  
ARG NH2 HH21 sing N N 36  
ARG NH2 HH22 sing N N 37  
ARG OXT HXT  sing N N 38  
ASN N   CA   sing N N 39  
ASN N   H    sing N N 40  
ASN N   H2   sing N N 41  
ASN CA  C    sing N N 42  
ASN CA  CB   sing N N 43  
ASN CA  HA   sing N N 44  
ASN C   O    doub N N 45  
ASN C   OXT  sing N N 46  
ASN CB  CG   sing N N 47  
ASN CB  HB2  sing N N 48  
ASN CB  HB3  sing N N 49  
ASN CG  OD1  doub N N 50  
ASN CG  ND2  sing N N 51  
ASN ND2 HD21 sing N N 52  
ASN ND2 HD22 sing N N 53  
ASN OXT HXT  sing N N 54  
ASP N   CA   sing N N 55  
ASP N   H    sing N N 56  
ASP N   H2   sing N N 57  
ASP CA  C    sing N N 58  
ASP CA  CB   sing N N 59  
ASP CA  HA   sing N N 60  
ASP C   O    doub N N 61  
ASP C   OXT  sing N N 62  
ASP CB  CG   sing N N 63  
ASP CB  HB2  sing N N 64  
ASP CB  HB3  sing N N 65  
ASP CG  OD1  doub N N 66  
ASP CG  OD2  sing N N 67  
ASP OD2 HD2  sing N N 68  
ASP OXT HXT  sing N N 69  
BME C1  C2   sing N N 70  
BME C1  O1   sing N N 71  
BME C1  H11  sing N N 72  
BME C1  H12  sing N N 73  
BME C2  S2   sing N N 74  
BME C2  H21  sing N N 75  
BME C2  H22  sing N N 76  
BME O1  HO1  sing N N 77  
BME S2  HS2  sing N N 78  
CYS N   CA   sing N N 79  
CYS N   H    sing N N 80  
CYS N   H2   sing N N 81  
CYS CA  C    sing N N 82  
CYS CA  CB   sing N N 83  
CYS CA  HA   sing N N 84  
CYS C   O    doub N N 85  
CYS C   OXT  sing N N 86  
CYS CB  SG   sing N N 87  
CYS CB  HB2  sing N N 88  
CYS CB  HB3  sing N N 89  
CYS SG  HG   sing N N 90  
CYS OXT HXT  sing N N 91  
GLN N   CA   sing N N 92  
GLN N   H    sing N N 93  
GLN N   H2   sing N N 94  
GLN CA  C    sing N N 95  
GLN CA  CB   sing N N 96  
GLN CA  HA   sing N N 97  
GLN C   O    doub N N 98  
GLN C   OXT  sing N N 99  
GLN CB  CG   sing N N 100 
GLN CB  HB2  sing N N 101 
GLN CB  HB3  sing N N 102 
GLN CG  CD   sing N N 103 
GLN CG  HG2  sing N N 104 
GLN CG  HG3  sing N N 105 
GLN CD  OE1  doub N N 106 
GLN CD  NE2  sing N N 107 
GLN NE2 HE21 sing N N 108 
GLN NE2 HE22 sing N N 109 
GLN OXT HXT  sing N N 110 
GLU N   CA   sing N N 111 
GLU N   H    sing N N 112 
GLU N   H2   sing N N 113 
GLU CA  C    sing N N 114 
GLU CA  CB   sing N N 115 
GLU CA  HA   sing N N 116 
GLU C   O    doub N N 117 
GLU C   OXT  sing N N 118 
GLU CB  CG   sing N N 119 
GLU CB  HB2  sing N N 120 
GLU CB  HB3  sing N N 121 
GLU CG  CD   sing N N 122 
GLU CG  HG2  sing N N 123 
GLU CG  HG3  sing N N 124 
GLU CD  OE1  doub N N 125 
GLU CD  OE2  sing N N 126 
GLU OE2 HE2  sing N N 127 
GLU OXT HXT  sing N N 128 
GLY N   CA   sing N N 129 
GLY N   H    sing N N 130 
GLY N   H2   sing N N 131 
GLY CA  C    sing N N 132 
GLY CA  HA2  sing N N 133 
GLY CA  HA3  sing N N 134 
GLY C   O    doub N N 135 
GLY C   OXT  sing N N 136 
GLY OXT HXT  sing N N 137 
HIS N   CA   sing N N 138 
HIS N   H    sing N N 139 
HIS N   H2   sing N N 140 
HIS CA  C    sing N N 141 
HIS CA  CB   sing N N 142 
HIS CA  HA   sing N N 143 
HIS C   O    doub N N 144 
HIS C   OXT  sing N N 145 
HIS CB  CG   sing N N 146 
HIS CB  HB2  sing N N 147 
HIS CB  HB3  sing N N 148 
HIS CG  ND1  sing Y N 149 
HIS CG  CD2  doub Y N 150 
HIS ND1 CE1  doub Y N 151 
HIS ND1 HD1  sing N N 152 
HIS CD2 NE2  sing Y N 153 
HIS CD2 HD2  sing N N 154 
HIS CE1 NE2  sing Y N 155 
HIS CE1 HE1  sing N N 156 
HIS NE2 HE2  sing N N 157 
HIS OXT HXT  sing N N 158 
HOH O   H1   sing N N 159 
HOH O   H2   sing N N 160 
ILE N   CA   sing N N 161 
ILE N   H    sing N N 162 
ILE N   H2   sing N N 163 
ILE CA  C    sing N N 164 
ILE CA  CB   sing N N 165 
ILE CA  HA   sing N N 166 
ILE C   O    doub N N 167 
ILE C   OXT  sing N N 168 
ILE CB  CG1  sing N N 169 
ILE CB  CG2  sing N N 170 
ILE CB  HB   sing N N 171 
ILE CG1 CD1  sing N N 172 
ILE CG1 HG12 sing N N 173 
ILE CG1 HG13 sing N N 174 
ILE CG2 HG21 sing N N 175 
ILE CG2 HG22 sing N N 176 
ILE CG2 HG23 sing N N 177 
ILE CD1 HD11 sing N N 178 
ILE CD1 HD12 sing N N 179 
ILE CD1 HD13 sing N N 180 
ILE OXT HXT  sing N N 181 
LEU N   CA   sing N N 182 
LEU N   H    sing N N 183 
LEU N   H2   sing N N 184 
LEU CA  C    sing N N 185 
LEU CA  CB   sing N N 186 
LEU CA  HA   sing N N 187 
LEU C   O    doub N N 188 
LEU C   OXT  sing N N 189 
LEU CB  CG   sing N N 190 
LEU CB  HB2  sing N N 191 
LEU CB  HB3  sing N N 192 
LEU CG  CD1  sing N N 193 
LEU CG  CD2  sing N N 194 
LEU CG  HG   sing N N 195 
LEU CD1 HD11 sing N N 196 
LEU CD1 HD12 sing N N 197 
LEU CD1 HD13 sing N N 198 
LEU CD2 HD21 sing N N 199 
LEU CD2 HD22 sing N N 200 
LEU CD2 HD23 sing N N 201 
LEU OXT HXT  sing N N 202 
LYS N   CA   sing N N 203 
LYS N   H    sing N N 204 
LYS N   H2   sing N N 205 
LYS CA  C    sing N N 206 
LYS CA  CB   sing N N 207 
LYS CA  HA   sing N N 208 
LYS C   O    doub N N 209 
LYS C   OXT  sing N N 210 
LYS CB  CG   sing N N 211 
LYS CB  HB2  sing N N 212 
LYS CB  HB3  sing N N 213 
LYS CG  CD   sing N N 214 
LYS CG  HG2  sing N N 215 
LYS CG  HG3  sing N N 216 
LYS CD  CE   sing N N 217 
LYS CD  HD2  sing N N 218 
LYS CD  HD3  sing N N 219 
LYS CE  NZ   sing N N 220 
LYS CE  HE2  sing N N 221 
LYS CE  HE3  sing N N 222 
LYS NZ  HZ1  sing N N 223 
LYS NZ  HZ2  sing N N 224 
LYS NZ  HZ3  sing N N 225 
LYS OXT HXT  sing N N 226 
MET N   CA   sing N N 227 
MET N   H    sing N N 228 
MET N   H2   sing N N 229 
MET CA  C    sing N N 230 
MET CA  CB   sing N N 231 
MET CA  HA   sing N N 232 
MET C   O    doub N N 233 
MET C   OXT  sing N N 234 
MET CB  CG   sing N N 235 
MET CB  HB2  sing N N 236 
MET CB  HB3  sing N N 237 
MET CG  SD   sing N N 238 
MET CG  HG2  sing N N 239 
MET CG  HG3  sing N N 240 
MET SD  CE   sing N N 241 
MET CE  HE1  sing N N 242 
MET CE  HE2  sing N N 243 
MET CE  HE3  sing N N 244 
MET OXT HXT  sing N N 245 
PHE N   CA   sing N N 246 
PHE N   H    sing N N 247 
PHE N   H2   sing N N 248 
PHE CA  C    sing N N 249 
PHE CA  CB   sing N N 250 
PHE CA  HA   sing N N 251 
PHE C   O    doub N N 252 
PHE C   OXT  sing N N 253 
PHE CB  CG   sing N N 254 
PHE CB  HB2  sing N N 255 
PHE CB  HB3  sing N N 256 
PHE CG  CD1  doub Y N 257 
PHE CG  CD2  sing Y N 258 
PHE CD1 CE1  sing Y N 259 
PHE CD1 HD1  sing N N 260 
PHE CD2 CE2  doub Y N 261 
PHE CD2 HD2  sing N N 262 
PHE CE1 CZ   doub Y N 263 
PHE CE1 HE1  sing N N 264 
PHE CE2 CZ   sing Y N 265 
PHE CE2 HE2  sing N N 266 
PHE CZ  HZ   sing N N 267 
PHE OXT HXT  sing N N 268 
PRO N   CA   sing N N 269 
PRO N   CD   sing N N 270 
PRO N   H    sing N N 271 
PRO CA  C    sing N N 272 
PRO CA  CB   sing N N 273 
PRO CA  HA   sing N N 274 
PRO C   O    doub N N 275 
PRO C   OXT  sing N N 276 
PRO CB  CG   sing N N 277 
PRO CB  HB2  sing N N 278 
PRO CB  HB3  sing N N 279 
PRO CG  CD   sing N N 280 
PRO CG  HG2  sing N N 281 
PRO CG  HG3  sing N N 282 
PRO CD  HD2  sing N N 283 
PRO CD  HD3  sing N N 284 
PRO OXT HXT  sing N N 285 
SER N   CA   sing N N 286 
SER N   H    sing N N 287 
SER N   H2   sing N N 288 
SER CA  C    sing N N 289 
SER CA  CB   sing N N 290 
SER CA  HA   sing N N 291 
SER C   O    doub N N 292 
SER C   OXT  sing N N 293 
SER CB  OG   sing N N 294 
SER CB  HB2  sing N N 295 
SER CB  HB3  sing N N 296 
SER OG  HG   sing N N 297 
SER OXT HXT  sing N N 298 
THR N   CA   sing N N 299 
THR N   H    sing N N 300 
THR N   H2   sing N N 301 
THR CA  C    sing N N 302 
THR CA  CB   sing N N 303 
THR CA  HA   sing N N 304 
THR C   O    doub N N 305 
THR C   OXT  sing N N 306 
THR CB  OG1  sing N N 307 
THR CB  CG2  sing N N 308 
THR CB  HB   sing N N 309 
THR OG1 HG1  sing N N 310 
THR CG2 HG21 sing N N 311 
THR CG2 HG22 sing N N 312 
THR CG2 HG23 sing N N 313 
THR OXT HXT  sing N N 314 
TRP N   CA   sing N N 315 
TRP N   H    sing N N 316 
TRP N   H2   sing N N 317 
TRP CA  C    sing N N 318 
TRP CA  CB   sing N N 319 
TRP CA  HA   sing N N 320 
TRP C   O    doub N N 321 
TRP C   OXT  sing N N 322 
TRP CB  CG   sing N N 323 
TRP CB  HB2  sing N N 324 
TRP CB  HB3  sing N N 325 
TRP CG  CD1  doub Y N 326 
TRP CG  CD2  sing Y N 327 
TRP CD1 NE1  sing Y N 328 
TRP CD1 HD1  sing N N 329 
TRP CD2 CE2  doub Y N 330 
TRP CD2 CE3  sing Y N 331 
TRP NE1 CE2  sing Y N 332 
TRP NE1 HE1  sing N N 333 
TRP CE2 CZ2  sing Y N 334 
TRP CE3 CZ3  doub Y N 335 
TRP CE3 HE3  sing N N 336 
TRP CZ2 CH2  doub Y N 337 
TRP CZ2 HZ2  sing N N 338 
TRP CZ3 CH2  sing Y N 339 
TRP CZ3 HZ3  sing N N 340 
TRP CH2 HH2  sing N N 341 
TRP OXT HXT  sing N N 342 
TYR N   CA   sing N N 343 
TYR N   H    sing N N 344 
TYR N   H2   sing N N 345 
TYR CA  C    sing N N 346 
TYR CA  CB   sing N N 347 
TYR CA  HA   sing N N 348 
TYR C   O    doub N N 349 
TYR C   OXT  sing N N 350 
TYR CB  CG   sing N N 351 
TYR CB  HB2  sing N N 352 
TYR CB  HB3  sing N N 353 
TYR CG  CD1  doub Y N 354 
TYR CG  CD2  sing Y N 355 
TYR CD1 CE1  sing Y N 356 
TYR CD1 HD1  sing N N 357 
TYR CD2 CE2  doub Y N 358 
TYR CD2 HD2  sing N N 359 
TYR CE1 CZ   doub Y N 360 
TYR CE1 HE1  sing N N 361 
TYR CE2 CZ   sing Y N 362 
TYR CE2 HE2  sing N N 363 
TYR CZ  OH   sing N N 364 
TYR OH  HH   sing N N 365 
TYR OXT HXT  sing N N 366 
VAL N   CA   sing N N 367 
VAL N   H    sing N N 368 
VAL N   H2   sing N N 369 
VAL CA  C    sing N N 370 
VAL CA  CB   sing N N 371 
VAL CA  HA   sing N N 372 
VAL C   O    doub N N 373 
VAL C   OXT  sing N N 374 
VAL CB  CG1  sing N N 375 
VAL CB  CG2  sing N N 376 
VAL CB  HB   sing N N 377 
VAL CG1 HG11 sing N N 378 
VAL CG1 HG12 sing N N 379 
VAL CG1 HG13 sing N N 380 
VAL CG2 HG21 sing N N 381 
VAL CG2 HG22 sing N N 382 
VAL CG2 HG23 sing N N 383 
VAL OXT HXT  sing N N 384 
# 
loop_
_pdbx_entity_nonpoly.entity_id 
_pdbx_entity_nonpoly.name 
_pdbx_entity_nonpoly.comp_id 
2 'CHLORIDE ION'       CL  
3 ARGON                AR  
4 BETA-MERCAPTOETHANOL BME 
5 water                HOH 
# 
_pdbx_initial_refinement_model.id               1 
_pdbx_initial_refinement_model.entity_id_list   ? 
_pdbx_initial_refinement_model.type             'experimental model' 
_pdbx_initial_refinement_model.source_name      PDB 
_pdbx_initial_refinement_model.accession_code   251L 
_pdbx_initial_refinement_model.details          ? 
# 
